data_1G7Y
#
_entry.id   1G7Y
#
_cell.length_a   100.941
_cell.length_b   130.272
_cell.length_c   137.124
_cell.angle_alpha   90.00
_cell.angle_beta   90.00
_cell.angle_gamma   90.00
#
_symmetry.space_group_name_H-M   'P 21 21 21'
#
loop_
_entity.id
_entity.type
_entity.pdbx_description
1 polymer 'STEM/LEAF LECTIN DB58'
2 branched alpha-L-fucopyranose-(1-3)-[2-acetamido-2-deoxy-beta-D-glucopyranose-(1-4)]2-acetamido-2-deoxy-beta-D-glucopyranose
3 branched beta-L-fucopyranose-(1-3)-[2-acetamido-2-deoxy-beta-D-glucopyranose-(1-4)]2-acetamido-2-deoxy-beta-D-glucopyranose
4 non-polymer 'CALCIUM ION'
5 non-polymer 'MANGANESE (II) ION'
6 water water
#
_entity_poly.entity_id   1
_entity_poly.type   'polypeptide(L)'
_entity_poly.pdbx_seq_one_letter_code
;ADIQSFSFKNFNSSSFILQGDATVSSSKLRLTKVKGNGLPTLSSLGRAFYSSPIQIYDKSTGAVASWATSFTANIFAPNK
SSSADGIAFALVPVGSEPKSNSGFLGVFDSDVYDNSAQTVAVEFDTFSNTDWDPTSRHIGIDVNSIKSIRTASWGLANGQ
NAEILITYNAATSLLVASLVHPSRRTSYIVSERVDITNELPEYVSIGFSATTGLSEGYTETHDVLSWSFASKLPDDSTTE
PLDIASYLVRNVL
;
_entity_poly.pdbx_strand_id   A,B,C,D,E,F
#
# COMPACT_ATOMS: atom_id res chain seq x y z
N ALA A 1 -1.90 0.57 -12.44
CA ALA A 1 -2.68 0.15 -11.23
C ALA A 1 -4.15 -0.05 -11.54
N ASP A 2 -4.74 -1.13 -11.02
CA ASP A 2 -6.16 -1.40 -11.23
C ASP A 2 -6.97 -0.75 -10.12
N ILE A 3 -8.13 -0.22 -10.49
CA ILE A 3 -8.98 0.46 -9.53
C ILE A 3 -10.41 0.06 -9.72
N GLN A 4 -11.17 0.08 -8.65
CA GLN A 4 -12.60 -0.24 -8.70
C GLN A 4 -13.30 0.61 -7.67
N SER A 5 -14.50 1.07 -8.00
CA SER A 5 -15.25 1.86 -7.04
C SER A 5 -16.72 1.88 -7.40
N PHE A 6 -17.57 2.14 -6.40
CA PHE A 6 -18.99 2.28 -6.63
C PHE A 6 -19.57 3.07 -5.47
N SER A 7 -20.72 3.68 -5.69
CA SER A 7 -21.38 4.45 -4.65
C SER A 7 -22.89 4.35 -4.84
N PHE A 8 -23.58 3.86 -3.81
CA PHE A 8 -25.02 3.73 -3.87
C PHE A 8 -25.67 4.57 -2.81
N LYS A 9 -26.42 5.58 -3.25
CA LYS A 9 -27.15 6.48 -2.35
C LYS A 9 -28.43 5.77 -1.89
N ASN A 10 -28.79 4.71 -2.61
CA ASN A 10 -29.98 3.92 -2.29
C ASN A 10 -29.84 2.61 -3.08
N PHE A 11 -30.48 1.57 -2.59
CA PHE A 11 -30.42 0.27 -3.25
C PHE A 11 -31.63 0.06 -4.15
N ASN A 12 -31.45 -0.74 -5.19
CA ASN A 12 -32.50 -1.05 -6.14
C ASN A 12 -31.90 -1.92 -7.25
N SER A 13 -30.72 -1.51 -7.72
CA SER A 13 -30.03 -2.22 -8.79
C SER A 13 -29.85 -3.70 -8.50
N SER A 14 -29.62 -4.47 -9.57
CA SER A 14 -29.42 -5.91 -9.45
C SER A 14 -27.92 -6.19 -9.42
N SER A 15 -27.18 -5.30 -8.77
CA SER A 15 -25.74 -5.46 -8.64
C SER A 15 -25.47 -5.98 -7.24
N PHE A 16 -26.51 -6.56 -6.66
CA PHE A 16 -26.43 -7.10 -5.32
C PHE A 16 -26.85 -8.56 -5.26
N ILE A 17 -26.13 -9.36 -4.50
CA ILE A 17 -26.46 -10.75 -4.31
C ILE A 17 -27.09 -10.81 -2.93
N LEU A 18 -28.29 -11.35 -2.84
CA LEU A 18 -28.99 -11.45 -1.56
C LEU A 18 -29.09 -12.90 -1.11
N GLN A 19 -28.79 -13.16 0.16
CA GLN A 19 -28.89 -14.50 0.72
C GLN A 19 -29.71 -14.44 2.00
N GLY A 20 -30.30 -15.57 2.38
CA GLY A 20 -31.10 -15.63 3.59
C GLY A 20 -32.29 -14.70 3.53
N ASP A 21 -32.53 -13.98 4.62
CA ASP A 21 -33.66 -13.05 4.71
C ASP A 21 -33.38 -11.66 4.13
N ALA A 22 -32.17 -11.45 3.61
CA ALA A 22 -31.81 -10.16 3.06
C ALA A 22 -32.83 -9.71 2.02
N THR A 23 -33.24 -8.46 2.11
CA THR A 23 -34.21 -7.94 1.19
C THR A 23 -34.03 -6.43 0.94
N VAL A 24 -34.57 -5.95 -0.17
CA VAL A 24 -34.50 -4.54 -0.51
C VAL A 24 -35.92 -3.99 -0.56
N SER A 25 -36.17 -2.91 0.17
CA SER A 25 -37.49 -2.29 0.19
C SER A 25 -37.36 -0.86 0.66
N SER A 26 -38.20 0.03 0.13
CA SER A 26 -38.14 1.45 0.49
C SER A 26 -36.73 1.92 0.13
N SER A 27 -36.17 1.29 -0.89
CA SER A 27 -34.84 1.59 -1.39
C SER A 27 -33.73 1.50 -0.34
N LYS A 28 -33.89 0.63 0.65
CA LYS A 28 -32.86 0.43 1.65
C LYS A 28 -32.61 -1.08 1.76
N LEU A 29 -31.44 -1.46 2.22
CA LEU A 29 -31.09 -2.87 2.35
C LEU A 29 -31.43 -3.35 3.75
N ARG A 30 -32.39 -4.27 3.86
CA ARG A 30 -32.78 -4.80 5.17
C ARG A 30 -32.22 -6.21 5.28
N LEU A 31 -31.18 -6.38 6.07
CA LEU A 31 -30.53 -7.67 6.22
C LEU A 31 -31.31 -8.74 6.97
N THR A 32 -31.99 -8.36 8.04
CA THR A 32 -32.78 -9.33 8.80
C THR A 32 -34.29 -9.03 8.64
N LYS A 33 -35.09 -10.09 8.66
CA LYS A 33 -36.54 -10.02 8.45
C LYS A 33 -37.36 -9.15 9.43
N VAL A 34 -38.35 -8.46 8.88
CA VAL A 34 -39.23 -7.60 9.67
C VAL A 34 -40.70 -8.00 9.43
N LYS A 35 -41.51 -7.97 10.50
CA LYS A 35 -42.92 -8.31 10.42
C LYS A 35 -43.73 -7.13 9.85
N GLY A 36 -44.91 -7.42 9.28
CA GLY A 36 -45.73 -6.37 8.70
C GLY A 36 -45.79 -5.10 9.53
N ASN A 37 -45.93 -5.28 10.84
CA ASN A 37 -45.99 -4.15 11.77
C ASN A 37 -44.66 -3.43 11.92
N GLY A 38 -43.63 -3.92 11.22
CA GLY A 38 -42.32 -3.29 11.29
C GLY A 38 -41.44 -3.73 12.44
N LEU A 39 -41.76 -4.86 13.06
CA LEU A 39 -40.95 -5.34 14.16
C LEU A 39 -40.03 -6.48 13.74
N PRO A 40 -38.82 -6.54 14.31
CA PRO A 40 -37.80 -7.56 14.04
C PRO A 40 -38.25 -8.98 14.35
N THR A 41 -37.63 -9.93 13.67
CA THR A 41 -37.93 -11.35 13.81
C THR A 41 -36.83 -12.10 14.54
N LEU A 42 -37.10 -13.31 15.01
CA LEU A 42 -36.08 -14.10 15.70
C LEU A 42 -35.46 -15.07 14.71
N SER A 43 -34.25 -15.52 15.02
CA SER A 43 -33.55 -16.48 14.15
C SER A 43 -33.40 -16.01 12.71
N SER A 44 -33.22 -14.72 12.51
CA SER A 44 -33.07 -14.20 11.16
C SER A 44 -31.58 -14.17 10.78
N LEU A 45 -31.31 -14.35 9.49
CA LEU A 45 -29.96 -14.33 8.98
C LEU A 45 -30.05 -13.84 7.56
N GLY A 46 -29.32 -12.77 7.25
CA GLY A 46 -29.33 -12.21 5.92
C GLY A 46 -27.95 -11.71 5.52
N ARG A 47 -27.61 -11.86 4.25
CA ARG A 47 -26.34 -11.41 3.75
C ARG A 47 -26.58 -10.76 2.39
N ALA A 48 -25.74 -9.80 2.03
CA ALA A 48 -25.84 -9.11 0.76
C ALA A 48 -24.42 -8.75 0.31
N PHE A 49 -24.10 -9.08 -0.95
CA PHE A 49 -22.77 -8.81 -1.48
C PHE A 49 -22.82 -8.09 -2.82
N TYR A 50 -21.76 -7.33 -3.12
CA TYR A 50 -21.69 -6.65 -4.40
C TYR A 50 -21.54 -7.80 -5.38
N SER A 51 -22.26 -7.74 -6.49
CA SER A 51 -22.25 -8.85 -7.46
C SER A 51 -20.93 -9.11 -8.16
N SER A 52 -20.04 -8.13 -8.12
CA SER A 52 -18.75 -8.25 -8.77
C SER A 52 -17.63 -8.47 -7.75
N PRO A 53 -16.79 -9.49 -7.97
CA PRO A 53 -15.67 -9.84 -7.10
C PRO A 53 -14.60 -8.75 -7.10
N ILE A 54 -13.96 -8.55 -5.96
CA ILE A 54 -12.93 -7.55 -5.85
C ILE A 54 -11.59 -8.26 -5.67
N GLN A 55 -10.57 -7.79 -6.38
CA GLN A 55 -9.24 -8.39 -6.26
C GLN A 55 -8.51 -7.65 -5.13
N ILE A 56 -8.25 -8.37 -4.04
CA ILE A 56 -7.59 -7.81 -2.86
C ILE A 56 -6.07 -7.72 -2.98
N TYR A 57 -5.48 -8.64 -3.72
CA TYR A 57 -4.05 -8.66 -3.95
C TYR A 57 -3.74 -9.49 -5.19
N ASP A 58 -2.50 -9.42 -5.65
CA ASP A 58 -2.09 -10.18 -6.82
C ASP A 58 -0.97 -11.12 -6.42
N LYS A 59 -1.26 -12.41 -6.42
CA LYS A 59 -0.27 -13.42 -6.02
C LYS A 59 1.03 -13.38 -6.82
N SER A 60 0.91 -13.18 -8.13
CA SER A 60 2.09 -13.16 -9.00
C SER A 60 2.96 -11.91 -8.94
N THR A 61 2.40 -10.76 -8.54
CA THR A 61 3.20 -9.54 -8.48
C THR A 61 3.47 -9.08 -7.06
N GLY A 62 2.88 -9.77 -6.09
CA GLY A 62 3.08 -9.41 -4.69
C GLY A 62 2.37 -8.13 -4.27
N ALA A 63 1.62 -7.53 -5.20
CA ALA A 63 0.89 -6.30 -4.92
C ALA A 63 -0.30 -6.52 -4.00
N VAL A 64 -0.51 -5.60 -3.08
CA VAL A 64 -1.62 -5.67 -2.14
C VAL A 64 -2.41 -4.38 -2.25
N ALA A 65 -3.71 -4.52 -2.44
CA ALA A 65 -4.59 -3.37 -2.61
C ALA A 65 -4.90 -2.62 -1.33
N SER A 66 -5.21 -1.33 -1.48
CA SER A 66 -5.62 -0.48 -0.38
C SER A 66 -7.06 -0.18 -0.74
N TRP A 67 -7.94 -0.17 0.24
CA TRP A 67 -9.33 0.10 -0.04
C TRP A 67 -10.00 0.80 1.12
N ALA A 68 -11.22 1.26 0.87
CA ALA A 68 -12.00 1.95 1.87
C ALA A 68 -13.47 1.75 1.54
N THR A 69 -14.28 1.68 2.57
CA THR A 69 -15.70 1.53 2.34
C THR A 69 -16.43 2.35 3.39
N SER A 70 -17.58 2.88 3.02
CA SER A 70 -18.36 3.64 3.96
C SER A 70 -19.81 3.31 3.71
N PHE A 71 -20.58 3.26 4.79
CA PHE A 71 -21.99 2.98 4.67
C PHE A 71 -22.69 3.54 5.89
N THR A 72 -23.98 3.75 5.75
CA THR A 72 -24.80 4.25 6.85
C THR A 72 -25.73 3.11 7.22
N ALA A 73 -25.72 2.73 8.49
CA ALA A 73 -26.56 1.66 8.97
C ALA A 73 -27.48 2.17 10.04
N ASN A 74 -28.61 1.50 10.20
CA ASN A 74 -29.55 1.88 11.23
C ASN A 74 -30.00 0.58 11.91
N ILE A 75 -29.72 0.51 13.20
CA ILE A 75 -30.06 -0.65 14.02
C ILE A 75 -31.07 -0.25 15.07
N PHE A 76 -32.25 -0.85 14.99
CA PHE A 76 -33.31 -0.55 15.94
C PHE A 76 -33.77 -1.79 16.71
N ALA A 77 -33.52 -1.77 18.02
CA ALA A 77 -33.92 -2.86 18.90
C ALA A 77 -35.13 -2.40 19.70
N PRO A 78 -36.31 -3.02 19.48
CA PRO A 78 -37.53 -2.65 20.20
C PRO A 78 -37.24 -2.54 21.69
N ASN A 79 -36.45 -3.49 22.19
CA ASN A 79 -36.05 -3.50 23.59
C ASN A 79 -34.52 -3.35 23.60
N LYS A 80 -34.05 -2.12 23.82
CA LYS A 80 -32.62 -1.84 23.81
C LYS A 80 -31.74 -2.85 24.55
N SER A 81 -32.08 -3.14 25.80
CA SER A 81 -31.28 -4.08 26.57
C SER A 81 -31.35 -5.52 26.08
N SER A 82 -32.19 -5.75 25.08
CA SER A 82 -32.37 -7.09 24.53
C SER A 82 -31.80 -7.20 23.10
N SER A 83 -31.10 -6.15 22.67
CA SER A 83 -30.51 -6.09 21.33
C SER A 83 -29.61 -7.26 20.96
N ALA A 84 -29.82 -7.82 19.79
CA ALA A 84 -29.01 -8.93 19.30
C ALA A 84 -29.21 -9.14 17.80
N ASP A 85 -28.20 -9.60 17.07
CA ASP A 85 -26.85 -9.99 17.42
C ASP A 85 -25.85 -9.00 16.81
N GLY A 86 -26.22 -8.38 15.70
CA GLY A 86 -25.31 -7.42 15.09
C GLY A 86 -25.20 -7.52 13.58
N ILE A 87 -24.40 -6.62 13.01
CA ILE A 87 -24.18 -6.59 11.58
C ILE A 87 -22.68 -6.56 11.36
N ALA A 88 -22.23 -7.13 10.25
CA ALA A 88 -20.82 -7.14 9.96
C ALA A 88 -20.52 -6.84 8.50
N PHE A 89 -19.43 -6.12 8.27
CA PHE A 89 -19.00 -5.85 6.92
C PHE A 89 -18.02 -6.98 6.71
N ALA A 90 -18.14 -7.72 5.61
CA ALA A 90 -17.25 -8.85 5.42
C ALA A 90 -16.65 -9.05 4.04
N LEU A 91 -15.48 -9.69 4.04
CA LEU A 91 -14.77 -10.04 2.81
C LEU A 91 -14.76 -11.57 2.87
N VAL A 92 -15.47 -12.21 1.95
CA VAL A 92 -15.57 -13.66 1.95
C VAL A 92 -15.23 -14.27 0.59
N PRO A 93 -15.01 -15.60 0.55
CA PRO A 93 -14.68 -16.33 -0.68
C PRO A 93 -15.84 -16.11 -1.64
N VAL A 94 -15.53 -15.91 -2.92
CA VAL A 94 -16.57 -15.62 -3.90
C VAL A 94 -17.90 -16.37 -3.86
N GLY A 95 -17.88 -17.70 -3.92
CA GLY A 95 -19.17 -18.39 -3.89
C GLY A 95 -19.74 -18.67 -2.51
N SER A 96 -19.05 -18.20 -1.49
CA SER A 96 -19.43 -18.38 -0.09
C SER A 96 -20.94 -18.44 0.24
N GLU A 97 -21.30 -19.41 1.06
CA GLU A 97 -22.68 -19.61 1.51
C GLU A 97 -22.74 -19.18 2.99
N PRO A 98 -23.92 -18.81 3.50
CA PRO A 98 -24.03 -18.40 4.91
C PRO A 98 -23.44 -19.40 5.90
N LYS A 99 -22.95 -18.92 7.03
CA LYS A 99 -22.39 -19.77 8.06
C LYS A 99 -23.33 -19.82 9.25
N SER A 100 -22.80 -20.09 10.45
CA SER A 100 -23.63 -20.18 11.64
C SER A 100 -24.38 -18.89 11.92
N ASN A 101 -25.54 -19.01 12.54
CA ASN A 101 -26.37 -17.85 12.85
C ASN A 101 -26.14 -17.25 14.23
N SER A 102 -27.04 -16.37 14.61
CA SER A 102 -27.00 -15.70 15.90
C SER A 102 -25.64 -15.07 16.21
N GLY A 103 -25.02 -15.49 17.31
CA GLY A 103 -23.74 -14.94 17.72
C GLY A 103 -22.61 -15.00 16.70
N PHE A 104 -22.72 -15.86 15.70
CA PHE A 104 -21.66 -15.97 14.70
C PHE A 104 -21.88 -15.02 13.52
N LEU A 105 -22.95 -14.23 13.59
CA LEU A 105 -23.27 -13.24 12.57
C LEU A 105 -23.35 -13.74 11.12
N GLY A 106 -23.42 -15.04 10.93
CA GLY A 106 -23.52 -15.61 9.60
C GLY A 106 -22.24 -15.64 8.78
N VAL A 107 -21.10 -15.35 9.42
CA VAL A 107 -19.83 -15.34 8.71
C VAL A 107 -18.79 -16.30 9.25
N PHE A 108 -18.97 -16.75 10.49
CA PHE A 108 -18.04 -17.69 11.11
C PHE A 108 -18.74 -18.90 11.73
N ASP A 109 -17.95 -19.94 12.05
CA ASP A 109 -18.50 -21.15 12.66
C ASP A 109 -17.99 -21.40 14.07
N SER A 110 -16.83 -20.87 14.42
CA SER A 110 -16.28 -21.07 15.76
C SER A 110 -15.51 -19.87 16.26
N ASP A 111 -15.07 -19.96 17.51
CA ASP A 111 -14.30 -18.89 18.12
C ASP A 111 -12.83 -19.30 18.14
N VAL A 112 -12.53 -20.32 17.33
CA VAL A 112 -11.16 -20.85 17.20
C VAL A 112 -10.63 -20.48 15.83
N TYR A 113 -9.47 -19.84 15.78
CA TYR A 113 -8.87 -19.43 14.51
C TYR A 113 -8.87 -20.59 13.51
N ASP A 114 -9.50 -20.36 12.36
CA ASP A 114 -9.57 -21.36 11.31
C ASP A 114 -9.27 -20.69 9.96
N ASN A 115 -8.01 -20.77 9.54
CA ASN A 115 -7.56 -20.17 8.30
C ASN A 115 -8.38 -20.60 7.09
N SER A 116 -8.93 -21.80 7.15
CA SER A 116 -9.71 -22.32 6.03
C SER A 116 -10.98 -21.51 5.79
N ALA A 117 -11.40 -20.76 6.80
CA ALA A 117 -12.59 -19.94 6.66
C ALA A 117 -12.36 -18.83 5.62
N GLN A 118 -11.10 -18.41 5.47
CA GLN A 118 -10.75 -17.37 4.51
C GLN A 118 -11.71 -16.19 4.58
N THR A 119 -11.99 -15.73 5.79
CA THR A 119 -12.92 -14.63 5.99
C THR A 119 -12.44 -13.60 7.01
N VAL A 120 -12.61 -12.32 6.67
CA VAL A 120 -12.26 -11.22 7.56
C VAL A 120 -13.51 -10.36 7.67
N ALA A 121 -13.80 -9.84 8.86
CA ALA A 121 -14.97 -9.02 9.00
C ALA A 121 -14.81 -7.97 10.09
N VAL A 122 -15.54 -6.88 9.95
CA VAL A 122 -15.53 -5.84 10.95
C VAL A 122 -16.95 -5.94 11.48
N GLU A 123 -17.07 -6.23 12.77
CA GLU A 123 -18.37 -6.42 13.38
C GLU A 123 -18.84 -5.28 14.27
N PHE A 124 -20.15 -5.16 14.34
CA PHE A 124 -20.82 -4.18 15.17
C PHE A 124 -21.74 -5.08 15.97
N ASP A 125 -21.16 -5.59 17.05
CA ASP A 125 -21.75 -6.54 17.98
C ASP A 125 -22.63 -5.90 19.06
N THR A 126 -23.92 -6.18 18.99
CA THR A 126 -24.87 -5.62 19.95
C THR A 126 -25.20 -6.55 21.12
N PHE A 127 -24.76 -7.81 21.04
CA PHE A 127 -25.03 -8.77 22.10
C PHE A 127 -23.77 -9.46 22.57
N SER A 128 -23.55 -9.41 23.88
CA SER A 128 -22.35 -9.99 24.46
C SER A 128 -22.39 -11.50 24.72
N ASN A 129 -21.62 -12.26 23.96
CA ASN A 129 -21.51 -13.71 24.11
C ASN A 129 -20.40 -13.96 25.13
N THR A 130 -20.77 -14.30 26.37
CA THR A 130 -19.74 -14.51 27.41
C THR A 130 -18.57 -15.40 27.03
N ASP A 131 -18.78 -16.32 26.10
CA ASP A 131 -17.74 -17.24 25.66
C ASP A 131 -16.58 -16.63 24.86
N TRP A 132 -16.69 -15.37 24.48
CA TRP A 132 -15.63 -14.77 23.69
C TRP A 132 -15.75 -13.26 23.56
N ASP A 133 -16.91 -12.71 23.86
CA ASP A 133 -17.10 -11.27 23.74
C ASP A 133 -16.72 -10.44 24.96
N PRO A 134 -16.56 -9.13 24.74
CA PRO A 134 -16.22 -8.21 25.83
C PRO A 134 -17.56 -7.97 26.52
N THR A 135 -17.54 -7.29 27.64
CA THR A 135 -18.76 -7.01 28.39
C THR A 135 -19.84 -6.19 27.71
N SER A 136 -19.45 -5.14 26.99
CA SER A 136 -20.44 -4.29 26.34
C SER A 136 -20.50 -4.43 24.83
N ARG A 137 -21.43 -3.69 24.22
CA ARG A 137 -21.57 -3.70 22.78
C ARG A 137 -20.23 -3.18 22.27
N HIS A 138 -19.80 -3.67 21.12
CA HIS A 138 -18.49 -3.27 20.64
C HIS A 138 -18.30 -3.37 19.13
N ILE A 139 -17.23 -2.75 18.66
CA ILE A 139 -16.83 -2.81 17.26
C ILE A 139 -15.65 -3.76 17.34
N GLY A 140 -15.54 -4.68 16.40
CA GLY A 140 -14.42 -5.60 16.46
C GLY A 140 -13.88 -6.02 15.11
N ILE A 141 -12.62 -6.41 15.09
CA ILE A 141 -11.99 -6.87 13.86
C ILE A 141 -11.85 -8.37 13.99
N ASP A 142 -12.55 -9.09 13.11
CA ASP A 142 -12.55 -10.54 13.11
C ASP A 142 -11.73 -11.12 11.98
N VAL A 143 -10.74 -11.94 12.33
CA VAL A 143 -9.90 -12.58 11.34
C VAL A 143 -10.01 -14.09 11.46
N ASN A 144 -10.84 -14.68 10.59
CA ASN A 144 -11.08 -16.12 10.56
C ASN A 144 -11.50 -16.71 11.91
N SER A 145 -12.33 -15.96 12.63
CA SER A 145 -12.84 -16.37 13.93
C SER A 145 -13.80 -15.31 14.45
N ILE A 146 -14.74 -15.73 15.27
CA ILE A 146 -15.68 -14.78 15.81
C ILE A 146 -15.06 -14.09 17.01
N LYS A 147 -13.96 -14.63 17.52
CA LYS A 147 -13.28 -14.01 18.67
C LYS A 147 -12.37 -12.91 18.14
N SER A 148 -12.86 -11.66 18.10
CA SER A 148 -12.10 -10.51 17.60
C SER A 148 -10.66 -10.47 18.09
N ILE A 149 -9.76 -9.98 17.25
CA ILE A 149 -8.37 -9.86 17.65
C ILE A 149 -8.16 -8.49 18.31
N ARG A 150 -9.19 -7.66 18.25
CA ARG A 150 -9.17 -6.32 18.84
C ARG A 150 -10.58 -5.74 18.83
N THR A 151 -11.00 -5.13 19.93
CA THR A 151 -12.33 -4.55 19.99
C THR A 151 -12.28 -3.18 20.64
N ALA A 152 -13.38 -2.46 20.57
CA ALA A 152 -13.50 -1.13 21.17
C ALA A 152 -14.96 -0.95 21.56
N SER A 153 -15.19 -0.34 22.71
CA SER A 153 -16.53 -0.12 23.20
C SER A 153 -17.32 0.78 22.28
N TRP A 154 -18.60 0.44 22.11
CA TRP A 154 -19.47 1.20 21.26
C TRP A 154 -20.78 1.49 21.99
N GLY A 155 -21.16 2.77 21.99
CA GLY A 155 -22.40 3.18 22.62
C GLY A 155 -23.48 3.25 21.55
N LEU A 156 -24.32 2.23 21.48
CA LEU A 156 -25.39 2.15 20.51
C LEU A 156 -26.48 3.21 20.66
N ALA A 157 -26.65 4.05 19.66
CA ALA A 157 -27.69 5.05 19.67
C ALA A 157 -28.86 4.34 18.97
N ASN A 158 -29.67 3.64 19.76
CA ASN A 158 -30.79 2.87 19.24
C ASN A 158 -31.69 3.59 18.25
N GLY A 159 -31.87 2.98 17.08
CA GLY A 159 -32.71 3.57 16.05
C GLY A 159 -32.14 4.80 15.37
N GLN A 160 -30.90 5.14 15.67
CA GLN A 160 -30.23 6.29 15.08
C GLN A 160 -29.20 5.88 14.04
N ASN A 161 -29.08 6.65 12.98
CA ASN A 161 -28.12 6.33 11.93
C ASN A 161 -26.69 6.22 12.46
N ALA A 162 -25.95 5.26 11.93
CA ALA A 162 -24.56 5.04 12.28
C ALA A 162 -23.77 5.20 10.98
N GLU A 163 -22.85 6.15 10.94
CA GLU A 163 -22.03 6.36 9.74
C GLU A 163 -20.69 5.68 9.97
N ILE A 164 -20.47 4.62 9.21
CA ILE A 164 -19.26 3.82 9.33
C ILE A 164 -18.23 3.98 8.21
N LEU A 165 -16.96 3.99 8.60
CA LEU A 165 -15.85 4.12 7.67
C LEU A 165 -14.83 3.06 8.00
N ILE A 166 -14.50 2.24 7.01
CA ILE A 166 -13.51 1.18 7.18
C ILE A 166 -12.44 1.36 6.10
N THR A 167 -11.17 1.36 6.50
CA THR A 167 -10.08 1.50 5.54
C THR A 167 -8.99 0.49 5.79
N TYR A 168 -8.30 0.12 4.71
CA TYR A 168 -7.18 -0.78 4.80
C TYR A 168 -6.02 -0.15 4.05
N ASN A 169 -4.91 0.05 4.74
CA ASN A 169 -3.72 0.66 4.16
C ASN A 169 -2.67 -0.42 3.92
N ALA A 170 -2.52 -0.83 2.67
CA ALA A 170 -1.55 -1.87 2.35
C ALA A 170 -0.11 -1.55 2.80
N ALA A 171 0.25 -0.27 2.81
CA ALA A 171 1.60 0.14 3.21
C ALA A 171 1.89 -0.22 4.66
N THR A 172 0.91 -0.03 5.53
CA THR A 172 1.09 -0.33 6.95
C THR A 172 0.39 -1.61 7.39
N SER A 173 -0.38 -2.21 6.49
CA SER A 173 -1.14 -3.43 6.81
C SER A 173 -2.12 -3.14 7.94
N LEU A 174 -2.52 -1.88 8.09
CA LEU A 174 -3.43 -1.49 9.15
C LEU A 174 -4.88 -1.39 8.71
N LEU A 175 -5.77 -1.99 9.48
CA LEU A 175 -7.20 -1.93 9.18
C LEU A 175 -7.80 -1.06 10.26
N VAL A 176 -8.47 0.01 9.86
CA VAL A 176 -9.08 0.94 10.80
C VAL A 176 -10.58 1.03 10.53
N ALA A 177 -11.38 1.05 11.59
CA ALA A 177 -12.82 1.13 11.46
C ALA A 177 -13.34 2.13 12.46
N SER A 178 -14.16 3.06 12.00
CA SER A 178 -14.71 4.05 12.88
C SER A 178 -16.22 4.11 12.69
N LEU A 179 -16.91 4.52 13.74
CA LEU A 179 -18.36 4.62 13.69
C LEU A 179 -18.74 5.93 14.35
N VAL A 180 -19.65 6.64 13.69
CA VAL A 180 -20.12 7.91 14.20
C VAL A 180 -21.65 7.94 14.23
N HIS A 181 -22.20 8.42 15.34
CA HIS A 181 -23.65 8.57 15.49
C HIS A 181 -23.83 10.08 15.53
N PRO A 182 -24.07 10.70 14.38
CA PRO A 182 -24.24 12.15 14.33
C PRO A 182 -25.30 12.77 15.23
N SER A 183 -26.45 12.12 15.36
CA SER A 183 -27.52 12.64 16.19
C SER A 183 -27.12 12.71 17.67
N ARG A 184 -26.27 11.79 18.10
CA ARG A 184 -25.82 11.82 19.48
C ARG A 184 -24.40 12.40 19.51
N ARG A 185 -23.90 12.74 18.33
CA ARG A 185 -22.57 13.33 18.22
C ARG A 185 -21.47 12.48 18.86
N THR A 186 -21.62 11.16 18.86
CA THR A 186 -20.57 10.30 19.44
C THR A 186 -19.76 9.65 18.31
N SER A 187 -18.61 9.10 18.65
CA SER A 187 -17.76 8.48 17.66
C SER A 187 -16.84 7.44 18.32
N TYR A 188 -16.49 6.40 17.57
CA TYR A 188 -15.62 5.35 18.10
C TYR A 188 -14.68 4.87 17.01
N ILE A 189 -13.60 4.19 17.40
CA ILE A 189 -12.65 3.74 16.41
C ILE A 189 -11.82 2.56 16.92
N VAL A 190 -11.34 1.73 15.98
CA VAL A 190 -10.53 0.57 16.32
C VAL A 190 -9.51 0.39 15.21
N SER A 191 -8.36 -0.17 15.54
CA SER A 191 -7.32 -0.39 14.56
C SER A 191 -6.42 -1.54 14.97
N GLU A 192 -5.94 -2.29 13.99
CA GLU A 192 -5.05 -3.41 14.25
C GLU A 192 -4.53 -3.86 12.90
N ARG A 193 -3.29 -4.33 12.84
CA ARG A 193 -2.81 -4.74 11.53
C ARG A 193 -3.27 -6.16 11.22
N VAL A 194 -3.50 -6.41 9.94
CA VAL A 194 -3.99 -7.67 9.41
C VAL A 194 -3.17 -8.03 8.19
N ASP A 195 -2.58 -9.22 8.20
CA ASP A 195 -1.78 -9.69 7.07
C ASP A 195 -2.79 -10.27 6.08
N ILE A 196 -3.40 -9.38 5.31
CA ILE A 196 -4.43 -9.73 4.36
C ILE A 196 -4.13 -10.88 3.38
N THR A 197 -2.97 -10.87 2.75
CA THR A 197 -2.63 -11.92 1.79
C THR A 197 -2.61 -13.30 2.40
N ASN A 198 -2.55 -13.35 3.72
CA ASN A 198 -2.48 -14.62 4.42
C ASN A 198 -3.82 -15.11 5.00
N GLU A 199 -4.78 -14.20 5.14
CA GLU A 199 -6.08 -14.53 5.70
C GLU A 199 -7.21 -14.67 4.67
N LEU A 200 -7.00 -14.17 3.45
CA LEU A 200 -8.04 -14.21 2.44
C LEU A 200 -7.57 -14.65 1.07
N PRO A 201 -8.52 -15.02 0.20
CA PRO A 201 -8.16 -15.43 -1.15
C PRO A 201 -7.87 -14.18 -1.99
N GLU A 202 -7.32 -14.38 -3.17
CA GLU A 202 -6.97 -13.31 -4.09
C GLU A 202 -8.20 -12.48 -4.44
N TYR A 203 -9.32 -13.17 -4.68
CA TYR A 203 -10.57 -12.49 -5.01
C TYR A 203 -11.60 -12.76 -3.93
N VAL A 204 -12.34 -11.74 -3.56
CA VAL A 204 -13.37 -11.89 -2.52
C VAL A 204 -14.64 -11.16 -2.91
N SER A 205 -15.70 -11.46 -2.17
CA SER A 205 -16.97 -10.79 -2.36
C SER A 205 -17.06 -9.92 -1.10
N ILE A 206 -17.44 -8.67 -1.26
CA ILE A 206 -17.56 -7.78 -0.13
C ILE A 206 -19.03 -7.53 0.09
N GLY A 207 -19.41 -7.36 1.35
CA GLY A 207 -20.81 -7.12 1.65
C GLY A 207 -21.11 -7.13 3.12
N PHE A 208 -22.37 -7.39 3.44
CA PHE A 208 -22.84 -7.38 4.81
C PHE A 208 -23.50 -8.69 5.23
N SER A 209 -23.47 -8.94 6.54
CA SER A 209 -24.09 -10.12 7.12
C SER A 209 -24.66 -9.68 8.46
N ALA A 210 -25.87 -10.13 8.78
CA ALA A 210 -26.49 -9.77 10.05
C ALA A 210 -27.40 -10.88 10.54
N THR A 211 -27.58 -10.96 11.86
CA THR A 211 -28.41 -11.98 12.48
C THR A 211 -29.11 -11.45 13.72
N THR A 212 -30.12 -12.19 14.16
CA THR A 212 -30.83 -11.81 15.38
C THR A 212 -30.75 -13.01 16.33
N GLY A 213 -31.22 -12.82 17.56
CA GLY A 213 -31.19 -13.86 18.57
C GLY A 213 -32.12 -15.05 18.41
N LEU A 214 -31.84 -16.09 19.18
CA LEU A 214 -32.63 -17.32 19.16
C LEU A 214 -33.63 -17.33 20.31
N SER A 215 -33.20 -16.79 21.45
CA SER A 215 -34.00 -16.72 22.67
C SER A 215 -35.18 -15.76 22.52
N GLU A 216 -35.59 -15.16 23.64
CA GLU A 216 -36.73 -14.25 23.64
C GLU A 216 -36.56 -13.02 22.77
N GLY A 217 -37.05 -11.88 23.26
CA GLY A 217 -36.98 -10.63 22.51
C GLY A 217 -35.62 -10.17 22.02
N TYR A 218 -34.67 -11.10 21.88
CA TYR A 218 -33.35 -10.76 21.40
C TYR A 218 -33.30 -10.59 19.88
N THR A 219 -33.71 -9.41 19.45
CA THR A 219 -33.73 -9.09 18.03
C THR A 219 -33.65 -7.58 17.83
N GLU A 220 -33.44 -7.18 16.59
CA GLU A 220 -33.34 -5.77 16.21
C GLU A 220 -33.28 -5.74 14.70
N THR A 221 -33.48 -4.56 14.12
CA THR A 221 -33.39 -4.44 12.67
C THR A 221 -31.92 -4.20 12.31
N HIS A 222 -31.58 -4.46 11.05
CA HIS A 222 -30.22 -4.26 10.56
C HIS A 222 -30.33 -3.69 9.16
N ASP A 223 -30.54 -2.37 9.07
CA ASP A 223 -30.69 -1.74 7.77
C ASP A 223 -29.48 -0.91 7.31
N VAL A 224 -29.18 -1.00 6.02
CA VAL A 224 -28.09 -0.25 5.42
C VAL A 224 -28.76 0.75 4.47
N LEU A 225 -28.44 2.03 4.64
CA LEU A 225 -29.06 3.07 3.81
C LEU A 225 -28.24 3.53 2.62
N SER A 226 -26.93 3.42 2.69
CA SER A 226 -26.08 3.83 1.58
C SER A 226 -24.77 3.08 1.70
N TRP A 227 -24.05 2.97 0.58
CA TRP A 227 -22.80 2.22 0.58
C TRP A 227 -21.84 2.62 -0.54
N SER A 228 -20.59 2.88 -0.16
CA SER A 228 -19.55 3.25 -1.10
C SER A 228 -18.34 2.37 -0.90
N PHE A 229 -17.59 2.16 -1.97
CA PHE A 229 -16.40 1.35 -1.90
C PHE A 229 -15.40 1.75 -2.97
N ALA A 230 -14.12 1.75 -2.62
CA ALA A 230 -13.08 2.09 -3.57
C ALA A 230 -11.87 1.21 -3.27
N SER A 231 -11.24 0.73 -4.32
CA SER A 231 -10.10 -0.15 -4.19
C SER A 231 -9.01 0.27 -5.16
N LYS A 232 -7.75 0.07 -4.77
CA LYS A 232 -6.63 0.44 -5.62
C LYS A 232 -5.54 -0.64 -5.56
N LEU A 233 -5.31 -1.32 -6.67
CA LEU A 233 -4.31 -2.37 -6.71
C LEU A 233 -3.13 -1.93 -7.58
N PRO A 234 -1.96 -1.73 -6.97
CA PRO A 234 -0.72 -1.31 -7.65
C PRO A 234 -0.20 -2.31 -8.71
N ASP A 235 0.78 -1.87 -9.49
CA ASP A 235 1.39 -2.72 -10.54
C ASP A 235 2.52 -3.56 -9.96
N ASP A 236 3.06 -3.11 -8.83
CA ASP A 236 4.14 -3.83 -8.17
C ASP A 236 3.90 -3.94 -6.68
N SER A 237 4.81 -4.60 -5.99
CA SER A 237 4.71 -4.77 -4.55
C SER A 237 5.15 -3.48 -3.88
N GLU A 240 0.97 1.76 -1.18
CA GLU A 240 0.62 3.16 -1.16
C GLU A 240 -0.83 3.31 -0.68
N PRO A 241 -1.06 4.11 0.37
CA PRO A 241 -2.44 4.25 0.84
C PRO A 241 -3.34 4.89 -0.23
N LEU A 242 -4.55 5.26 0.17
CA LEU A 242 -5.51 5.88 -0.73
C LEU A 242 -5.92 7.28 -0.25
N ASP A 243 -6.28 8.15 -1.19
CA ASP A 243 -6.69 9.51 -0.84
C ASP A 243 -8.11 9.49 -0.27
N ILE A 244 -8.20 9.30 1.05
CA ILE A 244 -9.49 9.25 1.72
C ILE A 244 -10.30 10.54 1.62
N ALA A 245 -9.62 11.67 1.45
CA ALA A 245 -10.29 12.95 1.35
C ALA A 245 -11.10 13.04 0.06
N SER A 246 -10.43 12.89 -1.07
CA SER A 246 -11.10 12.95 -2.36
C SER A 246 -12.24 11.94 -2.36
N TYR A 247 -11.92 10.75 -1.84
CA TYR A 247 -12.87 9.65 -1.73
C TYR A 247 -14.11 10.13 -1.00
N LEU A 248 -13.95 10.44 0.29
CA LEU A 248 -15.05 10.90 1.14
C LEU A 248 -15.92 12.02 0.58
N VAL A 249 -15.35 12.90 -0.23
CA VAL A 249 -16.14 14.01 -0.79
C VAL A 249 -16.99 13.62 -2.00
N ARG A 250 -16.34 13.17 -3.07
CA ARG A 250 -17.06 12.80 -4.27
C ARG A 250 -17.88 11.51 -4.14
N ASN A 251 -17.84 10.88 -2.96
CA ASN A 251 -18.57 9.63 -2.75
C ASN A 251 -19.50 9.49 -1.53
N VAL A 252 -19.10 10.00 -0.36
CA VAL A 252 -19.98 9.88 0.81
C VAL A 252 -20.53 11.22 1.30
N LEU A 253 -19.67 12.12 1.78
CA LEU A 253 -20.12 13.43 2.25
C LEU A 253 -20.87 14.19 1.16
N ALA B 1 -27.47 9.41 -7.27
CA ALA B 1 -26.73 8.89 -8.46
C ALA B 1 -25.85 7.68 -8.15
N ASP B 2 -26.07 6.59 -8.86
CA ASP B 2 -25.27 5.40 -8.67
C ASP B 2 -24.05 5.55 -9.60
N ILE B 3 -22.86 5.39 -9.04
CA ILE B 3 -21.65 5.50 -9.83
C ILE B 3 -20.83 4.22 -9.73
N GLN B 4 -20.15 3.87 -10.81
CA GLN B 4 -19.30 2.68 -10.86
C GLN B 4 -18.18 2.91 -11.87
N SER B 5 -17.01 2.33 -11.60
CA SER B 5 -15.92 2.48 -12.53
C SER B 5 -14.82 1.44 -12.27
N PHE B 6 -14.21 0.96 -13.35
CA PHE B 6 -13.11 0.03 -13.22
C PHE B 6 -11.99 0.53 -14.13
N SER B 7 -10.77 0.08 -13.85
CA SER B 7 -9.63 0.48 -14.63
C SER B 7 -8.61 -0.66 -14.63
N PHE B 8 -8.28 -1.17 -15.81
CA PHE B 8 -7.31 -2.24 -15.93
C PHE B 8 -6.11 -1.77 -16.73
N LYS B 9 -4.99 -1.63 -16.02
CA LYS B 9 -3.72 -1.22 -16.61
C LYS B 9 -3.19 -2.39 -17.43
N ASN B 10 -3.65 -3.60 -17.10
CA ASN B 10 -3.25 -4.81 -17.81
C ASN B 10 -4.35 -5.81 -17.56
N PHE B 11 -4.36 -6.91 -18.30
CA PHE B 11 -5.42 -7.90 -18.12
C PHE B 11 -5.05 -9.15 -17.33
N ASN B 12 -5.68 -10.27 -17.68
CA ASN B 12 -5.43 -11.53 -16.99
C ASN B 12 -6.16 -11.47 -15.65
N SER B 13 -7.45 -11.20 -15.72
CA SER B 13 -8.27 -11.12 -14.53
C SER B 13 -9.54 -11.93 -14.79
N SER B 14 -10.04 -12.55 -13.73
CA SER B 14 -11.25 -13.36 -13.81
C SER B 14 -12.43 -12.45 -14.06
N SER B 15 -12.13 -11.19 -14.40
CA SER B 15 -13.15 -10.18 -14.64
C SER B 15 -13.67 -10.13 -16.07
N PHE B 16 -13.37 -11.15 -16.87
CA PHE B 16 -13.81 -11.14 -18.27
C PHE B 16 -14.50 -12.40 -18.80
N ILE B 17 -15.49 -12.18 -19.65
CA ILE B 17 -16.20 -13.28 -20.28
C ILE B 17 -15.59 -13.36 -21.68
N LEU B 18 -14.83 -14.44 -21.92
CA LEU B 18 -14.15 -14.66 -23.19
C LEU B 18 -14.89 -15.58 -24.12
N GLN B 19 -15.10 -15.13 -25.35
CA GLN B 19 -15.81 -15.94 -26.32
C GLN B 19 -14.97 -16.10 -27.57
N GLY B 20 -15.23 -17.15 -28.33
CA GLY B 20 -14.50 -17.38 -29.57
C GLY B 20 -13.01 -17.56 -29.34
N ASP B 21 -12.20 -16.91 -30.16
CA ASP B 21 -10.74 -17.01 -30.05
C ASP B 21 -10.12 -16.04 -29.04
N ALA B 22 -10.95 -15.23 -28.39
CA ALA B 22 -10.43 -14.26 -27.42
C ALA B 22 -9.55 -14.94 -26.38
N THR B 23 -8.40 -14.34 -26.12
CA THR B 23 -7.48 -14.90 -25.16
C THR B 23 -6.66 -13.83 -24.45
N VAL B 24 -6.12 -14.18 -23.29
CA VAL B 24 -5.29 -13.26 -22.52
C VAL B 24 -3.88 -13.85 -22.43
N SER B 25 -2.88 -13.07 -22.81
CA SER B 25 -1.50 -13.54 -22.76
C SER B 25 -0.58 -12.33 -22.73
N SER B 26 0.55 -12.44 -22.04
CA SER B 26 1.49 -11.33 -21.93
C SER B 26 0.71 -10.16 -21.32
N SER B 27 -0.27 -10.52 -20.50
CA SER B 27 -1.13 -9.57 -19.81
C SER B 27 -1.85 -8.56 -20.73
N LYS B 28 -2.16 -9.00 -21.95
CA LYS B 28 -2.89 -8.15 -22.88
C LYS B 28 -4.05 -8.99 -23.43
N LEU B 29 -5.10 -8.31 -23.87
CA LEU B 29 -6.27 -9.01 -24.40
C LEU B 29 -6.12 -9.16 -25.92
N ARG B 30 -6.01 -10.40 -26.39
CA ARG B 30 -5.88 -10.65 -27.82
C ARG B 30 -7.21 -11.22 -28.32
N LEU B 31 -7.97 -10.39 -29.03
CA LEU B 31 -9.28 -10.79 -29.51
C LEU B 31 -9.28 -11.85 -30.62
N THR B 32 -8.33 -11.76 -31.54
CA THR B 32 -8.27 -12.75 -32.61
C THR B 32 -7.00 -13.55 -32.46
N LYS B 33 -6.97 -14.73 -33.05
CA LYS B 33 -5.81 -15.63 -32.93
C LYS B 33 -4.52 -15.21 -33.63
N VAL B 34 -3.39 -15.54 -33.01
CA VAL B 34 -2.06 -15.22 -33.51
C VAL B 34 -1.24 -16.49 -33.39
N LYS B 35 -0.74 -17.00 -34.52
CA LYS B 35 0.03 -18.25 -34.54
C LYS B 35 1.29 -18.20 -33.67
N GLY B 36 1.96 -19.35 -33.59
CA GLY B 36 3.17 -19.39 -32.79
C GLY B 36 4.17 -18.31 -33.19
N ASN B 37 4.35 -18.14 -34.50
CA ASN B 37 5.27 -17.15 -35.04
C ASN B 37 4.80 -15.71 -34.84
N GLY B 38 3.62 -15.56 -34.24
CA GLY B 38 3.08 -14.23 -33.99
C GLY B 38 2.31 -13.60 -35.14
N LEU B 39 1.89 -14.41 -36.11
CA LEU B 39 1.13 -13.88 -37.23
C LEU B 39 -0.36 -14.18 -37.09
N PRO B 40 -1.21 -13.24 -37.55
CA PRO B 40 -2.68 -13.33 -37.52
C PRO B 40 -3.22 -14.53 -38.30
N THR B 41 -4.41 -14.96 -37.90
CA THR B 41 -5.10 -16.10 -38.51
C THR B 41 -6.30 -15.64 -39.33
N LEU B 42 -6.83 -16.52 -40.19
CA LEU B 42 -8.00 -16.17 -40.99
C LEU B 42 -9.25 -16.69 -40.30
N SER B 43 -10.40 -16.10 -40.61
CA SER B 43 -11.66 -16.54 -40.04
C SER B 43 -11.69 -16.54 -38.52
N SER B 44 -11.00 -15.60 -37.90
CA SER B 44 -10.98 -15.54 -36.45
C SER B 44 -12.10 -14.63 -35.96
N LEU B 45 -12.62 -14.95 -34.78
CA LEU B 45 -13.67 -14.16 -34.16
C LEU B 45 -13.49 -14.30 -32.66
N GLY B 46 -13.39 -13.17 -31.99
CA GLY B 46 -13.21 -13.18 -30.55
C GLY B 46 -13.94 -12.04 -29.91
N ARG B 47 -14.46 -12.28 -28.71
CA ARG B 47 -15.18 -11.25 -27.98
C ARG B 47 -14.79 -11.37 -26.51
N ALA B 48 -14.85 -10.25 -25.80
CA ALA B 48 -14.49 -10.21 -24.39
C ALA B 48 -15.36 -9.14 -23.72
N PHE B 49 -16.00 -9.50 -22.62
CA PHE B 49 -16.88 -8.60 -21.90
C PHE B 49 -16.58 -8.53 -20.42
N TYR B 50 -16.90 -7.39 -19.81
CA TYR B 50 -16.70 -7.24 -18.38
C TYR B 50 -17.72 -8.24 -17.81
N SER B 51 -17.32 -9.03 -16.81
CA SER B 51 -18.18 -10.06 -16.20
C SER B 51 -19.49 -9.61 -15.54
N SER B 52 -19.61 -8.33 -15.21
CA SER B 52 -20.81 -7.81 -14.59
C SER B 52 -21.55 -6.84 -15.50
N PRO B 53 -22.86 -6.99 -15.57
CA PRO B 53 -23.73 -6.15 -16.39
C PRO B 53 -23.72 -4.72 -15.90
N ILE B 54 -23.90 -3.79 -16.83
CA ILE B 54 -23.95 -2.38 -16.51
C ILE B 54 -25.38 -1.92 -16.79
N GLN B 55 -25.94 -1.13 -15.88
CA GLN B 55 -27.29 -0.62 -16.07
C GLN B 55 -27.17 0.70 -16.82
N ILE B 56 -27.67 0.70 -18.06
CA ILE B 56 -27.62 1.87 -18.95
C ILE B 56 -28.69 2.92 -18.67
N TYR B 57 -29.84 2.47 -18.20
CA TYR B 57 -30.95 3.36 -17.86
C TYR B 57 -31.91 2.62 -16.93
N ASP B 58 -32.84 3.37 -16.36
CA ASP B 58 -33.82 2.79 -15.45
C ASP B 58 -35.21 3.02 -16.02
N LYS B 59 -35.84 1.94 -16.46
CA LYS B 59 -37.17 2.03 -17.07
C LYS B 59 -38.22 2.71 -16.18
N SER B 60 -38.20 2.38 -14.88
CA SER B 60 -39.18 2.93 -13.95
C SER B 60 -38.98 4.39 -13.54
N THR B 61 -37.76 4.91 -13.60
CA THR B 61 -37.53 6.29 -13.21
C THR B 61 -37.22 7.21 -14.39
N GLY B 62 -37.10 6.62 -15.59
CA GLY B 62 -36.79 7.40 -16.77
C GLY B 62 -35.36 7.92 -16.82
N ALA B 63 -34.57 7.57 -15.83
CA ALA B 63 -33.17 8.00 -15.75
C ALA B 63 -32.31 7.31 -16.81
N VAL B 64 -31.41 8.08 -17.42
CA VAL B 64 -30.50 7.55 -18.42
C VAL B 64 -29.08 7.87 -17.97
N ALA B 65 -28.23 6.84 -17.94
CA ALA B 65 -26.85 7.00 -17.51
C ALA B 65 -25.94 7.66 -18.52
N SER B 66 -24.89 8.29 -18.01
CA SER B 66 -23.86 8.91 -18.82
C SER B 66 -22.65 8.05 -18.50
N TRP B 67 -21.86 7.73 -19.52
CA TRP B 67 -20.69 6.92 -19.29
C TRP B 67 -19.56 7.29 -20.24
N ALA B 68 -18.41 6.72 -19.96
CA ALA B 68 -17.21 6.95 -20.75
C ALA B 68 -16.32 5.74 -20.64
N THR B 69 -15.61 5.43 -21.70
CA THR B 69 -14.71 4.32 -21.66
C THR B 69 -13.48 4.70 -22.46
N SER B 70 -12.33 4.18 -22.05
CA SER B 70 -11.10 4.45 -22.76
C SER B 70 -10.29 3.17 -22.77
N PHE B 71 -9.60 2.94 -23.86
CA PHE B 71 -8.76 1.76 -23.96
C PHE B 71 -7.70 2.02 -25.01
N THR B 72 -6.63 1.26 -24.93
CA THR B 72 -5.54 1.38 -25.88
C THR B 72 -5.55 0.07 -26.67
N ALA B 73 -5.61 0.18 -27.98
CA ALA B 73 -5.63 -0.97 -28.86
C ALA B 73 -4.45 -0.93 -29.79
N ASN B 74 -4.04 -2.09 -30.25
CA ASN B 74 -2.95 -2.17 -31.19
C ASN B 74 -3.38 -3.15 -32.27
N ILE B 75 -3.43 -2.66 -33.49
CA ILE B 75 -3.81 -3.44 -34.65
C ILE B 75 -2.64 -3.54 -35.61
N PHE B 76 -2.19 -4.75 -35.85
CA PHE B 76 -1.07 -4.99 -36.74
C PHE B 76 -1.42 -5.92 -37.89
N ALA B 77 -1.40 -5.37 -39.10
CA ALA B 77 -1.70 -6.12 -40.30
C ALA B 77 -0.39 -6.39 -41.02
N PRO B 78 0.04 -7.66 -41.11
CA PRO B 78 1.29 -8.01 -41.79
C PRO B 78 1.37 -7.31 -43.14
N ASN B 79 0.24 -7.29 -43.85
CA ASN B 79 0.14 -6.62 -45.14
C ASN B 79 -0.88 -5.50 -44.96
N LYS B 80 -0.40 -4.28 -44.74
CA LYS B 80 -1.26 -3.13 -44.52
C LYS B 80 -2.46 -3.03 -45.45
N SER B 81 -2.21 -3.10 -46.75
CA SER B 81 -3.31 -2.97 -47.71
C SER B 81 -4.27 -4.13 -47.71
N SER B 82 -3.96 -5.15 -46.90
CA SER B 82 -4.80 -6.34 -46.81
C SER B 82 -5.50 -6.44 -45.44
N SER B 83 -5.39 -5.38 -44.65
CA SER B 83 -5.98 -5.34 -43.32
C SER B 83 -7.48 -5.65 -43.26
N ALA B 84 -7.87 -6.51 -42.33
CA ALA B 84 -9.27 -6.86 -42.15
C ALA B 84 -9.48 -7.55 -40.81
N ASP B 85 -10.64 -7.42 -40.17
CA ASP B 85 -11.85 -6.67 -40.49
C ASP B 85 -12.02 -5.50 -39.53
N GLY B 86 -11.50 -5.64 -38.32
CA GLY B 86 -11.62 -4.56 -37.37
C GLY B 86 -11.98 -4.99 -35.96
N ILE B 87 -12.09 -4.01 -35.07
CA ILE B 87 -12.44 -4.26 -33.69
C ILE B 87 -13.56 -3.30 -33.34
N ALA B 88 -14.42 -3.71 -32.42
CA ALA B 88 -15.51 -2.84 -32.02
C ALA B 88 -15.76 -2.86 -30.54
N PHE B 89 -16.10 -1.71 -29.98
CA PHE B 89 -16.44 -1.62 -28.58
C PHE B 89 -17.96 -1.80 -28.65
N ALA B 90 -18.52 -2.70 -27.86
CA ALA B 90 -19.95 -2.92 -27.94
C ALA B 90 -20.72 -3.05 -26.65
N LEU B 91 -22.00 -2.70 -26.74
CA LEU B 91 -22.94 -2.83 -25.64
C LEU B 91 -23.96 -3.85 -26.17
N VAL B 92 -23.99 -5.03 -25.57
CA VAL B 92 -24.88 -6.09 -26.02
C VAL B 92 -25.74 -6.67 -24.90
N PRO B 93 -26.77 -7.45 -25.27
CA PRO B 93 -27.67 -8.08 -24.30
C PRO B 93 -26.84 -8.98 -23.43
N VAL B 94 -27.12 -9.01 -22.13
CA VAL B 94 -26.31 -9.79 -21.19
C VAL B 94 -25.83 -11.18 -21.59
N GLY B 95 -26.71 -12.10 -21.96
CA GLY B 95 -26.21 -13.42 -22.30
C GLY B 95 -25.77 -13.61 -23.75
N SER B 96 -25.81 -12.52 -24.50
CA SER B 96 -25.46 -12.49 -25.93
C SER B 96 -24.34 -13.44 -26.39
N GLU B 97 -24.58 -14.11 -27.52
CA GLU B 97 -23.64 -15.05 -28.12
C GLU B 97 -23.09 -14.37 -29.38
N PRO B 98 -21.90 -14.77 -29.86
CA PRO B 98 -21.33 -14.15 -31.07
C PRO B 98 -22.29 -14.16 -32.27
N LYS B 99 -22.16 -13.15 -33.12
CA LYS B 99 -22.98 -13.07 -34.32
C LYS B 99 -22.13 -13.39 -35.56
N SER B 100 -22.52 -12.86 -36.71
CA SER B 100 -21.79 -13.14 -37.95
C SER B 100 -20.34 -12.67 -37.88
N ASN B 101 -19.47 -13.37 -38.60
CA ASN B 101 -18.06 -13.04 -38.60
C ASN B 101 -17.62 -12.09 -39.71
N SER B 102 -16.31 -11.98 -39.87
CA SER B 102 -15.72 -11.11 -40.87
C SER B 102 -16.26 -9.68 -40.85
N GLY B 103 -16.83 -9.24 -41.96
CA GLY B 103 -17.35 -7.88 -42.07
C GLY B 103 -18.37 -7.46 -41.03
N PHE B 104 -19.00 -8.42 -40.36
CA PHE B 104 -19.99 -8.07 -39.36
C PHE B 104 -19.40 -7.91 -37.95
N LEU B 105 -18.07 -8.07 -37.86
CA LEU B 105 -17.34 -7.90 -36.62
C LEU B 105 -17.83 -8.71 -35.42
N GLY B 106 -18.66 -9.71 -35.66
CA GLY B 106 -19.16 -10.54 -34.58
C GLY B 106 -20.26 -9.94 -33.71
N VAL B 107 -20.79 -8.79 -34.11
CA VAL B 107 -21.83 -8.14 -33.32
C VAL B 107 -23.16 -7.93 -34.05
N PHE B 108 -23.15 -8.03 -35.38
CA PHE B 108 -24.35 -7.85 -36.18
C PHE B 108 -24.54 -8.97 -37.19
N ASP B 109 -25.74 -9.05 -37.76
CA ASP B 109 -26.07 -10.08 -38.75
C ASP B 109 -26.40 -9.50 -40.13
N SER B 110 -26.84 -8.25 -40.19
CA SER B 110 -27.18 -7.64 -41.47
C SER B 110 -26.88 -6.14 -41.50
N ASP B 111 -27.07 -5.56 -42.68
CA ASP B 111 -26.84 -4.13 -42.84
C ASP B 111 -28.20 -3.42 -42.86
N VAL B 112 -29.21 -4.15 -42.39
CA VAL B 112 -30.58 -3.62 -42.31
C VAL B 112 -30.94 -3.42 -40.85
N TYR B 113 -31.37 -2.21 -40.50
CA TYR B 113 -31.74 -1.90 -39.12
C TYR B 113 -32.65 -2.97 -38.52
N ASP B 114 -32.21 -3.57 -37.43
CA ASP B 114 -32.99 -4.61 -36.76
C ASP B 114 -32.98 -4.35 -35.25
N ASN B 115 -34.00 -3.66 -34.77
CA ASN B 115 -34.12 -3.32 -33.36
C ASN B 115 -33.99 -4.51 -32.43
N SER B 116 -34.38 -5.69 -32.91
CA SER B 116 -34.31 -6.89 -32.09
C SER B 116 -32.86 -7.26 -31.72
N ALA B 117 -31.91 -6.72 -32.47
CA ALA B 117 -30.50 -7.01 -32.19
C ALA B 117 -30.11 -6.39 -30.84
N GLN B 118 -30.78 -5.30 -30.46
CA GLN B 118 -30.50 -4.63 -29.19
C GLN B 118 -29.00 -4.46 -28.97
N THR B 119 -28.31 -3.98 -30.00
CA THR B 119 -26.87 -3.80 -29.92
C THR B 119 -26.38 -2.49 -30.52
N VAL B 120 -25.48 -1.82 -29.81
CA VAL B 120 -24.87 -0.57 -30.28
C VAL B 120 -23.36 -0.80 -30.22
N ALA B 121 -22.63 -0.29 -31.20
CA ALA B 121 -21.20 -0.47 -31.20
C ALA B 121 -20.46 0.65 -31.88
N VAL B 122 -19.22 0.89 -31.45
CA VAL B 122 -18.39 1.89 -32.08
C VAL B 122 -17.34 1.02 -32.74
N GLU B 123 -17.27 1.11 -34.07
CA GLU B 123 -16.33 0.28 -34.81
C GLU B 123 -15.11 1.01 -35.34
N PHE B 124 -14.05 0.22 -35.50
CA PHE B 124 -12.79 0.69 -36.03
C PHE B 124 -12.57 -0.32 -37.15
N ASP B 125 -13.17 0.04 -38.28
CA ASP B 125 -13.23 -0.74 -39.51
C ASP B 125 -12.01 -0.58 -40.41
N THR B 126 -11.25 -1.65 -40.55
CA THR B 126 -10.04 -1.63 -41.37
C THR B 126 -10.23 -2.13 -42.78
N PHE B 127 -11.39 -2.73 -43.06
CA PHE B 127 -11.66 -3.26 -44.39
C PHE B 127 -12.98 -2.76 -44.95
N SER B 128 -12.92 -2.18 -46.13
CA SER B 128 -14.10 -1.61 -46.77
C SER B 128 -15.01 -2.61 -47.48
N ASN B 129 -16.11 -2.95 -46.83
CA ASN B 129 -17.08 -3.87 -47.43
C ASN B 129 -17.96 -3.01 -48.34
N THR B 130 -17.79 -3.20 -49.65
CA THR B 130 -18.49 -2.37 -50.61
C THR B 130 -20.03 -2.33 -50.54
N ASP B 131 -20.67 -3.36 -50.02
CA ASP B 131 -22.14 -3.30 -49.92
C ASP B 131 -22.63 -2.22 -48.96
N TRP B 132 -21.78 -1.77 -48.04
CA TRP B 132 -22.25 -0.79 -47.07
C TRP B 132 -21.27 0.23 -46.49
N ASP B 133 -19.98 -0.05 -46.58
CA ASP B 133 -18.92 0.82 -46.03
C ASP B 133 -18.46 1.99 -46.88
N PRO B 134 -17.74 2.93 -46.26
CA PRO B 134 -17.23 4.11 -46.96
C PRO B 134 -15.99 3.56 -47.65
N THR B 135 -15.38 4.37 -48.49
CA THR B 135 -14.19 3.96 -49.24
C THR B 135 -12.95 3.59 -48.44
N SER B 136 -12.65 4.36 -47.39
CA SER B 136 -11.46 4.10 -46.59
C SER B 136 -11.74 3.53 -45.22
N ARG B 137 -10.66 3.23 -44.50
CA ARG B 137 -10.78 2.71 -43.14
C ARG B 137 -11.50 3.82 -42.38
N HIS B 138 -12.31 3.44 -41.40
CA HIS B 138 -13.08 4.45 -40.70
C HIS B 138 -13.51 4.07 -39.31
N ILE B 139 -13.95 5.07 -38.57
CA ILE B 139 -14.49 4.90 -37.22
C ILE B 139 -15.98 5.07 -37.49
N GLY B 140 -16.81 4.25 -36.87
CA GLY B 140 -18.23 4.39 -37.11
C GLY B 140 -19.10 4.06 -35.92
N ILE B 141 -20.29 4.65 -35.91
CA ILE B 141 -21.25 4.41 -34.85
C ILE B 141 -22.32 3.51 -35.42
N ASP B 142 -22.41 2.28 -34.89
CA ASP B 142 -23.37 1.30 -35.35
C ASP B 142 -24.53 1.12 -34.38
N VAL B 143 -25.75 1.32 -34.88
CA VAL B 143 -26.94 1.17 -34.07
C VAL B 143 -27.83 0.09 -34.66
N ASN B 144 -27.74 -1.12 -34.11
CA ASN B 144 -28.53 -2.26 -34.56
C ASN B 144 -28.40 -2.56 -36.04
N SER B 145 -27.19 -2.40 -36.56
CA SER B 145 -26.88 -2.64 -37.96
C SER B 145 -25.40 -2.43 -38.22
N ILE B 146 -24.84 -3.15 -39.19
CA ILE B 146 -23.42 -3.01 -39.49
C ILE B 146 -23.17 -1.77 -40.35
N LYS B 147 -24.24 -1.16 -40.85
CA LYS B 147 -24.13 0.04 -41.66
C LYS B 147 -24.17 1.24 -40.70
N SER B 148 -23.03 1.85 -40.47
CA SER B 148 -22.95 2.98 -39.53
C SER B 148 -23.89 4.11 -39.87
N ILE B 149 -24.43 4.76 -38.84
CA ILE B 149 -25.33 5.88 -39.05
C ILE B 149 -24.48 7.14 -39.22
N ARG B 150 -23.18 6.99 -39.01
CA ARG B 150 -22.22 8.11 -39.12
C ARG B 150 -20.80 7.55 -39.06
N THR B 151 -19.93 8.02 -39.95
CA THR B 151 -18.56 7.53 -39.95
C THR B 151 -17.60 8.68 -40.14
N ALA B 152 -16.32 8.41 -39.93
CA ALA B 152 -15.26 9.41 -40.09
C ALA B 152 -14.01 8.67 -40.55
N SER B 153 -13.27 9.28 -41.46
CA SER B 153 -12.06 8.66 -41.97
C SER B 153 -11.02 8.48 -40.89
N TRP B 154 -10.35 7.34 -40.95
CA TRP B 154 -9.32 7.03 -39.99
C TRP B 154 -8.05 6.57 -40.70
N GLY B 155 -6.93 7.18 -40.34
CA GLY B 155 -5.65 6.80 -40.91
C GLY B 155 -4.96 5.83 -39.97
N LEU B 156 -5.04 4.55 -40.30
CA LEU B 156 -4.44 3.49 -39.50
C LEU B 156 -2.92 3.52 -39.41
N ALA B 157 -2.40 3.70 -38.21
CA ALA B 157 -0.95 3.68 -38.00
C ALA B 157 -0.68 2.21 -37.67
N ASN B 158 -0.41 1.41 -38.70
CA ASN B 158 -0.17 -0.01 -38.56
C ASN B 158 0.81 -0.40 -37.47
N GLY B 159 0.36 -1.26 -36.57
CA GLY B 159 1.21 -1.72 -35.49
C GLY B 159 1.51 -0.71 -34.40
N GLN B 160 0.84 0.44 -34.47
CA GLN B 160 1.04 1.51 -33.51
C GLN B 160 -0.14 1.60 -32.56
N ASN B 161 0.11 1.93 -31.30
CA ASN B 161 -0.96 2.04 -30.33
C ASN B 161 -2.01 3.08 -30.73
N ALA B 162 -3.27 2.76 -30.47
CA ALA B 162 -4.38 3.65 -30.75
C ALA B 162 -5.05 3.90 -29.40
N GLU B 163 -5.12 5.17 -28.98
CA GLU B 163 -5.75 5.52 -27.71
C GLU B 163 -7.15 6.01 -28.00
N ILE B 164 -8.13 5.22 -27.59
CA ILE B 164 -9.52 5.51 -27.86
C ILE B 164 -10.33 6.00 -26.67
N LEU B 165 -11.22 6.96 -26.92
CA LEU B 165 -12.08 7.53 -25.90
C LEU B 165 -13.50 7.59 -26.44
N ILE B 166 -14.42 6.95 -25.74
CA ILE B 166 -15.83 6.95 -26.14
C ILE B 166 -16.66 7.46 -24.97
N THR B 167 -17.53 8.44 -25.24
CA THR B 167 -18.37 9.00 -24.19
C THR B 167 -19.81 9.11 -24.64
N TYR B 168 -20.72 8.99 -23.68
CA TYR B 168 -22.15 9.15 -23.94
C TYR B 168 -22.70 10.15 -22.93
N ASN B 169 -23.27 11.24 -23.43
CA ASN B 169 -23.83 12.30 -22.58
C ASN B 169 -25.34 12.19 -22.61
N ALA B 170 -25.92 11.65 -21.54
CA ALA B 170 -27.37 11.48 -21.47
C ALA B 170 -28.14 12.80 -21.67
N ALA B 171 -27.56 13.91 -21.23
CA ALA B 171 -28.23 15.21 -21.37
C ALA B 171 -28.47 15.58 -22.83
N THR B 172 -27.49 15.30 -23.70
CA THR B 172 -27.62 15.63 -25.11
C THR B 172 -27.87 14.42 -25.99
N SER B 173 -27.83 13.23 -25.39
CA SER B 173 -28.02 11.98 -26.14
C SER B 173 -26.94 11.84 -27.21
N LEU B 174 -25.81 12.49 -26.99
CA LEU B 174 -24.72 12.45 -27.95
C LEU B 174 -23.64 11.42 -27.63
N LEU B 175 -23.27 10.62 -28.62
CA LEU B 175 -22.23 9.63 -28.45
C LEU B 175 -21.04 10.14 -29.26
N VAL B 176 -19.90 10.32 -28.59
CA VAL B 176 -18.68 10.81 -29.25
C VAL B 176 -17.57 9.78 -29.10
N ALA B 177 -16.82 9.56 -30.17
CA ALA B 177 -15.73 8.61 -30.15
C ALA B 177 -14.54 9.24 -30.83
N SER B 178 -13.39 9.19 -30.17
CA SER B 178 -12.19 9.74 -30.75
C SER B 178 -11.07 8.72 -30.69
N LEU B 179 -10.13 8.83 -31.62
CA LEU B 179 -9.01 7.92 -31.66
C LEU B 179 -7.77 8.75 -31.90
N VAL B 180 -6.72 8.45 -31.13
CA VAL B 180 -5.46 9.16 -31.25
C VAL B 180 -4.31 8.16 -31.41
N HIS B 181 -3.43 8.44 -32.37
CA HIS B 181 -2.24 7.61 -32.60
C HIS B 181 -1.11 8.53 -32.18
N PRO B 182 -0.69 8.46 -30.91
CA PRO B 182 0.39 9.32 -30.43
C PRO B 182 1.69 9.29 -31.23
N SER B 183 2.01 8.14 -31.84
CA SER B 183 3.22 7.93 -32.64
C SER B 183 3.22 8.69 -33.96
N ARG B 184 2.05 8.92 -34.54
CA ARG B 184 1.98 9.65 -35.80
C ARG B 184 1.39 11.03 -35.54
N ARG B 185 0.97 11.28 -34.30
CA ARG B 185 0.40 12.57 -33.91
C ARG B 185 -0.96 12.85 -34.54
N THR B 186 -1.61 11.82 -35.04
CA THR B 186 -2.89 11.98 -35.65
C THR B 186 -4.05 11.71 -34.69
N SER B 187 -5.19 12.30 -35.02
CA SER B 187 -6.38 12.20 -34.18
C SER B 187 -7.63 12.26 -35.04
N TYR B 188 -8.66 11.55 -34.59
CA TYR B 188 -9.94 11.49 -35.30
C TYR B 188 -11.08 11.49 -34.32
N ILE B 189 -12.26 11.90 -34.78
CA ILE B 189 -13.40 11.97 -33.92
C ILE B 189 -14.70 11.88 -34.72
N VAL B 190 -15.72 11.32 -34.10
CA VAL B 190 -17.04 11.16 -34.71
C VAL B 190 -18.09 11.36 -33.64
N SER B 191 -19.16 12.07 -33.98
CA SER B 191 -20.23 12.30 -33.02
C SER B 191 -21.59 12.25 -33.68
N GLU B 192 -22.54 11.63 -32.98
CA GLU B 192 -23.91 11.52 -33.47
C GLU B 192 -24.81 11.32 -32.27
N ARG B 193 -26.12 11.49 -32.46
CA ARG B 193 -27.08 11.32 -31.38
C ARG B 193 -27.56 9.88 -31.43
N VAL B 194 -27.82 9.29 -30.26
CA VAL B 194 -28.33 7.92 -30.19
C VAL B 194 -29.36 7.87 -29.07
N ASP B 195 -30.58 7.46 -29.41
CA ASP B 195 -31.64 7.35 -28.41
C ASP B 195 -31.44 5.99 -27.74
N ILE B 196 -30.52 5.98 -26.79
CA ILE B 196 -30.13 4.76 -26.09
C ILE B 196 -31.25 3.89 -25.50
N THR B 197 -32.21 4.50 -24.79
CA THR B 197 -33.28 3.73 -24.17
C THR B 197 -34.12 2.97 -25.19
N ASN B 198 -34.00 3.38 -26.44
CA ASN B 198 -34.78 2.74 -27.50
C ASN B 198 -34.03 1.68 -28.31
N GLU B 199 -32.70 1.71 -28.25
CA GLU B 199 -31.88 0.76 -29.01
C GLU B 199 -31.30 -0.38 -28.19
N LEU B 200 -31.31 -0.25 -26.86
CA LEU B 200 -30.72 -1.27 -26.00
C LEU B 200 -31.56 -1.66 -24.79
N PRO B 201 -31.24 -2.80 -24.18
CA PRO B 201 -31.98 -3.23 -23.00
C PRO B 201 -31.49 -2.43 -21.78
N GLU B 202 -32.21 -2.54 -20.68
CA GLU B 202 -31.89 -1.83 -19.46
C GLU B 202 -30.48 -2.19 -18.96
N TYR B 203 -30.15 -3.47 -19.05
CA TYR B 203 -28.83 -3.95 -18.64
C TYR B 203 -28.09 -4.53 -19.83
N VAL B 204 -26.81 -4.20 -19.94
CA VAL B 204 -26.00 -4.69 -21.05
C VAL B 204 -24.64 -5.16 -20.58
N SER B 205 -23.94 -5.87 -21.45
CA SER B 205 -22.59 -6.31 -21.19
C SER B 205 -21.76 -5.42 -22.12
N ILE B 206 -20.70 -4.86 -21.59
CA ILE B 206 -19.84 -4.00 -22.39
C ILE B 206 -18.57 -4.76 -22.66
N GLY B 207 -17.98 -4.54 -23.82
CA GLY B 207 -16.76 -5.23 -24.17
C GLY B 207 -16.31 -5.01 -25.59
N PHE B 208 -15.52 -5.93 -26.09
CA PHE B 208 -14.95 -5.85 -27.42
C PHE B 208 -15.27 -7.06 -28.28
N SER B 209 -15.26 -6.84 -29.59
CA SER B 209 -15.50 -7.89 -30.57
C SER B 209 -14.59 -7.59 -31.76
N ALA B 210 -13.95 -8.61 -32.31
CA ALA B 210 -13.06 -8.42 -33.44
C ALA B 210 -13.05 -9.64 -34.35
N THR B 211 -12.78 -9.43 -35.62
CA THR B 211 -12.74 -10.52 -36.60
C THR B 211 -11.69 -10.27 -37.67
N THR B 212 -11.33 -11.33 -38.37
CA THR B 212 -10.37 -11.24 -39.47
C THR B 212 -10.99 -11.75 -40.78
N GLY B 213 -10.41 -11.38 -41.91
CA GLY B 213 -10.94 -11.79 -43.20
C GLY B 213 -10.93 -13.29 -43.44
N LEU B 214 -11.54 -13.71 -44.55
CA LEU B 214 -11.63 -15.12 -44.89
C LEU B 214 -10.71 -15.50 -46.05
N SER B 215 -10.32 -14.53 -46.87
CA SER B 215 -9.44 -14.80 -47.99
C SER B 215 -7.98 -14.80 -47.52
N GLU B 216 -7.14 -15.51 -48.26
CA GLU B 216 -5.73 -15.62 -47.97
C GLU B 216 -5.05 -14.61 -47.06
N GLY B 217 -4.81 -13.38 -47.51
CA GLY B 217 -4.11 -12.46 -46.62
C GLY B 217 -4.83 -11.38 -45.82
N TYR B 218 -6.15 -11.42 -45.79
CA TYR B 218 -6.96 -10.42 -45.09
C TYR B 218 -7.11 -10.70 -43.60
N THR B 219 -6.10 -10.29 -42.85
CA THR B 219 -6.07 -10.50 -41.42
C THR B 219 -5.18 -9.48 -40.76
N GLU B 220 -5.25 -9.42 -39.43
CA GLU B 220 -4.46 -8.50 -38.63
C GLU B 220 -4.70 -8.88 -37.18
N THR B 221 -3.87 -8.38 -36.28
CA THR B 221 -4.07 -8.64 -34.86
C THR B 221 -5.05 -7.60 -34.32
N HIS B 222 -5.66 -7.92 -33.19
CA HIS B 222 -6.61 -7.00 -32.54
C HIS B 222 -6.35 -7.09 -31.04
N ASP B 223 -5.35 -6.35 -30.56
CA ASP B 223 -5.00 -6.39 -29.14
C ASP B 223 -5.41 -5.16 -28.35
N VAL B 224 -5.89 -5.40 -27.12
CA VAL B 224 -6.29 -4.32 -26.23
C VAL B 224 -5.28 -4.37 -25.08
N LEU B 225 -4.63 -3.24 -24.80
CA LEU B 225 -3.63 -3.17 -23.76
C LEU B 225 -4.10 -2.65 -22.41
N SER B 226 -5.13 -1.84 -22.39
CA SER B 226 -5.66 -1.30 -21.14
C SER B 226 -7.10 -0.91 -21.37
N TRP B 227 -7.87 -0.79 -20.30
CA TRP B 227 -9.27 -0.48 -20.42
C TRP B 227 -9.88 0.11 -19.15
N SER B 228 -10.56 1.25 -19.31
CA SER B 228 -11.24 1.92 -18.20
C SER B 228 -12.69 2.19 -18.56
N PHE B 229 -13.53 2.24 -17.55
CA PHE B 229 -14.94 2.51 -17.77
C PHE B 229 -15.58 3.13 -16.54
N ALA B 230 -16.46 4.09 -16.76
CA ALA B 230 -17.14 4.75 -15.66
C ALA B 230 -18.56 5.05 -16.11
N SER B 231 -19.50 4.83 -15.20
CA SER B 231 -20.91 5.03 -15.50
C SER B 231 -21.58 5.77 -14.36
N LYS B 232 -22.56 6.60 -14.68
CA LYS B 232 -23.28 7.36 -13.67
C LYS B 232 -24.79 7.37 -13.97
N LEU B 233 -25.58 6.73 -13.11
CA LEU B 233 -27.02 6.66 -13.30
C LEU B 233 -27.71 7.51 -12.24
N PRO B 234 -28.37 8.60 -12.65
CA PRO B 234 -29.10 9.53 -11.77
C PRO B 234 -30.30 8.92 -11.06
N LEU B 242 -20.69 13.47 -17.19
CA LEU B 242 -19.61 12.99 -16.35
C LEU B 242 -18.39 13.87 -16.52
N ASP B 243 -17.80 14.27 -15.39
CA ASP B 243 -16.61 15.12 -15.37
C ASP B 243 -15.38 14.36 -15.86
N ILE B 244 -15.12 14.47 -17.17
CA ILE B 244 -13.99 13.78 -17.81
C ILE B 244 -12.63 14.28 -17.35
N ALA B 245 -12.51 15.58 -17.07
CA ALA B 245 -11.27 16.19 -16.63
C ALA B 245 -10.57 15.41 -15.51
N SER B 246 -11.35 14.94 -14.54
CA SER B 246 -10.79 14.18 -13.42
C SER B 246 -10.78 12.68 -13.74
N TYR B 247 -11.66 12.29 -14.66
CA TYR B 247 -11.76 10.90 -15.08
C TYR B 247 -10.43 10.43 -15.63
N LEU B 248 -10.06 10.96 -16.80
CA LEU B 248 -8.82 10.62 -17.47
C LEU B 248 -7.61 10.57 -16.53
N VAL B 249 -7.36 11.68 -15.84
CA VAL B 249 -6.24 11.79 -14.91
C VAL B 249 -6.19 10.66 -13.87
N ARG B 250 -7.29 10.48 -13.14
CA ARG B 250 -7.33 9.45 -12.12
C ARG B 250 -7.73 8.07 -12.64
N ASN B 251 -7.66 7.85 -13.96
CA ASN B 251 -8.05 6.55 -14.51
C ASN B 251 -7.33 6.04 -15.76
N VAL B 252 -7.02 6.91 -16.71
CA VAL B 252 -6.35 6.46 -17.93
C VAL B 252 -4.93 7.00 -18.09
N LEU B 253 -4.71 8.24 -17.67
CA LEU B 253 -3.38 8.85 -17.77
C LEU B 253 -2.53 8.42 -16.57
N ALA C 1 -22.38 21.81 -9.02
CA ALA C 1 -21.62 21.53 -7.76
C ALA C 1 -20.17 21.95 -7.95
N ASP C 2 -19.69 22.85 -7.11
CA ASP C 2 -18.31 23.28 -7.23
C ASP C 2 -17.42 22.41 -6.35
N ILE C 3 -16.40 21.85 -6.96
CA ILE C 3 -15.49 20.98 -6.26
C ILE C 3 -14.05 21.45 -6.40
N GLN C 4 -13.29 21.28 -5.34
CA GLN C 4 -11.90 21.63 -5.34
C GLN C 4 -11.21 20.57 -4.53
N SER C 5 -10.06 20.15 -4.99
CA SER C 5 -9.33 19.17 -4.25
C SER C 5 -7.91 19.21 -4.73
N PHE C 6 -7.04 18.75 -3.88
CA PHE C 6 -5.64 18.71 -4.20
C PHE C 6 -5.02 17.64 -3.34
N SER C 7 -3.86 17.17 -3.75
CA SER C 7 -3.17 16.14 -3.00
C SER C 7 -1.66 16.31 -3.19
N PHE C 8 -0.96 16.51 -2.09
CA PHE C 8 0.49 16.69 -2.13
C PHE C 8 1.20 15.59 -1.36
N LYS C 9 2.02 14.79 -2.05
CA LYS C 9 2.76 13.72 -1.38
C LYS C 9 4.11 14.28 -0.96
N ASN C 10 4.42 15.46 -1.46
CA ASN C 10 5.68 16.11 -1.10
C ASN C 10 5.50 17.61 -1.29
N PHE C 11 6.36 18.41 -0.67
CA PHE C 11 6.20 19.86 -0.76
C PHE C 11 7.27 20.65 -1.50
N ASN C 12 6.87 21.87 -1.85
CA ASN C 12 7.68 22.84 -2.57
C ASN C 12 6.74 24.02 -2.47
N SER C 13 7.24 25.19 -2.10
CA SER C 13 6.39 26.35 -1.99
C SER C 13 5.68 26.66 -3.32
N SER C 14 5.44 27.95 -3.55
CA SER C 14 4.77 28.44 -4.76
C SER C 14 3.27 28.23 -4.63
N SER C 15 2.89 27.02 -4.22
CA SER C 15 1.50 26.69 -4.07
C SER C 15 1.04 26.97 -2.64
N PHE C 16 1.98 27.39 -1.78
CA PHE C 16 1.64 27.67 -0.39
C PHE C 16 1.99 29.07 0.08
N ILE C 17 1.22 29.57 1.03
CA ILE C 17 1.45 30.87 1.64
C ILE C 17 2.09 30.54 2.99
N LEU C 18 3.35 30.91 3.20
CA LEU C 18 4.04 30.62 4.47
C LEU C 18 4.14 31.86 5.37
N GLN C 19 4.01 31.69 6.67
CA GLN C 19 4.10 32.81 7.63
C GLN C 19 4.95 32.38 8.81
N GLY C 20 5.55 33.36 9.49
CA GLY C 20 6.37 33.08 10.65
C GLY C 20 7.58 32.24 10.29
N ASP C 21 7.86 31.23 11.11
CA ASP C 21 9.01 30.37 10.88
C ASP C 21 8.74 29.21 9.92
N ALA C 22 7.52 29.13 9.39
CA ALA C 22 7.17 28.05 8.48
C ALA C 22 8.16 27.96 7.33
N THR C 23 8.61 26.75 7.04
CA THR C 23 9.57 26.56 5.97
C THR C 23 9.41 25.19 5.29
N VAL C 24 9.92 25.08 4.08
CA VAL C 24 9.88 23.83 3.33
C VAL C 24 11.30 23.37 3.08
N SER C 25 11.59 22.13 3.46
CA SER C 25 12.93 21.57 3.26
C SER C 25 12.84 20.06 3.28
N SER C 26 13.68 19.39 2.50
CA SER C 26 13.66 17.94 2.42
C SER C 26 12.26 17.54 1.97
N SER C 27 11.65 18.45 1.19
CA SER C 27 10.31 18.28 0.65
C SER C 27 9.23 18.01 1.70
N LYS C 28 9.42 18.54 2.90
CA LYS C 28 8.41 18.40 3.94
C LYS C 28 8.13 19.80 4.51
N LEU C 29 6.94 19.99 5.07
CA LEU C 29 6.57 21.28 5.64
C LEU C 29 6.95 21.33 7.11
N ARG C 30 7.88 22.21 7.47
CA ARG C 30 8.32 22.35 8.86
C ARG C 30 7.73 23.63 9.40
N LEU C 31 6.71 23.51 10.24
CA LEU C 31 6.04 24.69 10.78
C LEU C 31 6.82 25.50 11.81
N THR C 32 7.58 24.82 12.65
CA THR C 32 8.36 25.53 13.64
C THR C 32 9.86 25.43 13.34
N LYS C 33 10.59 26.48 13.69
CA LYS C 33 12.02 26.55 13.41
C LYS C 33 12.88 25.55 14.15
N VAL C 34 13.88 25.06 13.43
CA VAL C 34 14.84 24.10 13.97
C VAL C 34 16.25 24.65 13.74
N LYS C 35 17.17 24.34 14.64
CA LYS C 35 18.57 24.78 14.51
C LYS C 35 19.29 23.80 13.56
N GLY C 36 20.57 24.00 13.31
CA GLY C 36 21.35 23.14 12.42
C GLY C 36 21.46 21.69 12.83
N ASN C 37 21.62 21.46 14.13
CA ASN C 37 21.74 20.11 14.68
C ASN C 37 20.42 19.34 14.64
N GLY C 38 19.36 20.00 14.14
CA GLY C 38 18.06 19.35 14.03
C GLY C 38 17.20 19.39 15.28
N LEU C 39 17.52 20.29 16.19
CA LEU C 39 16.74 20.39 17.42
C LEU C 39 15.79 21.58 17.37
N PRO C 40 14.60 21.42 17.97
CA PRO C 40 13.55 22.44 18.04
C PRO C 40 13.98 23.72 18.75
N THR C 41 13.32 24.82 18.41
CA THR C 41 13.60 26.14 18.95
C THR C 41 12.50 26.59 19.90
N LEU C 42 12.77 27.60 20.71
CA LEU C 42 11.75 28.13 21.63
C LEU C 42 11.07 29.33 20.99
N SER C 43 9.86 29.63 21.45
CA SER C 43 9.12 30.79 20.92
C SER C 43 8.93 30.79 19.41
N SER C 44 8.76 29.61 18.83
CA SER C 44 8.58 29.51 17.41
C SER C 44 7.10 29.55 17.07
N LEU C 45 6.79 30.10 15.90
CA LEU C 45 5.43 30.19 15.43
C LEU C 45 5.48 30.15 13.91
N GLY C 46 4.76 29.20 13.33
CA GLY C 46 4.74 29.08 11.89
C GLY C 46 3.37 28.68 11.40
N ARG C 47 3.00 29.19 10.23
CA ARG C 47 1.71 28.87 9.65
C ARG C 47 1.91 28.67 8.15
N ALA C 48 1.07 27.83 7.55
CA ALA C 48 1.17 27.55 6.12
C ALA C 48 -0.25 27.32 5.60
N PHE C 49 -0.62 28.01 4.53
CA PHE C 49 -1.96 27.88 3.95
C PHE C 49 -1.94 27.60 2.46
N TYR C 50 -2.99 26.93 1.97
CA TYR C 50 -3.09 26.67 0.55
C TYR C 50 -3.32 28.06 -0.05
N SER C 51 -2.73 28.33 -1.23
CA SER C 51 -2.83 29.66 -1.85
C SER C 51 -4.15 30.09 -2.49
N SER C 52 -5.06 29.17 -2.68
CA SER C 52 -6.35 29.50 -3.25
C SER C 52 -7.42 29.39 -2.16
N PRO C 53 -8.28 30.40 -2.02
CA PRO C 53 -9.33 30.38 -1.00
C PRO C 53 -10.35 29.28 -1.27
N ILE C 54 -10.91 28.73 -0.20
CA ILE C 54 -11.91 27.69 -0.36
C ILE C 54 -13.26 28.27 0.07
N GLN C 55 -14.29 28.04 -0.74
CA GLN C 55 -15.62 28.53 -0.41
C GLN C 55 -16.31 27.46 0.45
N ILE C 56 -16.54 27.81 1.72
CA ILE C 56 -17.16 26.90 2.69
C ILE C 56 -18.67 26.80 2.59
N TYR C 57 -19.30 27.90 2.16
CA TYR C 57 -20.75 27.94 1.97
C TYR C 57 -21.11 29.10 1.06
N ASP C 58 -22.35 29.14 0.62
CA ASP C 58 -22.81 30.20 -0.27
C ASP C 58 -23.94 30.94 0.43
N LYS C 59 -23.69 32.18 0.83
CA LYS C 59 -24.68 32.98 1.53
C LYS C 59 -26.00 33.14 0.77
N SER C 60 -25.93 33.36 -0.54
CA SER C 60 -27.12 33.56 -1.35
C SER C 60 -27.97 32.32 -1.65
N THR C 61 -27.38 31.13 -1.63
CA THR C 61 -28.14 29.93 -1.92
C THR C 61 -28.37 29.05 -0.69
N GLY C 62 -27.76 29.43 0.43
CA GLY C 62 -27.91 28.66 1.66
C GLY C 62 -27.16 27.34 1.66
N ALA C 63 -26.43 27.07 0.57
CA ALA C 63 -25.66 25.84 0.45
C ALA C 63 -24.44 25.81 1.37
N VAL C 64 -24.20 24.65 1.97
CA VAL C 64 -23.05 24.48 2.86
C VAL C 64 -22.23 23.30 2.34
N ALA C 65 -20.94 23.52 2.16
CA ALA C 65 -20.06 22.50 1.65
C ALA C 65 -19.69 21.42 2.64
N SER C 66 -19.36 20.24 2.10
CA SER C 66 -18.90 19.12 2.89
C SER C 66 -17.46 18.99 2.42
N TRP C 67 -16.56 18.71 3.34
CA TRP C 67 -15.17 18.56 2.97
C TRP C 67 -14.45 17.57 3.86
N ALA C 68 -13.23 17.25 3.45
CA ALA C 68 -12.40 16.31 4.18
C ALA C 68 -10.94 16.63 3.89
N THR C 69 -10.10 16.41 4.86
CA THR C 69 -8.70 16.66 4.66
C THR C 69 -7.93 15.59 5.40
N SER C 70 -6.78 15.23 4.86
CA SER C 70 -5.95 14.23 5.51
C SER C 70 -4.51 14.67 5.34
N PHE C 71 -3.71 14.42 6.36
CA PHE C 71 -2.32 14.75 6.31
C PHE C 71 -1.57 13.88 7.28
N THR C 72 -0.28 13.75 7.07
CA THR C 72 0.57 12.97 7.94
C THR C 72 1.50 13.97 8.61
N ALA C 73 1.51 13.95 9.93
CA ALA C 73 2.34 14.86 10.70
C ALA C 73 3.31 14.07 11.55
N ASN C 74 4.43 14.70 11.87
CA ASN C 74 5.43 14.06 12.72
C ASN C 74 5.87 15.09 13.74
N ILE C 75 5.61 14.77 15.00
CA ILE C 75 5.95 15.64 16.11
C ILE C 75 7.00 14.97 16.97
N PHE C 76 8.17 15.60 17.07
CA PHE C 76 9.27 15.06 17.86
C PHE C 76 9.71 16.02 18.95
N ALA C 77 9.52 15.61 20.20
CA ALA C 77 9.91 16.40 21.35
C ALA C 77 11.15 15.75 21.96
N PRO C 78 12.31 16.45 21.90
CA PRO C 78 13.56 15.91 22.45
C PRO C 78 13.33 15.35 23.84
N ASN C 79 12.53 16.07 24.63
CA ASN C 79 12.16 15.66 25.98
C ASN C 79 10.65 15.47 25.97
N LYS C 80 10.20 14.23 25.83
CA LYS C 80 8.77 13.92 25.76
C LYS C 80 7.91 14.63 26.78
N SER C 81 8.29 14.56 28.05
CA SER C 81 7.47 15.18 29.09
C SER C 81 7.51 16.71 29.05
N SER C 82 8.31 17.25 28.15
CA SER C 82 8.45 18.69 28.02
C SER C 82 7.83 19.21 26.71
N SER C 83 7.12 18.32 26.00
CA SER C 83 6.50 18.65 24.72
C SER C 83 5.59 19.85 24.74
N ALA C 84 5.77 20.73 23.77
CA ALA C 84 4.98 21.92 23.63
C ALA C 84 5.10 22.60 22.28
N ASP C 85 3.98 23.22 21.79
CA ASP C 85 2.65 23.42 22.23
C ASP C 85 1.69 22.64 21.34
N GLY C 86 1.99 22.40 20.09
CA GLY C 86 1.10 21.63 19.28
C GLY C 86 0.95 22.18 17.87
N ILE C 87 0.15 21.48 17.09
CA ILE C 87 -0.12 21.87 15.71
C ILE C 87 -1.63 21.86 15.51
N ALA C 88 -2.11 22.73 14.63
CA ALA C 88 -3.53 22.79 14.40
C ALA C 88 -3.88 22.93 12.94
N PHE C 89 -4.95 22.28 12.52
CA PHE C 89 -5.41 22.41 11.15
C PHE C 89 -6.42 23.53 11.32
N ALA C 90 -6.35 24.57 10.49
CA ALA C 90 -7.28 25.67 10.67
C ALA C 90 -7.93 26.25 9.43
N LEU C 91 -9.11 26.83 9.65
CA LEU C 91 -9.86 27.52 8.60
C LEU C 91 -9.91 28.96 9.12
N VAL C 92 -9.24 29.87 8.42
CA VAL C 92 -9.16 31.26 8.85
C VAL C 92 -9.55 32.25 7.74
N PRO C 93 -9.80 33.51 8.12
CA PRO C 93 -10.18 34.57 7.17
C PRO C 93 -9.04 34.70 6.16
N VAL C 94 -9.38 34.87 4.88
CA VAL C 94 -8.37 34.92 3.84
C VAL C 94 -7.07 35.66 4.07
N GLY C 95 -7.11 36.94 4.41
CA GLY C 95 -5.83 37.62 4.62
C GLY C 95 -5.21 37.50 6.01
N SER C 96 -5.87 36.72 6.86
CA SER C 96 -5.46 36.48 8.25
C SER C 96 -3.95 36.48 8.54
N GLU C 97 -3.57 37.17 9.63
CA GLU C 97 -2.19 37.26 10.07
C GLU C 97 -2.08 36.42 11.35
N PRO C 98 -0.87 35.94 11.69
CA PRO C 98 -0.71 35.13 12.90
C PRO C 98 -1.28 35.78 14.17
N LYS C 99 -1.74 34.95 15.11
CA LYS C 99 -2.29 35.44 16.37
C LYS C 99 -1.30 35.16 17.50
N SER C 100 -1.80 35.03 18.72
CA SER C 100 -0.93 34.80 19.87
C SER C 100 -0.16 33.49 19.74
N ASN C 101 1.02 33.46 20.33
CA ASN C 101 1.87 32.29 20.26
C ASN C 101 1.70 31.29 21.40
N SER C 102 2.64 30.36 21.47
CA SER C 102 2.64 29.34 22.50
C SER C 102 1.30 28.60 22.64
N GLY C 103 0.72 28.66 23.83
CA GLY C 103 -0.55 27.97 24.08
C GLY C 103 -1.69 28.30 23.15
N PHE C 104 -1.63 29.44 22.46
CA PHE C 104 -2.72 29.81 21.57
C PHE C 104 -2.53 29.27 20.15
N LEU C 105 -1.44 28.53 19.96
CA LEU C 105 -1.13 27.89 18.67
C LEU C 105 -1.11 28.80 17.44
N GLY C 106 -1.07 30.11 17.66
CA GLY C 106 -1.02 31.05 16.56
C GLY C 106 -2.33 31.29 15.82
N VAL C 107 -3.44 30.79 16.35
CA VAL C 107 -4.73 30.95 15.69
C VAL C 107 -5.78 31.67 16.54
N PHE C 108 -5.56 31.74 17.85
CA PHE C 108 -6.50 32.42 18.74
C PHE C 108 -5.80 33.41 19.68
N ASP C 109 -6.59 34.28 20.30
CA ASP C 109 -6.08 35.27 21.24
C ASP C 109 -6.53 35.08 22.68
N SER C 110 -7.68 34.43 22.87
CA SER C 110 -8.18 34.20 24.22
C SER C 110 -8.92 32.88 24.37
N ASP C 111 -9.32 32.57 25.59
CA ASP C 111 -10.05 31.34 25.86
C ASP C 111 -11.53 31.70 26.04
N VAL C 112 -11.89 32.89 25.58
CA VAL C 112 -13.26 33.39 25.65
C VAL C 112 -13.81 33.44 24.25
N TYR C 113 -14.96 32.80 24.04
CA TYR C 113 -15.59 32.78 22.72
C TYR C 113 -15.65 34.18 22.10
N ASP C 114 -15.05 34.34 20.93
CA ASP C 114 -15.04 35.61 20.23
C ASP C 114 -15.37 35.38 18.75
N ASN C 115 -16.64 35.53 18.41
CA ASN C 115 -17.11 35.32 17.04
C ASN C 115 -16.34 36.13 16.01
N SER C 116 -15.81 37.28 16.41
CA SER C 116 -15.06 38.12 15.48
C SER C 116 -13.80 37.46 14.99
N ALA C 117 -13.33 36.45 15.71
CA ALA C 117 -12.12 35.74 15.30
C ALA C 117 -12.37 34.98 13.98
N GLN C 118 -13.63 34.59 13.74
CA GLN C 118 -14.00 33.89 12.52
C GLN C 118 -13.01 32.77 12.21
N THR C 119 -12.68 31.97 13.22
CA THR C 119 -11.71 30.89 13.06
C THR C 119 -12.13 29.60 13.73
N VAL C 120 -11.95 28.48 13.02
CA VAL C 120 -12.25 27.15 13.54
C VAL C 120 -10.97 26.33 13.36
N ALA C 121 -10.65 25.50 14.33
CA ALA C 121 -9.44 24.69 14.20
C ALA C 121 -9.56 23.36 14.91
N VAL C 122 -8.82 22.38 14.42
CA VAL C 122 -8.77 21.08 15.07
C VAL C 122 -7.34 21.07 15.59
N GLU C 123 -7.19 20.97 16.90
CA GLU C 123 -5.86 21.00 17.50
C GLU C 123 -5.35 19.67 18.00
N PHE C 124 -4.03 19.57 18.01
CA PHE C 124 -3.32 18.40 18.49
C PHE C 124 -2.39 19.05 19.50
N ASP C 125 -2.94 19.19 20.70
CA ASP C 125 -2.35 19.84 21.86
C ASP C 125 -1.43 18.93 22.67
N THR C 126 -0.15 19.25 22.67
CA THR C 126 0.84 18.45 23.38
C THR C 126 1.19 18.99 24.76
N PHE C 127 0.72 20.20 25.08
CA PHE C 127 1.01 20.81 26.38
C PHE C 127 -0.25 21.30 27.06
N SER C 128 -0.44 20.84 28.30
CA SER C 128 -1.63 21.19 29.06
C SER C 128 -1.60 22.56 29.75
N ASN C 129 -2.31 23.54 29.19
CA ASN C 129 -2.39 24.88 29.77
C ASN C 129 -3.46 24.83 30.82
N THR C 130 -3.03 24.72 32.07
CA THR C 130 -3.95 24.61 33.21
C THR C 130 -5.16 25.53 33.20
N ASP C 131 -5.06 26.70 32.59
CA ASP C 131 -6.21 27.59 32.59
C ASP C 131 -7.35 27.21 31.66
N TRP C 132 -7.12 26.32 30.69
CA TRP C 132 -8.22 25.97 29.80
C TRP C 132 -8.20 24.56 29.21
N ASP C 133 -7.12 23.83 29.42
CA ASP C 133 -6.93 22.48 28.87
C ASP C 133 -7.25 21.31 29.79
N PRO C 134 -7.39 20.12 29.21
CA PRO C 134 -7.67 18.91 29.95
C PRO C 134 -6.31 18.52 30.50
N THR C 135 -6.29 17.52 31.37
CA THR C 135 -5.05 17.08 31.99
C THR C 135 -3.95 16.52 31.07
N SER C 136 -4.35 15.73 30.08
CA SER C 136 -3.36 15.14 29.18
C SER C 136 -3.35 15.74 27.77
N ARG C 137 -2.43 15.24 26.96
CA ARG C 137 -2.33 15.68 25.58
C ARG C 137 -3.67 15.30 24.96
N HIS C 138 -4.15 16.10 24.03
CA HIS C 138 -5.46 15.84 23.47
C HIS C 138 -5.70 16.38 22.07
N ILE C 139 -6.78 15.90 21.48
CA ILE C 139 -7.21 16.35 20.15
C ILE C 139 -8.41 17.20 20.55
N GLY C 140 -8.58 18.35 19.92
CA GLY C 140 -9.71 19.18 20.28
C GLY C 140 -10.29 19.98 19.13
N ILE C 141 -11.56 20.31 19.26
CA ILE C 141 -12.24 21.10 18.25
C ILE C 141 -12.40 22.50 18.82
N ASP C 142 -11.75 23.46 18.19
CA ASP C 142 -11.77 24.85 18.63
C ASP C 142 -12.64 25.72 17.73
N VAL C 143 -13.63 26.38 18.33
CA VAL C 143 -14.53 27.24 17.60
C VAL C 143 -14.43 28.67 18.16
N ASN C 144 -13.65 29.51 17.49
CA ASN C 144 -13.45 30.89 17.90
C ASN C 144 -12.99 31.06 19.35
N SER C 145 -12.12 30.15 19.80
CA SER C 145 -11.57 30.16 21.15
C SER C 145 -10.57 29.03 21.30
N ILE C 146 -9.54 29.21 22.12
CA ILE C 146 -8.53 28.17 22.34
C ILE C 146 -9.06 27.06 23.28
N LYS C 147 -10.17 27.33 23.94
CA LYS C 147 -10.78 26.35 24.84
C LYS C 147 -11.73 25.51 23.98
N SER C 148 -11.29 24.29 23.68
CA SER C 148 -12.04 23.37 22.83
C SER C 148 -13.46 23.10 23.37
N ILE C 149 -14.43 22.99 22.46
CA ILE C 149 -15.80 22.72 22.84
C ILE C 149 -15.96 21.21 23.05
N ARG C 150 -14.91 20.46 22.74
CA ARG C 150 -14.90 19.00 22.89
C ARG C 150 -13.47 18.49 22.66
N THR C 151 -13.01 17.60 23.53
CA THR C 151 -11.67 17.06 23.39
C THR C 151 -11.67 15.56 23.60
N ALA C 152 -10.55 14.92 23.28
CA ALA C 152 -10.38 13.49 23.45
C ALA C 152 -8.92 13.24 23.74
N SER C 153 -8.64 12.31 24.65
CA SER C 153 -7.28 12.00 25.03
C SER C 153 -6.50 11.43 23.86
N TRP C 154 -5.24 11.85 23.77
CA TRP C 154 -4.37 11.41 22.70
C TRP C 154 -3.03 10.95 23.27
N GLY C 155 -2.62 9.74 22.88
CA GLY C 155 -1.36 9.19 23.34
C GLY C 155 -0.32 9.46 22.27
N LEU C 156 0.49 10.49 22.51
CA LEU C 156 1.54 10.89 21.57
C LEU C 156 2.64 9.86 21.38
N ALA C 157 2.80 9.37 20.15
CA ALA C 157 3.88 8.44 19.85
C ALA C 157 5.00 9.37 19.37
N ASN C 158 5.83 9.82 20.32
CA ASN C 158 6.92 10.74 20.04
C ASN C 158 7.80 10.37 18.84
N GLY C 159 7.93 11.30 17.90
CA GLY C 159 8.75 11.07 16.73
C GLY C 159 8.19 10.10 15.71
N GLN C 160 6.96 9.65 15.94
CA GLN C 160 6.29 8.69 15.05
C GLN C 160 5.23 9.38 14.20
N ASN C 161 5.09 8.95 12.95
CA ASN C 161 4.09 9.54 12.07
C ASN C 161 2.68 9.45 12.64
N ALA C 162 1.90 10.52 12.45
CA ALA C 162 0.52 10.58 12.88
C ALA C 162 -0.30 10.79 11.61
N GLU C 163 -1.21 9.87 11.30
CA GLU C 163 -2.05 10.00 10.13
C GLU C 163 -3.39 10.55 10.57
N ILE C 164 -3.68 11.78 10.15
CA ILE C 164 -4.88 12.46 10.55
C ILE C 164 -5.95 12.61 9.46
N LEU C 165 -7.21 12.45 9.86
CA LEU C 165 -8.34 12.58 8.95
C LEU C 165 -9.38 13.48 9.60
N ILE C 166 -9.75 14.55 8.91
CA ILE C 166 -10.76 15.48 9.40
C ILE C 166 -11.85 15.61 8.36
N THR C 167 -13.11 15.46 8.77
CA THR C 167 -14.22 15.57 7.82
C THR C 167 -15.33 16.43 8.40
N TYR C 168 -16.04 17.09 7.50
CA TYR C 168 -17.18 17.91 7.88
C TYR C 168 -18.37 17.49 6.99
N ASN C 169 -19.45 17.04 7.63
CA ASN C 169 -20.65 16.59 6.92
C ASN C 169 -21.72 17.67 7.03
N ALA C 170 -21.92 18.45 5.97
CA ALA C 170 -22.91 19.51 5.99
C ALA C 170 -24.33 19.02 6.36
N ALA C 171 -24.67 17.79 5.98
CA ALA C 171 -25.98 17.24 6.28
C ALA C 171 -26.25 17.14 7.78
N THR C 172 -25.24 16.72 8.53
CA THR C 172 -25.39 16.58 9.97
C THR C 172 -24.69 17.69 10.77
N SER C 173 -23.96 18.55 10.07
CA SER C 173 -23.22 19.63 10.72
C SER C 173 -22.19 19.05 11.69
N LEU C 174 -21.78 17.81 11.45
CA LEU C 174 -20.84 17.15 12.33
C LEU C 174 -19.39 17.22 11.84
N LEU C 175 -18.48 17.61 12.73
CA LEU C 175 -17.06 17.67 12.40
C LEU C 175 -16.41 16.52 13.17
N VAL C 176 -15.73 15.64 12.43
CA VAL C 176 -15.06 14.49 13.04
C VAL C 176 -13.58 14.54 12.72
N ALA C 177 -12.76 14.22 13.72
CA ALA C 177 -11.32 14.24 13.53
C ALA C 177 -10.75 12.99 14.17
N SER C 178 -9.92 12.27 13.43
CA SER C 178 -9.31 11.06 13.97
C SER C 178 -7.81 11.11 13.74
N LEU C 179 -7.09 10.42 14.60
CA LEU C 179 -5.65 10.38 14.49
C LEU C 179 -5.21 8.94 14.70
N VAL C 180 -4.31 8.48 13.85
CA VAL C 180 -3.80 7.14 13.94
C VAL C 180 -2.28 7.14 13.93
N HIS C 181 -1.69 6.36 14.83
CA HIS C 181 -0.24 6.22 14.91
C HIS C 181 -0.03 4.78 14.48
N PRO C 182 0.20 4.54 13.19
CA PRO C 182 0.40 3.16 12.69
C PRO C 182 1.50 2.33 13.36
N SER C 183 2.63 2.92 13.71
CA SER C 183 3.69 2.13 14.31
C SER C 183 3.27 1.50 15.64
N ARG C 184 2.25 2.07 16.28
CA ARG C 184 1.78 1.52 17.55
C ARG C 184 0.36 0.96 17.42
N ARG C 185 -0.24 1.10 16.24
CA ARG C 185 -1.59 0.63 15.98
C ARG C 185 -2.59 1.21 16.97
N THR C 186 -2.44 2.49 17.28
CA THR C 186 -3.37 3.19 18.19
C THR C 186 -4.15 4.20 17.35
N SER C 187 -5.37 4.53 17.76
CA SER C 187 -6.21 5.50 17.05
C SER C 187 -7.14 6.21 18.03
N TYR C 188 -7.52 7.44 17.69
CA TYR C 188 -8.35 8.27 18.54
C TYR C 188 -9.30 9.07 17.68
N ILE C 189 -10.35 9.61 18.27
CA ILE C 189 -11.32 10.34 17.45
C ILE C 189 -12.21 11.27 18.31
N VAL C 190 -12.69 12.37 17.73
CA VAL C 190 -13.56 13.30 18.44
C VAL C 190 -14.55 13.77 17.41
N SER C 191 -15.71 14.20 17.89
CA SER C 191 -16.76 14.69 17.02
C SER C 191 -17.63 15.69 17.77
N GLU C 192 -18.23 16.61 17.04
CA GLU C 192 -19.10 17.60 17.64
C GLU C 192 -19.76 18.37 16.53
N ARG C 193 -20.94 18.91 16.80
CA ARG C 193 -21.63 19.69 15.80
C ARG C 193 -21.06 21.09 15.79
N VAL C 194 -20.84 21.61 14.58
CA VAL C 194 -20.36 22.98 14.42
C VAL C 194 -21.24 23.67 13.38
N ASP C 195 -21.86 24.77 13.77
CA ASP C 195 -22.69 25.54 12.85
C ASP C 195 -21.74 26.43 12.05
N ILE C 196 -21.13 25.82 11.05
CA ILE C 196 -20.13 26.47 10.21
C ILE C 196 -20.48 27.85 9.64
N THR C 197 -21.67 28.00 9.06
CA THR C 197 -22.06 29.27 8.46
C THR C 197 -22.08 30.41 9.47
N ASN C 198 -22.11 30.06 10.74
CA ASN C 198 -22.17 31.06 11.78
C ASN C 198 -20.83 31.38 12.46
N GLU C 199 -19.86 30.50 12.29
CA GLU C 199 -18.54 30.69 12.90
C GLU C 199 -17.45 31.16 11.94
N LEU C 200 -17.69 31.05 10.63
CA LEU C 200 -16.68 31.42 9.64
C LEU C 200 -17.20 32.23 8.48
N PRO C 201 -16.28 32.88 7.75
CA PRO C 201 -16.71 33.68 6.60
C PRO C 201 -16.98 32.72 5.42
N GLU C 202 -17.59 33.26 4.37
CA GLU C 202 -17.92 32.49 3.19
C GLU C 202 -16.69 31.84 2.57
N TYR C 203 -15.59 32.60 2.52
CA TYR C 203 -14.35 32.09 1.98
C TYR C 203 -13.28 32.06 3.07
N VAL C 204 -12.51 30.98 3.11
CA VAL C 204 -11.46 30.85 4.10
C VAL C 204 -10.17 30.30 3.49
N SER C 205 -9.10 30.39 4.25
CA SER C 205 -7.82 29.85 3.84
C SER C 205 -7.67 28.66 4.78
N ILE C 206 -7.30 27.52 4.23
CA ILE C 206 -7.11 26.33 5.04
C ILE C 206 -5.63 26.07 5.15
N GLY C 207 -5.21 25.53 6.30
CA GLY C 207 -3.79 25.28 6.48
C GLY C 207 -3.46 24.84 7.88
N PHE C 208 -2.19 25.03 8.24
CA PHE C 208 -1.67 24.61 9.53
C PHE C 208 -1.03 25.76 10.31
N SER C 209 -1.02 25.61 11.63
CA SER C 209 -0.41 26.57 12.53
C SER C 209 0.21 25.77 13.67
N ALA C 210 1.41 26.14 14.08
CA ALA C 210 2.08 25.43 15.17
C ALA C 210 2.98 26.36 15.95
N THR C 211 3.19 26.05 17.22
CA THR C 211 4.02 26.87 18.09
C THR C 211 4.78 26.02 19.08
N THR C 212 5.83 26.61 19.65
CA THR C 212 6.60 25.96 20.68
C THR C 212 6.47 26.87 21.90
N GLY C 213 6.75 26.32 23.07
CA GLY C 213 6.66 27.07 24.31
C GLY C 213 7.66 28.19 24.50
N LEU C 214 7.51 28.93 25.59
CA LEU C 214 8.37 30.05 25.90
C LEU C 214 9.39 29.76 26.98
N SER C 215 9.19 28.67 27.72
CA SER C 215 10.10 28.29 28.80
C SER C 215 11.45 27.82 28.23
N GLU C 216 12.06 26.81 28.85
CA GLU C 216 13.36 26.33 28.40
C GLU C 216 13.37 25.10 27.51
N GLY C 217 12.87 23.98 28.02
CA GLY C 217 12.88 22.78 27.18
C GLY C 217 11.56 22.48 26.50
N TYR C 218 10.58 23.37 26.67
CA TYR C 218 9.26 23.17 26.11
C TYR C 218 9.16 23.46 24.63
N THR C 219 9.58 22.47 23.84
CA THR C 219 9.57 22.59 22.41
C THR C 219 9.51 21.22 21.76
N GLU C 220 9.28 21.19 20.46
CA GLU C 220 9.19 19.96 19.68
C GLU C 220 9.09 20.38 18.22
N THR C 221 9.29 19.44 17.31
CA THR C 221 9.16 19.75 15.90
C THR C 221 7.69 19.61 15.52
N HIS C 222 7.30 20.21 14.40
CA HIS C 222 5.93 20.13 13.91
C HIS C 222 6.02 20.01 12.40
N ASP C 223 6.25 18.78 11.91
CA ASP C 223 6.37 18.56 10.48
C ASP C 223 5.19 17.89 9.81
N VAL C 224 4.83 18.37 8.63
CA VAL C 224 3.74 17.80 7.85
C VAL C 224 4.39 17.14 6.62
N LEU C 225 4.11 15.85 6.41
CA LEU C 225 4.72 15.12 5.30
C LEU C 225 3.89 15.00 4.03
N SER C 226 2.57 15.06 4.17
CA SER C 226 1.69 14.99 3.00
C SER C 226 0.37 15.64 3.37
N TRP C 227 -0.39 16.05 2.36
CA TRP C 227 -1.64 16.72 2.63
C TRP C 227 -2.62 16.66 1.46
N SER C 228 -3.85 16.25 1.76
CA SER C 228 -4.92 16.16 0.77
C SER C 228 -6.13 16.92 1.26
N PHE C 229 -6.92 17.41 0.32
CA PHE C 229 -8.13 18.13 0.66
C PHE C 229 -9.16 18.05 -0.47
N ALA C 230 -10.42 17.92 -0.10
CA ALA C 230 -11.49 17.84 -1.10
C ALA C 230 -12.69 18.55 -0.52
N SER C 231 -13.36 19.32 -1.36
CA SER C 231 -14.52 20.08 -0.94
C SER C 231 -15.63 19.94 -1.98
N LYS C 232 -16.88 19.99 -1.52
CA LYS C 232 -18.02 19.85 -2.42
C LYS C 232 -19.12 20.81 -2.00
N LEU C 233 -19.40 21.79 -2.84
CA LEU C 233 -20.42 22.79 -2.55
C LEU C 233 -21.62 22.59 -3.49
N PRO C 234 -22.78 22.19 -2.94
CA PRO C 234 -24.03 21.95 -3.68
C PRO C 234 -24.56 23.20 -4.41
N ASP C 235 -25.43 23.00 -5.40
CA ASP C 235 -25.97 24.13 -6.16
C ASP C 235 -27.23 24.70 -5.51
N ASP C 236 -27.84 23.91 -4.63
CA ASP C 236 -29.05 24.30 -3.93
C ASP C 236 -28.76 24.19 -2.44
N SER C 237 -29.73 24.52 -1.60
CA SER C 237 -29.51 24.44 -0.16
C SER C 237 -29.32 22.98 0.27
N GLU C 240 -25.28 17.51 0.42
CA GLU C 240 -24.97 16.09 0.41
C GLU C 240 -23.49 15.83 0.66
N PRO C 241 -23.19 14.93 1.61
CA PRO C 241 -21.82 14.56 1.98
C PRO C 241 -20.89 14.17 0.83
N LEU C 242 -19.63 13.96 1.20
CA LEU C 242 -18.57 13.59 0.26
C LEU C 242 -18.44 12.07 0.25
N ASP C 243 -17.85 11.52 -0.81
CA ASP C 243 -17.65 10.08 -0.88
C ASP C 243 -16.28 9.83 -0.29
N ILE C 244 -16.23 9.67 1.04
CA ILE C 244 -14.96 9.45 1.72
C ILE C 244 -14.22 8.23 1.19
N ALA C 245 -14.96 7.27 0.65
CA ALA C 245 -14.36 6.07 0.10
C ALA C 245 -13.40 6.37 -1.05
N SER C 246 -13.94 6.81 -2.18
CA SER C 246 -13.14 7.13 -3.36
C SER C 246 -12.03 8.15 -3.02
N TYR C 247 -12.38 9.14 -2.21
CA TYR C 247 -11.42 10.16 -1.78
C TYR C 247 -10.15 9.54 -1.21
N LEU C 248 -10.31 8.76 -0.14
CA LEU C 248 -9.18 8.11 0.51
C LEU C 248 -8.34 7.27 -0.45
N VAL C 249 -8.99 6.54 -1.35
CA VAL C 249 -8.29 5.69 -2.30
C VAL C 249 -7.56 6.46 -3.41
N ARG C 250 -8.13 7.57 -3.84
CA ARG C 250 -7.50 8.34 -4.91
C ARG C 250 -6.55 9.44 -4.44
N ASN C 251 -6.63 9.82 -3.15
CA ASN C 251 -5.77 10.89 -2.64
C ASN C 251 -4.80 10.62 -1.49
N VAL C 252 -5.21 9.85 -0.48
CA VAL C 252 -4.34 9.59 0.66
C VAL C 252 -3.71 8.19 0.72
N LEU C 253 -4.54 7.15 0.77
CA LEU C 253 -4.01 5.78 0.81
C LEU C 253 -3.14 5.54 -0.41
N ALA D 1 2.57 11.02 -5.67
CA ALA D 1 1.99 11.76 -6.83
C ALA D 1 1.22 12.98 -6.35
N ASP D 2 1.61 14.17 -6.81
CA ASP D 2 0.90 15.40 -6.42
C ASP D 2 -0.26 15.60 -7.37
N ILE D 3 -1.43 15.86 -6.81
CA ILE D 3 -2.63 16.04 -7.60
C ILE D 3 -3.34 17.34 -7.29
N GLN D 4 -3.83 18.01 -8.33
CA GLN D 4 -4.58 19.24 -8.15
C GLN D 4 -5.74 19.24 -9.09
N SER D 5 -6.93 19.46 -8.56
CA SER D 5 -8.06 19.48 -9.42
C SER D 5 -9.16 20.33 -8.83
N PHE D 6 -10.12 20.63 -9.67
CA PHE D 6 -11.24 21.44 -9.26
C PHE D 6 -12.30 21.35 -10.32
N SER D 7 -13.51 21.71 -9.96
CA SER D 7 -14.62 21.67 -10.90
C SER D 7 -15.62 22.75 -10.53
N PHE D 8 -15.88 23.65 -11.46
CA PHE D 8 -16.82 24.74 -11.24
C PHE D 8 -17.98 24.69 -12.21
N LYS D 9 -19.20 24.52 -11.72
CA LYS D 9 -20.34 24.48 -12.61
C LYS D 9 -20.88 25.89 -12.70
N ASN D 10 -20.27 26.80 -11.95
CA ASN D 10 -20.66 28.21 -11.96
C ASN D 10 -19.55 29.00 -11.28
N PHE D 11 -19.35 30.23 -11.72
CA PHE D 11 -18.28 31.05 -11.19
C PHE D 11 -18.65 32.05 -10.10
N ASN D 12 -17.77 33.04 -9.93
CA ASN D 12 -17.92 34.09 -8.92
C ASN D 12 -17.30 33.60 -7.62
N SER D 13 -16.01 33.85 -7.45
CA SER D 13 -15.32 33.44 -6.24
C SER D 13 -13.94 34.08 -6.16
N SER D 14 -13.41 34.08 -4.94
CA SER D 14 -12.09 34.65 -4.68
C SER D 14 -11.08 33.66 -5.22
N SER D 15 -11.59 32.60 -5.84
CA SER D 15 -10.75 31.55 -6.38
C SER D 15 -10.16 31.90 -7.73
N PHE D 16 -10.67 32.98 -8.33
CA PHE D 16 -10.18 33.42 -9.64
C PHE D 16 -9.41 34.74 -9.63
N ILE D 17 -8.51 34.88 -10.59
CA ILE D 17 -7.71 36.07 -10.76
C ILE D 17 -8.15 36.64 -12.10
N LEU D 18 -8.74 37.84 -12.07
CA LEU D 18 -9.24 38.52 -13.28
C LEU D 18 -8.41 39.71 -13.73
N GLN D 19 -8.23 39.81 -15.04
CA GLN D 19 -7.43 40.90 -15.63
C GLN D 19 -8.19 41.50 -16.79
N GLY D 20 -7.87 42.76 -17.10
CA GLY D 20 -8.53 43.44 -18.21
C GLY D 20 -10.02 43.57 -18.00
N ASP D 21 -10.80 43.29 -19.04
CA ASP D 21 -12.25 43.41 -18.96
C ASP D 21 -12.95 42.17 -18.41
N ALA D 22 -12.17 41.17 -18.03
CA ALA D 22 -12.76 39.94 -17.50
C ALA D 22 -13.69 40.23 -16.34
N THR D 23 -14.87 39.62 -16.37
CA THR D 23 -15.83 39.84 -15.31
C THR D 23 -16.72 38.62 -15.07
N VAL D 24 -17.33 38.56 -13.89
CA VAL D 24 -18.22 37.46 -13.54
C VAL D 24 -19.60 38.03 -13.31
N SER D 25 -20.61 37.48 -13.99
CA SER D 25 -21.98 37.94 -13.85
C SER D 25 -22.92 36.85 -14.30
N SER D 26 -24.08 36.75 -13.66
CA SER D 26 -25.05 35.71 -14.00
C SER D 26 -24.35 34.37 -13.82
N SER D 27 -23.40 34.38 -12.87
CA SER D 27 -22.60 33.20 -12.52
C SER D 27 -21.85 32.57 -13.70
N LYS D 28 -21.46 33.39 -14.69
CA LYS D 28 -20.69 32.90 -15.81
C LYS D 28 -19.49 33.82 -15.97
N LEU D 29 -18.42 33.32 -16.57
CA LEU D 29 -17.22 34.11 -16.78
C LEU D 29 -17.28 34.80 -18.13
N ARG D 30 -17.33 36.13 -18.14
CA ARG D 30 -17.37 36.88 -19.39
C ARG D 30 -15.99 37.53 -19.59
N LEU D 31 -15.22 36.99 -20.52
CA LEU D 31 -13.87 37.49 -20.76
C LEU D 31 -13.78 38.85 -21.42
N THR D 32 -14.67 39.12 -22.37
CA THR D 32 -14.65 40.40 -23.07
C THR D 32 -15.83 41.28 -22.68
N LYS D 33 -15.59 42.60 -22.63
CA LYS D 33 -16.61 43.58 -22.26
C LYS D 33 -17.86 43.62 -23.14
N VAL D 34 -19.02 43.63 -22.51
CA VAL D 34 -20.29 43.68 -23.21
C VAL D 34 -21.07 44.92 -22.71
N LYS D 35 -21.85 45.55 -23.59
CA LYS D 35 -22.63 46.75 -23.23
C LYS D 35 -23.95 46.39 -22.53
N GLY D 36 -24.66 47.40 -22.04
CA GLY D 36 -25.92 47.17 -21.34
C GLY D 36 -26.91 46.35 -22.15
N ASN D 37 -27.02 46.66 -23.43
CA ASN D 37 -27.94 45.97 -24.34
C ASN D 37 -27.50 44.53 -24.64
N GLY D 38 -26.36 44.13 -24.07
CA GLY D 38 -25.86 42.78 -24.28
C GLY D 38 -25.03 42.57 -25.53
N LEU D 39 -24.54 43.65 -26.13
CA LEU D 39 -23.74 43.53 -27.34
C LEU D 39 -22.25 43.70 -27.04
N PRO D 40 -21.41 42.95 -27.77
CA PRO D 40 -19.94 42.96 -27.64
C PRO D 40 -19.31 44.33 -27.91
N THR D 41 -18.15 44.55 -27.32
CA THR D 41 -17.40 45.78 -27.45
C THR D 41 -16.16 45.60 -28.33
N LEU D 42 -15.56 46.70 -28.78
CA LEU D 42 -14.37 46.62 -29.60
C LEU D 42 -13.14 46.83 -28.72
N SER D 43 -11.99 46.35 -29.17
CA SER D 43 -10.75 46.50 -28.41
C SER D 43 -10.81 45.96 -26.98
N SER D 44 -11.56 44.88 -26.79
CA SER D 44 -11.67 44.30 -25.46
C SER D 44 -10.60 43.22 -25.27
N LEU D 45 -10.15 43.08 -24.02
CA LEU D 45 -9.15 42.10 -23.69
C LEU D 45 -9.40 41.70 -22.24
N GLY D 46 -9.58 40.40 -22.02
CA GLY D 46 -9.85 39.92 -20.69
C GLY D 46 -9.17 38.58 -20.45
N ARG D 47 -8.70 38.37 -19.23
CA ARG D 47 -8.06 37.12 -18.88
C ARG D 47 -8.54 36.73 -17.49
N ALA D 48 -8.55 35.43 -17.22
CA ALA D 48 -8.98 34.91 -15.93
C ALA D 48 -8.17 33.64 -15.65
N PHE D 49 -7.59 33.57 -14.46
CA PHE D 49 -6.77 32.43 -14.08
C PHE D 49 -7.17 31.84 -12.74
N TYR D 50 -6.91 30.55 -12.56
CA TYR D 50 -7.19 29.92 -11.27
C TYR D 50 -6.18 30.57 -10.33
N SER D 51 -6.62 30.93 -9.13
CA SER D 51 -5.74 31.63 -8.20
C SER D 51 -4.62 30.83 -7.56
N SER D 52 -4.52 29.54 -7.91
CA SER D 52 -3.44 28.75 -7.35
C SER D 52 -2.57 28.24 -8.49
N PRO D 53 -1.24 28.38 -8.37
CA PRO D 53 -0.34 27.91 -9.42
C PRO D 53 -0.38 26.39 -9.50
N ILE D 54 -0.19 25.86 -10.70
CA ILE D 54 -0.16 24.41 -10.93
C ILE D 54 1.27 24.02 -11.29
N GLN D 55 1.77 22.94 -10.69
CA GLN D 55 3.11 22.48 -10.99
C GLN D 55 3.01 21.52 -12.17
N ILE D 56 3.58 21.93 -13.30
CA ILE D 56 3.55 21.16 -14.54
C ILE D 56 4.59 20.05 -14.62
N TYR D 57 5.73 20.25 -13.96
CA TYR D 57 6.79 19.27 -13.91
C TYR D 57 7.70 19.58 -12.75
N ASP D 58 8.58 18.64 -12.42
CA ASP D 58 9.52 18.82 -11.32
C ASP D 58 10.93 18.74 -11.87
N LYS D 59 11.62 19.88 -11.87
CA LYS D 59 12.97 19.96 -12.41
C LYS D 59 13.96 18.97 -11.76
N SER D 60 13.87 18.82 -10.44
CA SER D 60 14.77 17.94 -9.73
C SER D 60 14.53 16.43 -9.87
N THR D 61 13.30 16.02 -10.17
CA THR D 61 13.02 14.59 -10.31
C THR D 61 12.76 14.18 -11.75
N GLY D 62 12.71 15.15 -12.66
CA GLY D 62 12.47 14.85 -14.05
C GLY D 62 11.03 14.44 -14.37
N ALA D 63 10.19 14.46 -13.34
CA ALA D 63 8.78 14.09 -13.50
C ALA D 63 7.99 15.15 -14.28
N VAL D 64 7.11 14.68 -15.15
CA VAL D 64 6.29 15.57 -15.95
C VAL D 64 4.83 15.17 -15.72
N ALA D 65 4.00 16.16 -15.36
CA ALA D 65 2.59 15.91 -15.08
C ALA D 65 1.73 15.69 -16.31
N SER D 66 0.64 14.96 -16.10
CA SER D 66 -0.35 14.70 -17.13
C SER D 66 -1.55 15.44 -16.59
N TRP D 67 -2.29 16.10 -17.46
CA TRP D 67 -3.45 16.84 -17.01
C TRP D 67 -4.52 16.89 -18.07
N ALA D 68 -5.69 17.37 -17.66
CA ALA D 68 -6.82 17.47 -18.54
C ALA D 68 -7.71 18.61 -18.04
N THR D 69 -8.35 19.30 -18.96
CA THR D 69 -9.23 20.37 -18.56
C THR D 69 -10.42 20.34 -19.51
N SER D 70 -11.57 20.72 -18.99
CA SER D 70 -12.76 20.77 -19.81
C SER D 70 -13.55 21.99 -19.40
N PHE D 71 -14.17 22.63 -20.38
CA PHE D 71 -14.98 23.80 -20.10
C PHE D 71 -15.98 23.97 -21.21
N THR D 72 -17.04 24.71 -20.91
CA THR D 72 -18.07 24.97 -21.89
C THR D 72 -18.00 26.47 -22.16
N ALA D 73 -17.86 26.82 -23.43
CA ALA D 73 -17.76 28.21 -23.81
C ALA D 73 -18.88 28.55 -24.76
N ASN D 74 -19.24 29.82 -24.79
CA ASN D 74 -20.28 30.27 -25.69
C ASN D 74 -19.77 31.55 -26.33
N ILE D 75 -19.66 31.51 -27.64
CA ILE D 75 -19.18 32.64 -28.43
C ILE D 75 -20.29 33.13 -29.35
N PHE D 76 -20.70 34.37 -29.15
CA PHE D 76 -21.77 34.95 -29.95
C PHE D 76 -21.31 36.21 -30.68
N ALA D 77 -21.29 36.13 -32.01
CA ALA D 77 -20.89 37.25 -32.84
C ALA D 77 -22.16 37.80 -33.48
N PRO D 78 -22.55 39.04 -33.13
CA PRO D 78 -23.76 39.67 -33.69
C PRO D 78 -23.77 39.50 -35.21
N ASN D 79 -22.60 39.68 -35.82
CA ASN D 79 -22.44 39.51 -37.26
C ASN D 79 -21.46 38.36 -37.45
N LYS D 80 -21.98 37.16 -37.71
CA LYS D 80 -21.16 35.97 -37.86
C LYS D 80 -19.90 36.15 -38.72
N SER D 81 -20.07 36.69 -39.92
CA SER D 81 -18.93 36.86 -40.81
C SER D 81 -17.94 37.92 -40.33
N SER D 82 -18.28 38.59 -39.23
CA SER D 82 -17.43 39.64 -38.69
C SER D 82 -16.81 39.23 -37.35
N SER D 83 -16.98 37.95 -36.99
CA SER D 83 -16.47 37.41 -35.73
C SER D 83 -14.97 37.62 -35.49
N ALA D 84 -14.62 38.08 -34.30
CA ALA D 84 -13.22 38.29 -33.94
C ALA D 84 -13.08 38.47 -32.43
N ASP D 85 -11.96 38.06 -31.84
CA ASP D 85 -10.76 37.44 -32.35
C ASP D 85 -10.66 35.99 -31.86
N GLY D 86 -11.25 35.71 -30.70
CA GLY D 86 -11.21 34.35 -30.18
C GLY D 86 -10.91 34.25 -28.71
N ILE D 87 -10.89 33.01 -28.23
CA ILE D 87 -10.61 32.73 -26.83
C ILE D 87 -9.54 31.65 -26.79
N ALA D 88 -8.72 31.68 -25.74
CA ALA D 88 -7.67 30.69 -25.64
C ALA D 88 -7.51 30.17 -24.23
N PHE D 89 -7.22 28.89 -24.12
CA PHE D 89 -6.97 28.29 -22.82
C PHE D 89 -5.45 28.42 -22.74
N ALA D 90 -4.92 28.94 -21.65
CA ALA D 90 -3.48 29.14 -21.59
C ALA D 90 -2.77 28.77 -20.31
N LEU D 91 -1.49 28.45 -20.45
CA LEU D 91 -0.63 28.13 -19.33
C LEU D 91 0.43 29.23 -19.43
N VAL D 92 0.46 30.11 -18.44
CA VAL D 92 1.39 31.23 -18.44
C VAL D 92 2.20 31.34 -17.15
N PRO D 93 3.28 32.14 -17.16
CA PRO D 93 4.13 32.36 -15.99
C PRO D 93 3.26 32.92 -14.88
N VAL D 94 3.46 32.47 -13.65
CA VAL D 94 2.62 32.90 -12.55
C VAL D 94 2.19 34.36 -12.44
N GLY D 95 3.11 35.31 -12.40
CA GLY D 95 2.67 36.70 -12.28
C GLY D 95 2.32 37.40 -13.59
N SER D 96 2.38 36.65 -14.69
CA SER D 96 2.10 37.15 -16.03
C SER D 96 1.03 38.24 -16.17
N GLU D 97 1.36 39.25 -16.96
CA GLU D 97 0.46 40.38 -17.24
C GLU D 97 -0.03 40.22 -18.70
N PRO D 98 -1.18 40.80 -19.06
CA PRO D 98 -1.68 40.68 -20.43
C PRO D 98 -0.67 41.07 -21.50
N LYS D 99 -0.77 40.46 -22.67
CA LYS D 99 0.13 40.77 -23.79
C LYS D 99 -0.64 41.54 -24.85
N SER D 100 -0.20 41.45 -26.10
CA SER D 100 -0.84 42.17 -27.19
C SER D 100 -2.30 41.77 -27.36
N ASN D 101 -3.11 42.70 -27.85
CA ASN D 101 -4.53 42.45 -28.01
C ASN D 101 -4.91 41.98 -29.40
N SER D 102 -6.22 41.99 -29.65
CA SER D 102 -6.78 41.56 -30.93
C SER D 102 -6.26 40.19 -31.39
N GLY D 103 -5.64 40.15 -32.57
CA GLY D 103 -5.15 38.90 -33.12
C GLY D 103 -4.20 38.09 -32.25
N PHE D 104 -3.57 38.71 -31.26
CA PHE D 104 -2.65 38.00 -30.39
C PHE D 104 -3.34 37.38 -29.18
N LEU D 105 -4.66 37.54 -29.11
CA LEU D 105 -5.47 36.97 -28.04
C LEU D 105 -5.04 37.28 -26.60
N GLY D 106 -4.16 38.27 -26.43
CA GLY D 106 -3.72 38.65 -25.11
C GLY D 106 -2.69 37.74 -24.46
N VAL D 107 -2.15 36.78 -25.21
CA VAL D 107 -1.17 35.85 -24.66
C VAL D 107 0.19 35.87 -25.35
N PHE D 108 0.25 36.43 -26.56
CA PHE D 108 1.49 36.50 -27.31
C PHE D 108 1.76 37.90 -27.85
N ASP D 109 3.01 38.13 -28.28
CA ASP D 109 3.41 39.42 -28.83
C ASP D 109 3.80 39.35 -30.31
N SER D 110 4.23 38.19 -30.79
CA SER D 110 4.63 38.06 -32.18
C SER D 110 4.30 36.70 -32.76
N ASP D 111 4.55 36.54 -34.06
CA ASP D 111 4.30 35.29 -34.74
C ASP D 111 5.64 34.58 -34.94
N VAL D 112 6.63 35.06 -34.20
CA VAL D 112 7.98 34.48 -34.24
C VAL D 112 8.26 33.75 -32.92
N TYR D 113 8.64 32.49 -33.02
CA TYR D 113 8.92 31.69 -31.83
C TYR D 113 9.81 32.45 -30.85
N ASP D 114 9.33 32.63 -29.62
CA ASP D 114 10.08 33.33 -28.59
C ASP D 114 9.97 32.55 -27.28
N ASN D 115 10.96 31.70 -27.03
CA ASN D 115 10.99 30.87 -25.83
C ASN D 115 10.83 31.66 -24.55
N SER D 116 11.27 32.91 -24.55
CA SER D 116 11.18 33.75 -23.35
C SER D 116 9.73 34.01 -22.95
N ALA D 117 8.80 33.82 -23.89
CA ALA D 117 7.39 34.05 -23.60
C ALA D 117 6.90 33.00 -22.58
N GLN D 118 7.53 31.83 -22.57
CA GLN D 118 7.17 30.77 -21.64
C GLN D 118 5.65 30.58 -21.57
N THR D 119 5.01 30.52 -22.74
CA THR D 119 3.57 30.39 -22.80
C THR D 119 3.09 29.39 -23.85
N VAL D 120 2.13 28.57 -23.47
CA VAL D 120 1.52 27.59 -24.37
C VAL D 120 0.02 27.84 -24.31
N ALA D 121 -0.66 27.75 -25.45
CA ALA D 121 -2.09 27.97 -25.45
C ALA D 121 -2.80 27.17 -26.51
N VAL D 122 -4.07 26.86 -26.26
CA VAL D 122 -4.89 26.18 -27.24
C VAL D 122 -5.88 27.27 -27.61
N GLU D 123 -5.87 27.66 -28.88
CA GLU D 123 -6.75 28.73 -29.33
C GLU D 123 -7.96 28.30 -30.13
N PHE D 124 -8.99 29.13 -30.04
CA PHE D 124 -10.23 28.93 -30.77
C PHE D 124 -10.36 30.28 -31.46
N ASP D 125 -9.69 30.33 -32.61
CA ASP D 125 -9.55 31.48 -33.49
C ASP D 125 -10.72 31.70 -34.43
N THR D 126 -11.46 32.78 -34.22
CA THR D 126 -12.61 33.10 -35.04
C THR D 126 -12.33 34.08 -36.18
N PHE D 127 -11.14 34.68 -36.17
CA PHE D 127 -10.77 35.64 -37.21
C PHE D 127 -9.44 35.31 -37.84
N SER D 128 -9.44 35.20 -39.17
CA SER D 128 -8.25 34.84 -39.89
C SER D 128 -7.26 35.98 -40.17
N ASN D 129 -6.15 36.01 -39.40
CA ASN D 129 -5.07 37.00 -39.55
C ASN D 129 -4.14 36.51 -40.66
N THR D 130 -4.25 37.11 -41.84
CA THR D 130 -3.48 36.71 -43.02
C THR D 130 -1.98 36.43 -42.83
N ASP D 131 -1.34 37.18 -41.93
CA ASP D 131 0.09 36.99 -41.68
C ASP D 131 0.49 35.66 -41.02
N TRP D 132 -0.46 34.95 -40.44
CA TRP D 132 -0.09 33.72 -39.77
C TRP D 132 -1.19 32.69 -39.62
N ASP D 133 -2.41 33.04 -39.99
CA ASP D 133 -3.52 32.11 -39.84
C ASP D 133 -3.95 31.34 -41.08
N PRO D 134 -4.72 30.27 -40.88
CA PRO D 134 -5.22 29.45 -41.97
C PRO D 134 -6.41 30.25 -42.49
N THR D 135 -6.99 29.81 -43.58
CA THR D 135 -8.11 30.51 -44.19
C THR D 135 -9.40 30.61 -43.37
N SER D 136 -9.77 29.54 -42.68
CA SER D 136 -11.00 29.55 -41.90
C SER D 136 -10.79 29.58 -40.39
N ARG D 137 -11.91 29.64 -39.66
CA ARG D 137 -11.87 29.64 -38.22
C ARG D 137 -11.22 28.31 -37.86
N HIS D 138 -10.44 28.29 -36.79
CA HIS D 138 -9.73 27.08 -36.46
C HIS D 138 -9.38 26.91 -34.99
N ILE D 139 -8.99 25.68 -34.64
CA ILE D 139 -8.53 25.35 -33.31
C ILE D 139 -7.04 25.23 -33.54
N GLY D 140 -6.23 25.74 -32.63
CA GLY D 140 -4.80 25.64 -32.84
C GLY D 140 -4.00 25.48 -31.57
N ILE D 141 -2.81 24.90 -31.72
CA ILE D 141 -1.94 24.71 -30.59
C ILE D 141 -0.79 25.71 -30.75
N ASP D 142 -0.71 26.65 -29.82
CA ASP D 142 0.28 27.69 -29.84
C ASP D 142 1.39 27.46 -28.83
N VAL D 143 2.63 27.41 -29.31
CA VAL D 143 3.78 27.21 -28.43
C VAL D 143 4.73 28.40 -28.56
N ASN D 144 4.62 29.33 -27.60
CA ASN D 144 5.45 30.53 -27.58
C ASN D 144 5.43 31.36 -28.87
N SER D 145 4.23 31.43 -29.47
CA SER D 145 4.01 32.16 -30.71
C SER D 145 2.54 32.11 -31.09
N ILE D 146 2.04 33.13 -31.77
CA ILE D 146 0.63 33.17 -32.16
C ILE D 146 0.37 32.34 -33.39
N LYS D 147 1.44 31.94 -34.06
CA LYS D 147 1.34 31.10 -35.25
C LYS D 147 1.34 29.64 -34.77
N SER D 148 0.18 28.99 -34.87
CA SER D 148 0.03 27.61 -34.41
C SER D 148 0.95 26.60 -35.08
N ILE D 149 1.51 25.68 -34.29
CA ILE D 149 2.37 24.65 -34.84
C ILE D 149 1.50 23.58 -35.50
N ARG D 150 0.19 23.68 -35.31
CA ARG D 150 -0.77 22.74 -35.86
C ARG D 150 -2.19 23.29 -35.67
N THR D 151 -3.02 23.20 -36.71
CA THR D 151 -4.38 23.71 -36.59
C THR D 151 -5.35 22.73 -37.22
N ALA D 152 -6.64 22.96 -36.99
CA ALA D 152 -7.69 22.13 -37.55
C ALA D 152 -8.90 23.02 -37.77
N SER D 153 -9.60 22.81 -38.87
CA SER D 153 -10.77 23.62 -39.19
C SER D 153 -11.87 23.45 -38.17
N TRP D 154 -12.51 24.57 -37.85
CA TRP D 154 -13.59 24.56 -36.88
C TRP D 154 -14.80 25.29 -37.43
N GLY D 155 -15.95 24.62 -37.37
CA GLY D 155 -17.20 25.22 -37.83
C GLY D 155 -17.91 25.83 -36.65
N LEU D 156 -17.78 27.14 -36.49
CA LEU D 156 -18.41 27.88 -35.39
C LEU D 156 -19.93 27.88 -35.41
N ALA D 157 -20.53 27.31 -34.37
CA ALA D 157 -21.98 27.30 -34.24
C ALA D 157 -22.26 28.56 -33.42
N ASN D 158 -22.43 29.68 -34.12
CA ASN D 158 -22.65 30.99 -33.49
C ASN D 158 -23.69 31.00 -32.36
N GLY D 159 -23.28 31.48 -31.19
CA GLY D 159 -24.18 31.56 -30.06
C GLY D 159 -24.56 30.24 -29.42
N GLN D 160 -23.93 29.16 -29.87
CA GLN D 160 -24.20 27.82 -29.36
C GLN D 160 -23.07 27.34 -28.46
N ASN D 161 -23.41 26.61 -27.40
CA ASN D 161 -22.39 26.10 -26.48
C ASN D 161 -21.35 25.24 -27.19
N ALA D 162 -20.11 25.41 -26.77
CA ALA D 162 -19.00 24.62 -27.30
C ALA D 162 -18.41 23.87 -26.09
N GLU D 163 -18.41 22.54 -26.14
CA GLU D 163 -17.85 21.75 -25.06
C GLU D 163 -16.44 21.33 -25.45
N ILE D 164 -15.46 21.89 -24.75
CA ILE D 164 -14.07 21.65 -25.04
C ILE D 164 -13.34 20.74 -24.04
N LEU D 165 -12.46 19.89 -24.59
CA LEU D 165 -11.67 18.97 -23.79
C LEU D 165 -10.22 19.05 -24.26
N ILE D 166 -9.32 19.35 -23.33
CA ILE D 166 -7.90 19.45 -23.64
C ILE D 166 -7.16 18.51 -22.69
N THR D 167 -6.29 17.68 -23.25
CA THR D 167 -5.52 16.74 -22.43
C THR D 167 -4.05 16.74 -22.82
N TYR D 168 -3.20 16.47 -21.84
CA TYR D 168 -1.77 16.36 -22.08
C TYR D 168 -1.30 15.04 -21.46
N ASN D 169 -0.72 14.18 -22.29
CA ASN D 169 -0.23 12.87 -21.85
C ASN D 169 1.29 12.92 -21.76
N ALA D 170 1.80 13.03 -20.54
CA ALA D 170 3.25 13.09 -20.35
C ALA D 170 4.01 11.91 -20.96
N ALA D 171 3.39 10.73 -20.98
CA ALA D 171 4.03 9.55 -21.54
C ALA D 171 4.35 9.71 -23.03
N THR D 172 3.43 10.31 -23.78
CA THR D 172 3.63 10.50 -25.20
C THR D 172 3.95 11.94 -25.59
N SER D 173 3.90 12.84 -24.61
CA SER D 173 4.16 14.26 -24.85
C SER D 173 3.16 14.81 -25.85
N LEU D 174 1.99 14.19 -25.92
CA LEU D 174 0.97 14.61 -26.86
C LEU D 174 -0.11 15.50 -26.24
N LEU D 175 -0.40 16.61 -26.91
CA LEU D 175 -1.43 17.52 -26.45
C LEU D 175 -2.58 17.38 -27.43
N VAL D 176 -3.76 17.03 -26.93
CA VAL D 176 -4.93 16.85 -27.77
C VAL D 176 -6.05 17.79 -27.32
N ALA D 177 -6.72 18.39 -28.28
CA ALA D 177 -7.81 19.33 -27.97
C ALA D 177 -8.96 19.04 -28.90
N SER D 178 -10.14 18.88 -28.31
CA SER D 178 -11.32 18.62 -29.11
C SER D 178 -12.42 19.60 -28.74
N LEU D 179 -13.31 19.85 -29.69
CA LEU D 179 -14.40 20.76 -29.46
C LEU D 179 -15.65 20.13 -30.03
N VAL D 180 -16.72 20.18 -29.27
CA VAL D 180 -17.99 19.63 -29.68
C VAL D 180 -19.11 20.66 -29.52
N HIS D 181 -19.95 20.78 -30.55
CA HIS D 181 -21.11 21.68 -30.54
C HIS D 181 -22.27 20.71 -30.53
N PRO D 182 -22.75 20.33 -29.34
CA PRO D 182 -23.88 19.39 -29.24
C PRO D 182 -25.15 19.75 -29.99
N SER D 183 -25.53 21.03 -30.01
CA SER D 183 -26.74 21.41 -30.74
C SER D 183 -26.60 20.91 -32.18
N ARG D 184 -25.46 21.20 -32.81
CA ARG D 184 -25.21 20.78 -34.19
C ARG D 184 -24.70 19.34 -34.36
N ARG D 185 -24.46 18.65 -33.24
CA ARG D 185 -23.95 17.28 -33.26
C ARG D 185 -22.60 17.16 -33.96
N THR D 186 -21.85 18.25 -34.02
CA THR D 186 -20.54 18.25 -34.66
C THR D 186 -19.36 18.10 -33.67
N SER D 187 -18.23 17.61 -34.17
CA SER D 187 -17.05 17.42 -33.35
C SER D 187 -15.77 17.68 -34.12
N TYR D 188 -14.80 18.28 -33.45
CA TYR D 188 -13.53 18.59 -34.08
C TYR D 188 -12.37 18.20 -33.16
N ILE D 189 -11.20 17.95 -33.74
CA ILE D 189 -10.06 17.54 -32.95
C ILE D 189 -8.71 17.87 -33.60
N VAL D 190 -7.79 18.30 -32.76
CA VAL D 190 -6.42 18.67 -33.16
C VAL D 190 -5.43 17.99 -32.21
N SER D 191 -4.25 17.65 -32.71
CA SER D 191 -3.26 17.00 -31.88
C SER D 191 -1.83 17.24 -32.32
N GLU D 192 -0.94 17.47 -31.35
CA GLU D 192 0.47 17.65 -31.69
C GLU D 192 1.35 17.44 -30.46
N ARG D 193 2.61 17.09 -30.69
CA ARG D 193 3.53 16.86 -29.59
C ARG D 193 4.09 18.18 -29.07
N VAL D 194 4.25 18.27 -27.76
CA VAL D 194 4.79 19.49 -27.15
C VAL D 194 5.75 19.10 -26.05
N ASP D 195 7.01 19.54 -26.16
CA ASP D 195 8.02 19.25 -25.15
C ASP D 195 7.80 20.29 -24.05
N ILE D 196 6.81 20.01 -23.20
CA ILE D 196 6.42 20.90 -22.12
C ILE D 196 7.52 21.46 -21.21
N THR D 197 8.41 20.60 -20.72
CA THR D 197 9.47 21.06 -19.82
C THR D 197 10.38 22.09 -20.47
N ASN D 198 10.33 22.18 -21.78
CA ASN D 198 11.18 23.10 -22.50
C ASN D 198 10.51 24.40 -22.93
N GLU D 199 9.17 24.43 -22.93
CA GLU D 199 8.42 25.60 -23.34
C GLU D 199 7.80 26.40 -22.19
N LEU D 200 7.74 25.81 -20.99
CA LEU D 200 7.12 26.48 -19.85
C LEU D 200 7.89 26.37 -18.56
N PRO D 201 7.56 27.23 -17.59
CA PRO D 201 8.25 27.19 -16.30
C PRO D 201 7.66 26.03 -15.49
N GLU D 202 8.32 25.70 -14.38
CA GLU D 202 7.92 24.63 -13.50
C GLU D 202 6.50 24.85 -12.98
N TYR D 203 6.20 26.09 -12.62
CA TYR D 203 4.87 26.45 -12.12
C TYR D 203 4.21 27.44 -13.08
N VAL D 204 2.93 27.22 -13.36
CA VAL D 204 2.20 28.11 -14.25
C VAL D 204 0.81 28.43 -13.71
N SER D 205 0.19 29.42 -14.31
CA SER D 205 -1.17 29.80 -13.96
C SER D 205 -1.95 29.33 -15.16
N ILE D 206 -3.06 28.66 -14.94
CA ILE D 206 -3.88 28.19 -16.03
C ILE D 206 -5.13 29.03 -16.08
N GLY D 207 -5.65 29.25 -17.28
CA GLY D 207 -6.83 30.08 -17.39
C GLY D 207 -7.20 30.39 -18.83
N PHE D 208 -7.96 31.46 -18.99
CA PHE D 208 -8.44 31.87 -20.30
C PHE D 208 -8.04 33.31 -20.65
N SER D 209 -7.98 33.57 -21.96
CA SER D 209 -7.66 34.89 -22.49
C SER D 209 -8.50 35.06 -23.75
N ALA D 210 -9.10 36.23 -23.92
CA ALA D 210 -9.92 36.49 -25.11
C ALA D 210 -9.84 37.97 -25.49
N THR D 211 -10.05 38.23 -26.78
CA THR D 211 -10.00 39.60 -27.30
C THR D 211 -11.00 39.78 -28.42
N THR D 212 -11.30 41.06 -28.70
CA THR D 212 -12.19 41.45 -29.77
C THR D 212 -11.40 42.32 -30.75
N GLY D 213 -11.99 42.56 -31.93
CA GLY D 213 -11.31 43.36 -32.94
C GLY D 213 -11.16 44.85 -32.67
N LEU D 214 -10.36 45.51 -33.49
CA LEU D 214 -10.12 46.94 -33.36
C LEU D 214 -10.89 47.78 -34.40
N SER D 215 -11.54 47.11 -35.35
CA SER D 215 -12.30 47.78 -36.41
C SER D 215 -13.63 48.31 -35.87
N GLU D 216 -14.74 47.84 -36.45
CA GLU D 216 -16.07 48.30 -36.02
C GLU D 216 -17.09 47.20 -35.81
N GLY D 217 -17.09 46.20 -36.68
CA GLY D 217 -18.06 45.13 -36.50
C GLY D 217 -17.37 43.85 -36.06
N TYR D 218 -16.06 43.92 -35.88
CA TYR D 218 -15.27 42.74 -35.53
C TYR D 218 -15.20 42.47 -34.03
N THR D 219 -16.26 41.87 -33.53
CA THR D 219 -16.37 41.56 -32.12
C THR D 219 -17.33 40.40 -31.90
N GLU D 220 -17.33 39.88 -30.68
CA GLU D 220 -18.21 38.77 -30.30
C GLU D 220 -18.03 38.60 -28.82
N THR D 221 -18.93 37.83 -28.19
CA THR D 221 -18.81 37.58 -26.77
C THR D 221 -17.88 36.37 -26.59
N HIS D 222 -17.32 36.24 -25.38
CA HIS D 222 -16.45 35.12 -25.05
C HIS D 222 -16.79 34.68 -23.63
N ASP D 223 -17.82 33.87 -23.49
CA ASP D 223 -18.25 33.42 -22.17
C ASP D 223 -17.92 31.96 -21.85
N VAL D 224 -17.50 31.73 -20.61
CA VAL D 224 -17.18 30.39 -20.15
C VAL D 224 -18.25 30.05 -19.10
N LEU D 225 -18.95 28.92 -19.28
CA LEU D 225 -20.01 28.53 -18.38
C LEU D 225 -19.64 27.55 -17.27
N SER D 226 -18.61 26.73 -17.51
CA SER D 226 -18.18 25.77 -16.51
C SER D 226 -16.73 25.43 -16.80
N TRP D 227 -16.03 24.94 -15.78
CA TRP D 227 -14.62 24.62 -15.96
C TRP D 227 -14.10 23.60 -14.95
N SER D 228 -13.43 22.57 -15.47
CA SER D 228 -12.84 21.51 -14.65
C SER D 228 -11.39 21.34 -15.01
N PHE D 229 -10.60 20.89 -14.04
CA PHE D 229 -9.19 20.66 -14.29
C PHE D 229 -8.63 19.61 -13.33
N ALA D 230 -7.74 18.76 -13.83
CA ALA D 230 -7.15 17.73 -13.01
C ALA D 230 -5.72 17.56 -13.48
N SER D 231 -4.83 17.40 -12.51
CA SER D 231 -3.41 17.26 -12.80
C SER D 231 -2.82 16.14 -11.95
N LYS D 232 -1.83 15.45 -12.49
CA LYS D 232 -1.19 14.34 -11.79
C LYS D 232 0.32 14.38 -12.01
N LEU D 233 1.07 14.65 -10.94
CA LEU D 233 2.53 14.71 -11.03
C LEU D 233 3.15 13.52 -10.31
N PRO D 234 3.80 12.61 -11.05
CA PRO D 234 4.46 11.40 -10.51
C PRO D 234 5.59 11.69 -9.52
N ASP D 235 5.97 10.68 -8.74
CA ASP D 235 7.04 10.83 -7.76
C ASP D 235 8.40 10.65 -8.42
N ASP D 236 8.47 9.68 -9.34
CA ASP D 236 9.70 9.38 -10.06
C ASP D 236 9.58 10.11 -11.40
N SER D 237 10.45 9.80 -12.35
CA SER D 237 10.38 10.44 -13.65
C SER D 237 9.52 9.61 -14.59
N THR D 238 9.06 8.45 -14.12
CA THR D 238 8.24 7.58 -14.96
C THR D 238 6.87 8.22 -15.16
N THR D 239 6.60 8.60 -16.41
CA THR D 239 5.35 9.23 -16.81
C THR D 239 4.15 8.31 -16.77
N GLU D 240 3.08 8.80 -16.14
CA GLU D 240 1.85 8.04 -16.01
C GLU D 240 0.71 8.86 -16.61
N PRO D 241 -0.12 8.25 -17.47
CA PRO D 241 -1.23 8.98 -18.07
C PRO D 241 -2.34 9.19 -17.04
N LEU D 242 -3.45 9.77 -17.48
CA LEU D 242 -4.59 10.06 -16.60
C LEU D 242 -5.84 9.26 -17.03
N ASP D 243 -6.67 8.88 -16.08
CA ASP D 243 -7.90 8.13 -16.39
C ASP D 243 -9.01 9.08 -16.84
N ILE D 244 -9.02 9.45 -18.12
CA ILE D 244 -10.04 10.36 -18.63
C ILE D 244 -11.46 9.88 -18.36
N ALA D 245 -11.63 8.57 -18.22
CA ALA D 245 -12.94 7.99 -17.98
C ALA D 245 -13.62 8.45 -16.68
N SER D 246 -12.98 8.17 -15.54
CA SER D 246 -13.52 8.56 -14.25
C SER D 246 -13.49 10.07 -14.08
N TYR D 247 -12.67 10.74 -14.88
CA TYR D 247 -12.54 12.20 -14.84
C TYR D 247 -13.79 12.82 -15.45
N LEU D 248 -14.17 12.32 -16.62
CA LEU D 248 -15.34 12.82 -17.34
C LEU D 248 -16.61 12.65 -16.53
N VAL D 249 -16.88 11.41 -16.12
CA VAL D 249 -18.07 11.11 -15.35
C VAL D 249 -18.18 11.99 -14.09
N ARG D 250 -17.10 12.10 -13.33
CA ARG D 250 -17.14 12.90 -12.12
C ARG D 250 -17.18 14.42 -12.38
N ASN D 251 -16.38 14.91 -13.32
CA ASN D 251 -16.32 16.34 -13.62
C ASN D 251 -17.30 16.92 -14.66
N VAL D 252 -17.19 16.51 -15.92
CA VAL D 252 -18.04 17.04 -16.97
C VAL D 252 -19.49 16.53 -16.99
N LEU D 253 -19.68 15.33 -17.55
CA LEU D 253 -21.01 14.74 -17.64
C LEU D 253 -21.74 14.77 -16.28
N ALA E 1 27.54 -0.48 3.24
CA ALA E 1 27.49 -1.85 3.81
C ALA E 1 27.32 -2.90 2.71
N ASP E 2 28.43 -3.47 2.25
CA ASP E 2 28.39 -4.48 1.19
C ASP E 2 28.29 -5.92 1.75
N ILE E 3 27.38 -6.70 1.18
CA ILE E 3 27.22 -8.09 1.58
C ILE E 3 27.81 -9.08 0.57
N GLN E 4 28.57 -10.04 1.06
CA GLN E 4 29.17 -11.07 0.22
C GLN E 4 28.53 -12.37 0.72
N SER E 5 28.03 -13.21 -0.18
CA SER E 5 27.43 -14.46 0.26
C SER E 5 27.24 -15.42 -0.90
N PHE E 6 27.34 -16.70 -0.61
CA PHE E 6 27.19 -17.76 -1.60
C PHE E 6 26.62 -18.97 -0.89
N SER E 7 26.06 -19.89 -1.66
CA SER E 7 25.47 -21.10 -1.10
C SER E 7 25.60 -22.22 -2.10
N PHE E 8 26.28 -23.30 -1.71
CA PHE E 8 26.48 -24.43 -2.58
C PHE E 8 25.82 -25.65 -1.99
N LYS E 9 24.75 -26.09 -2.63
CA LYS E 9 24.02 -27.26 -2.20
C LYS E 9 24.78 -28.52 -2.61
N ASN E 10 25.78 -28.35 -3.47
CA ASN E 10 26.63 -29.45 -3.93
C ASN E 10 27.85 -28.80 -4.60
N PHE E 11 28.87 -29.58 -4.91
CA PHE E 11 30.05 -28.99 -5.53
C PHE E 11 30.40 -29.51 -6.92
N ASN E 12 30.96 -28.63 -7.75
CA ASN E 12 31.37 -29.01 -9.10
C ASN E 12 32.80 -28.53 -9.42
N SER E 13 33.75 -28.89 -8.56
CA SER E 13 35.14 -28.48 -8.75
C SER E 13 35.24 -26.98 -9.05
N SER E 14 35.10 -26.63 -10.33
CA SER E 14 35.17 -25.24 -10.82
C SER E 14 34.49 -24.20 -9.94
N SER E 15 35.15 -23.85 -8.84
CA SER E 15 34.63 -22.88 -7.89
C SER E 15 35.62 -22.78 -6.71
N PHE E 16 36.23 -23.92 -6.40
CA PHE E 16 37.19 -24.01 -5.31
C PHE E 16 38.64 -24.09 -5.78
N ILE E 17 39.52 -23.49 -5.01
CA ILE E 17 40.94 -23.56 -5.30
C ILE E 17 41.32 -24.80 -4.48
N LEU E 18 41.65 -25.89 -5.17
CA LEU E 18 42.01 -27.13 -4.51
C LEU E 18 43.52 -27.29 -4.31
N GLN E 19 43.93 -27.67 -3.11
CA GLN E 19 45.34 -27.89 -2.82
C GLN E 19 45.52 -29.28 -2.24
N GLY E 20 46.72 -29.83 -2.38
CA GLY E 20 47.00 -31.16 -1.85
C GLY E 20 46.13 -32.24 -2.47
N ASP E 21 45.59 -33.12 -1.63
CA ASP E 21 44.74 -34.21 -2.11
C ASP E 21 43.28 -33.83 -2.29
N ALA E 22 42.93 -32.57 -2.00
CA ALA E 22 41.55 -32.13 -2.13
C ALA E 22 41.00 -32.45 -3.51
N THR E 23 39.79 -33.01 -3.54
CA THR E 23 39.17 -33.36 -4.80
C THR E 23 37.65 -33.25 -4.75
N VAL E 24 37.03 -33.14 -5.92
CA VAL E 24 35.57 -33.07 -6.00
C VAL E 24 35.09 -34.28 -6.79
N SER E 25 34.16 -35.03 -6.22
CA SER E 25 33.61 -36.21 -6.90
C SER E 25 32.25 -36.54 -6.29
N SER E 26 31.34 -37.05 -7.11
CA SER E 26 30.00 -37.37 -6.64
C SER E 26 29.42 -36.07 -6.09
N SER E 27 29.85 -34.97 -6.68
CA SER E 27 29.42 -33.62 -6.31
C SER E 27 29.61 -33.27 -4.83
N LYS E 28 30.63 -33.85 -4.21
CA LYS E 28 30.94 -33.53 -2.82
C LYS E 28 32.43 -33.22 -2.74
N LEU E 29 32.82 -32.43 -1.73
CA LEU E 29 34.20 -32.05 -1.57
C LEU E 29 34.91 -33.06 -0.66
N ARG E 30 35.87 -33.79 -1.20
CA ARG E 30 36.62 -34.77 -0.41
C ARG E 30 38.02 -34.19 -0.15
N LEU E 31 38.25 -33.75 1.08
CA LEU E 31 39.52 -33.12 1.43
C LEU E 31 40.73 -34.06 1.50
N THR E 32 40.56 -35.26 2.02
CA THR E 32 41.69 -36.18 2.08
C THR E 32 41.46 -37.34 1.11
N LYS E 33 42.55 -37.98 0.69
CA LYS E 33 42.51 -39.08 -0.28
C LYS E 33 41.83 -40.39 0.15
N VAL E 34 41.10 -40.96 -0.79
CA VAL E 34 40.39 -42.22 -0.59
C VAL E 34 40.76 -43.16 -1.74
N LYS E 35 41.14 -44.39 -1.41
CA LYS E 35 41.49 -45.37 -2.44
C LYS E 35 40.23 -45.86 -3.19
N GLY E 36 40.42 -46.72 -4.19
CA GLY E 36 39.31 -47.21 -4.99
C GLY E 36 38.19 -47.86 -4.20
N ASN E 37 38.56 -48.68 -3.22
CA ASN E 37 37.60 -49.38 -2.39
C ASN E 37 36.84 -48.46 -1.44
N GLY E 38 37.17 -47.17 -1.49
CA GLY E 38 36.50 -46.20 -0.63
C GLY E 38 37.07 -46.05 0.76
N LEU E 39 38.29 -46.50 0.98
CA LEU E 39 38.90 -46.40 2.29
C LEU E 39 39.93 -45.26 2.35
N PRO E 40 40.02 -44.58 3.50
CA PRO E 40 40.93 -43.46 3.75
C PRO E 40 42.40 -43.84 3.60
N THR E 41 43.22 -42.83 3.30
CA THR E 41 44.65 -42.98 3.10
C THR E 41 45.44 -42.38 4.26
N LEU E 42 46.72 -42.72 4.37
CA LEU E 42 47.56 -42.16 5.42
C LEU E 42 48.34 -40.97 4.88
N SER E 43 48.77 -40.09 5.76
CA SER E 43 49.56 -38.92 5.35
C SER E 43 48.87 -38.05 4.29
N SER E 44 47.56 -37.95 4.35
CA SER E 44 46.84 -37.14 3.39
C SER E 44 46.67 -35.73 3.92
N LEU E 45 46.65 -34.77 3.00
CA LEU E 45 46.49 -33.37 3.35
C LEU E 45 45.78 -32.72 2.18
N GLY E 46 44.66 -32.07 2.46
CA GLY E 46 43.90 -31.41 1.41
C GLY E 46 43.29 -30.12 1.92
N ARG E 47 43.21 -29.14 1.04
CA ARG E 47 42.63 -27.86 1.40
C ARG E 47 41.80 -27.38 0.21
N ALA E 48 40.77 -26.60 0.50
CA ALA E 48 39.89 -26.07 -0.53
C ALA E 48 39.38 -24.71 -0.08
N PHE E 49 39.52 -23.71 -0.94
CA PHE E 49 39.10 -22.35 -0.61
C PHE E 49 38.19 -21.74 -1.66
N TYR E 50 37.34 -20.80 -1.24
CA TYR E 50 36.47 -20.12 -2.17
C TYR E 50 37.49 -19.31 -3.01
N SER E 51 37.34 -19.35 -4.33
CA SER E 51 38.30 -18.66 -5.19
C SER E 51 38.28 -17.15 -5.08
N SER E 52 37.29 -16.57 -4.42
CA SER E 52 37.25 -15.13 -4.29
C SER E 52 37.52 -14.65 -2.87
N PRO E 53 38.53 -13.79 -2.69
CA PRO E 53 38.87 -13.28 -1.35
C PRO E 53 37.71 -12.64 -0.62
N ILE E 54 37.77 -12.63 0.70
CA ILE E 54 36.74 -11.97 1.50
C ILE E 54 37.41 -10.87 2.33
N GLN E 55 36.81 -9.70 2.37
CA GLN E 55 37.35 -8.61 3.15
C GLN E 55 36.76 -8.71 4.56
N ILE E 56 37.61 -9.02 5.53
CA ILE E 56 37.22 -9.19 6.93
C ILE E 56 37.04 -7.88 7.69
N TYR E 57 37.80 -6.87 7.32
CA TYR E 57 37.72 -5.56 7.94
C TYR E 57 38.34 -4.53 7.02
N ASP E 58 38.14 -3.25 7.34
CA ASP E 58 38.70 -2.18 6.53
C ASP E 58 39.63 -1.36 7.41
N LYS E 59 40.93 -1.44 7.13
CA LYS E 59 41.93 -0.73 7.92
C LYS E 59 41.71 0.79 7.99
N SER E 60 41.32 1.39 6.87
CA SER E 60 41.11 2.83 6.82
C SER E 60 39.84 3.36 7.48
N THR E 61 38.80 2.55 7.61
CA THR E 61 37.56 3.02 8.23
C THR E 61 37.32 2.41 9.60
N GLY E 62 38.17 1.46 10.00
CA GLY E 62 38.02 0.80 11.28
C GLY E 62 36.86 -0.17 11.35
N ALA E 63 36.16 -0.34 10.23
CA ALA E 63 35.02 -1.24 10.17
C ALA E 63 35.44 -2.71 10.23
N VAL E 64 34.68 -3.50 10.97
CA VAL E 64 34.95 -4.93 11.09
C VAL E 64 33.69 -5.68 10.68
N ALA E 65 33.85 -6.62 9.77
CA ALA E 65 32.72 -7.40 9.27
C ALA E 65 32.20 -8.46 10.22
N SER E 66 30.92 -8.77 10.06
CA SER E 66 30.27 -9.84 10.81
C SER E 66 29.99 -10.87 9.73
N TRP E 67 30.18 -12.14 10.04
CA TRP E 67 29.92 -13.17 9.06
C TRP E 67 29.43 -14.45 9.70
N ALA E 68 29.00 -15.37 8.85
CA ALA E 68 28.51 -16.65 9.30
C ALA E 68 28.71 -17.65 8.18
N THR E 69 28.98 -18.89 8.55
CA THR E 69 29.17 -19.90 7.55
C THR E 69 28.55 -21.18 8.09
N SER E 70 28.02 -22.00 7.19
CA SER E 70 27.44 -23.25 7.59
C SER E 70 27.80 -24.28 6.53
N PHE E 71 28.05 -25.49 6.97
CA PHE E 71 28.37 -26.56 6.05
C PHE E 71 28.04 -27.88 6.70
N THR E 72 27.87 -28.90 5.88
CA THR E 72 27.58 -30.22 6.38
C THR E 72 28.81 -31.06 6.04
N ALA E 73 29.37 -31.70 7.06
CA ALA E 73 30.55 -32.53 6.88
C ALA E 73 30.24 -33.96 7.28
N ASN E 74 30.98 -34.89 6.71
CA ASN E 74 30.82 -36.28 7.05
C ASN E 74 32.21 -36.86 7.22
N ILE E 75 32.47 -37.35 8.42
CA ILE E 75 33.74 -37.92 8.78
C ILE E 75 33.55 -39.40 9.12
N PHE E 76 34.19 -40.25 8.34
CA PHE E 76 34.10 -41.69 8.54
C PHE E 76 35.44 -42.33 8.79
N ALA E 77 35.62 -42.86 9.99
CA ALA E 77 36.85 -43.53 10.39
C ALA E 77 36.58 -45.02 10.41
N PRO E 78 37.20 -45.79 9.50
CA PRO E 78 37.01 -47.24 9.44
C PRO E 78 37.11 -47.85 10.84
N ASN E 79 38.09 -47.36 11.61
CA ASN E 79 38.29 -47.80 12.98
C ASN E 79 38.07 -46.57 13.85
N LYS E 80 36.87 -46.44 14.42
CA LYS E 80 36.53 -45.29 15.24
C LYS E 80 37.60 -44.86 16.24
N SER E 81 38.10 -45.80 17.04
CA SER E 81 39.10 -45.45 18.05
C SER E 81 40.45 -45.06 17.46
N SER E 82 40.56 -45.16 16.14
CA SER E 82 41.81 -44.84 15.45
C SER E 82 41.68 -43.56 14.60
N SER E 83 40.55 -42.87 14.74
CA SER E 83 40.26 -41.66 13.99
C SER E 83 41.32 -40.58 14.07
N ALA E 84 41.70 -40.04 12.92
CA ALA E 84 42.69 -38.96 12.87
C ALA E 84 42.67 -38.26 11.52
N ASP E 85 42.97 -36.98 11.44
CA ASP E 85 43.34 -35.99 12.45
C ASP E 85 42.23 -34.96 12.62
N GLY E 86 41.46 -34.72 11.56
CA GLY E 86 40.38 -33.76 11.68
C GLY E 86 40.24 -32.83 10.49
N ILE E 87 39.25 -31.96 10.57
CA ILE E 87 38.98 -31.00 9.52
C ILE E 87 38.85 -29.63 10.19
N ALA E 88 39.22 -28.59 9.46
CA ALA E 88 39.12 -27.26 10.03
C ALA E 88 38.59 -26.25 9.04
N PHE E 89 37.78 -25.32 9.54
CA PHE E 89 37.28 -24.25 8.70
C PHE E 89 38.34 -23.17 8.96
N ALA E 90 38.91 -22.59 7.92
CA ALA E 90 39.94 -21.60 8.15
C ALA E 90 39.90 -20.31 7.34
N LEU E 91 40.47 -19.27 7.94
CA LEU E 91 40.62 -17.97 7.30
C LEU E 91 42.13 -17.80 7.21
N VAL E 92 42.65 -17.82 5.98
CA VAL E 92 44.09 -17.71 5.77
C VAL E 92 44.47 -16.60 4.78
N PRO E 93 45.77 -16.23 4.75
CA PRO E 93 46.28 -15.19 3.86
C PRO E 93 45.99 -15.64 2.43
N VAL E 94 45.57 -14.71 1.58
CA VAL E 94 45.19 -15.04 0.22
C VAL E 94 46.00 -16.06 -0.58
N GLY E 95 47.29 -15.86 -0.75
CA GLY E 95 48.04 -16.86 -1.52
C GLY E 95 48.56 -18.06 -0.74
N SER E 96 48.20 -18.11 0.54
CA SER E 96 48.62 -19.17 1.46
C SER E 96 48.80 -20.59 0.87
N GLU E 97 49.90 -21.23 1.25
CA GLU E 97 50.24 -22.59 0.82
C GLU E 97 50.04 -23.50 2.04
N PRO E 98 49.81 -24.80 1.83
CA PRO E 98 49.62 -25.72 2.96
C PRO E 98 50.73 -25.66 4.00
N LYS E 99 50.38 -25.93 5.25
CA LYS E 99 51.36 -25.94 6.33
C LYS E 99 51.64 -27.37 6.76
N SER E 100 52.05 -27.56 8.01
CA SER E 100 52.36 -28.90 8.51
C SER E 100 51.17 -29.83 8.46
N ASN E 101 51.44 -31.12 8.29
CA ASN E 101 50.38 -32.10 8.19
C ASN E 101 50.00 -32.77 9.51
N SER E 102 49.22 -33.83 9.41
CA SER E 102 48.76 -34.58 10.56
C SER E 102 48.12 -33.72 11.64
N GLY E 103 48.67 -33.76 12.85
CA GLY E 103 48.13 -32.99 13.96
C GLY E 103 47.98 -31.49 13.76
N PHE E 104 48.69 -30.93 12.80
CA PHE E 104 48.60 -29.49 12.55
C PHE E 104 47.49 -29.14 11.55
N LEU E 105 46.76 -30.15 11.09
CA LEU E 105 45.65 -29.97 10.17
C LEU E 105 45.92 -29.18 8.90
N GLY E 106 47.19 -28.98 8.57
CA GLY E 106 47.56 -28.25 7.37
C GLY E 106 47.41 -26.74 7.42
N VAL E 107 47.14 -26.19 8.61
CA VAL E 107 46.97 -24.75 8.74
C VAL E 107 47.96 -24.06 9.69
N PHE E 108 48.62 -24.84 10.53
CA PHE E 108 49.58 -24.31 11.49
C PHE E 108 50.90 -25.08 11.47
N ASP E 109 51.94 -24.48 12.08
CA ASP E 109 53.25 -25.11 12.15
C ASP E 109 53.70 -25.44 13.57
N SER E 110 53.16 -24.73 14.55
CA SER E 110 53.54 -25.00 15.95
C SER E 110 52.39 -24.80 16.92
N ASP E 111 52.66 -25.11 18.18
CA ASP E 111 51.65 -24.94 19.22
C ASP E 111 52.00 -23.70 20.02
N VAL E 112 52.87 -22.87 19.44
CA VAL E 112 53.30 -21.63 20.05
C VAL E 112 52.71 -20.46 19.26
N TYR E 113 52.00 -19.57 19.94
CA TYR E 113 51.39 -18.42 19.27
C TYR E 113 52.36 -17.71 18.34
N ASP E 114 52.01 -17.62 17.06
CA ASP E 114 52.84 -16.97 16.07
C ASP E 114 51.97 -16.07 15.20
N ASN E 115 51.92 -14.79 15.57
CA ASN E 115 51.12 -13.80 14.86
C ASN E 115 51.40 -13.75 13.36
N SER E 116 52.62 -14.09 12.97
CA SER E 116 52.99 -14.04 11.56
C SER E 116 52.21 -15.07 10.74
N ALA E 117 51.64 -16.07 11.40
CA ALA E 117 50.86 -17.08 10.70
C ALA E 117 49.60 -16.45 10.10
N GLN E 118 49.12 -15.38 10.73
CA GLN E 118 47.92 -14.67 10.24
C GLN E 118 46.81 -15.66 9.86
N THR E 119 46.55 -16.62 10.74
CA THR E 119 45.54 -17.63 10.50
C THR E 119 44.66 -17.94 11.70
N VAL E 120 43.36 -18.05 11.45
CA VAL E 120 42.39 -18.38 12.50
C VAL E 120 41.61 -19.58 11.95
N ALA E 121 41.29 -20.53 12.82
CA ALA E 121 40.56 -21.69 12.37
C ALA E 121 39.68 -22.28 13.45
N VAL E 122 38.60 -22.93 13.01
CA VAL E 122 37.72 -23.61 13.95
C VAL E 122 37.98 -25.06 13.59
N GLU E 123 38.47 -25.83 14.55
CA GLU E 123 38.81 -27.22 14.29
C GLU E 123 37.84 -28.23 14.86
N PHE E 124 37.80 -29.38 14.20
CA PHE E 124 36.99 -30.51 14.59
C PHE E 124 38.05 -31.61 14.63
N ASP E 125 38.69 -31.66 15.80
CA ASP E 125 39.80 -32.54 16.14
C ASP E 125 39.36 -33.92 16.59
N THR E 126 39.69 -34.93 15.78
CA THR E 126 39.32 -36.31 16.09
C THR E 126 40.42 -37.12 16.76
N PHE E 127 41.64 -36.55 16.83
CA PHE E 127 42.77 -37.25 17.44
C PHE E 127 43.46 -36.39 18.47
N SER E 128 43.60 -36.92 19.67
CA SER E 128 44.20 -36.19 20.76
C SER E 128 45.73 -36.18 20.79
N ASN E 129 46.32 -35.07 20.37
CA ASN E 129 47.77 -34.88 20.38
C ASN E 129 48.03 -34.40 21.81
N THR E 130 48.71 -35.23 22.59
CA THR E 130 48.95 -34.93 24.00
C THR E 130 49.68 -33.65 24.40
N ASP E 131 50.55 -33.11 23.54
CA ASP E 131 51.25 -31.89 23.94
C ASP E 131 50.42 -30.62 23.86
N TRP E 132 49.22 -30.70 23.29
CA TRP E 132 48.41 -29.49 23.23
C TRP E 132 46.93 -29.76 23.20
N ASP E 133 46.54 -31.03 23.05
CA ASP E 133 45.11 -31.31 23.01
C ASP E 133 44.46 -31.77 24.30
N PRO E 134 43.13 -31.69 24.35
CA PRO E 134 42.37 -32.12 25.52
C PRO E 134 42.31 -33.63 25.35
N THR E 135 41.78 -34.32 26.35
CA THR E 135 41.69 -35.77 26.32
C THR E 135 40.83 -36.39 25.23
N SER E 136 39.68 -35.80 24.96
CA SER E 136 38.78 -36.36 23.96
C SER E 136 38.69 -35.55 22.66
N ARG E 137 37.90 -36.07 21.73
CA ARG E 137 37.69 -35.39 20.46
C ARG E 137 37.04 -34.07 20.85
N HIS E 138 37.33 -33.01 20.10
CA HIS E 138 36.81 -31.72 20.48
C HIS E 138 36.68 -30.72 19.34
N ILE E 139 35.94 -29.65 19.63
CA ILE E 139 35.77 -28.55 18.71
C ILE E 139 36.65 -27.49 19.34
N GLY E 140 37.41 -26.76 18.54
CA GLY E 140 38.28 -25.76 19.13
C GLY E 140 38.47 -24.54 18.28
N ILE E 141 38.79 -23.42 18.94
CA ILE E 141 39.02 -22.18 18.24
C ILE E 141 40.53 -21.94 18.27
N ASP E 142 41.14 -21.95 17.09
CA ASP E 142 42.57 -21.77 16.95
C ASP E 142 42.94 -20.39 16.42
N VAL E 143 43.75 -19.67 17.18
CA VAL E 143 44.19 -18.34 16.78
C VAL E 143 45.72 -18.32 16.66
N ASN E 144 46.19 -18.45 15.43
CA ASN E 144 47.63 -18.45 15.13
C ASN E 144 48.43 -19.46 15.92
N SER E 145 47.83 -20.65 16.13
CA SER E 145 48.46 -21.74 16.86
C SER E 145 47.54 -22.96 16.84
N ILE E 146 48.13 -24.15 16.86
CA ILE E 146 47.34 -25.36 16.86
C ILE E 146 46.78 -25.62 18.27
N LYS E 147 47.30 -24.93 19.28
CA LYS E 147 46.78 -25.13 20.63
C LYS E 147 45.60 -24.17 20.80
N SER E 148 44.38 -24.72 20.80
CA SER E 148 43.16 -23.92 20.92
C SER E 148 43.13 -23.03 22.14
N ILE E 149 42.54 -21.84 21.99
CA ILE E 149 42.41 -20.92 23.10
C ILE E 149 41.15 -21.28 23.89
N ARG E 150 40.36 -22.22 23.35
CA ARG E 150 39.13 -22.67 23.96
C ARG E 150 38.61 -23.90 23.22
N THR E 151 38.19 -24.93 23.95
CA THR E 151 37.70 -26.13 23.31
C THR E 151 36.44 -26.62 24.01
N ALA E 152 35.77 -27.58 23.40
CA ALA E 152 34.56 -28.17 23.94
C ALA E 152 34.51 -29.61 23.47
N SER E 153 34.08 -30.52 24.34
CA SER E 153 34.00 -31.92 24.00
C SER E 153 33.01 -32.18 22.89
N TRP E 154 33.38 -33.09 22.00
CA TRP E 154 32.54 -33.42 20.89
C TRP E 154 32.42 -34.94 20.76
N GLY E 155 31.17 -35.41 20.69
CA GLY E 155 30.93 -36.84 20.53
C GLY E 155 30.72 -37.14 19.07
N LEU E 156 31.77 -37.68 18.44
CA LEU E 156 31.76 -38.02 17.02
C LEU E 156 30.79 -39.12 16.63
N ALA E 157 29.82 -38.80 15.80
CA ALA E 157 28.87 -39.80 15.32
C ALA E 157 29.52 -40.30 14.02
N ASN E 158 30.36 -41.32 14.14
CA ASN E 158 31.10 -41.87 13.01
C ASN E 158 30.27 -42.14 11.76
N GLY E 159 30.71 -41.56 10.64
CA GLY E 159 30.01 -41.75 9.38
C GLY E 159 28.67 -41.05 9.26
N GLN E 160 28.34 -40.23 10.24
CA GLN E 160 27.07 -39.51 10.26
C GLN E 160 27.28 -38.04 9.93
N ASN E 161 26.34 -37.43 9.21
CA ASN E 161 26.45 -36.03 8.88
C ASN E 161 26.57 -35.13 10.11
N ALA E 162 27.42 -34.12 10.00
CA ALA E 162 27.62 -33.14 11.05
C ALA E 162 27.23 -31.77 10.45
N GLU E 163 26.23 -31.12 11.03
CA GLU E 163 25.81 -29.81 10.53
C GLU E 163 26.44 -28.74 11.40
N ILE E 164 27.37 -28.01 10.79
CA ILE E 164 28.13 -26.99 11.50
C ILE E 164 27.76 -25.54 11.18
N LEU E 165 27.74 -24.71 12.22
CA LEU E 165 27.41 -23.30 12.10
C LEU E 165 28.47 -22.48 12.84
N ILE E 166 29.12 -21.58 12.12
CA ILE E 166 30.14 -20.73 12.72
C ILE E 166 29.76 -19.27 12.45
N THR E 167 29.76 -18.45 13.50
CA THR E 167 29.41 -17.05 13.34
C THR E 167 30.40 -16.14 14.06
N TYR E 168 30.57 -14.94 13.52
CA TYR E 168 31.43 -13.95 14.13
C TYR E 168 30.64 -12.65 14.25
N ASN E 169 30.49 -12.14 15.47
CA ASN E 169 29.74 -10.92 15.72
C ASN E 169 30.72 -9.79 16.01
N ALA E 170 30.94 -8.93 15.04
CA ALA E 170 31.87 -7.82 15.20
C ALA E 170 31.56 -6.94 16.42
N ALA E 171 30.28 -6.79 16.74
CA ALA E 171 29.88 -5.95 17.87
C ALA E 171 30.44 -6.47 19.20
N THR E 172 30.45 -7.78 19.38
CA THR E 172 30.93 -8.37 20.62
C THR E 172 32.29 -9.04 20.46
N SER E 173 32.78 -9.12 19.23
CA SER E 173 34.06 -9.77 18.93
C SER E 173 34.00 -11.23 19.33
N LEU E 174 32.80 -11.79 19.36
CA LEU E 174 32.63 -13.18 19.75
C LEU E 174 32.52 -14.15 18.57
N LEU E 175 33.28 -15.22 18.64
CA LEU E 175 33.24 -16.25 17.60
C LEU E 175 32.56 -17.46 18.24
N VAL E 176 31.47 -17.92 17.64
CA VAL E 176 30.72 -19.05 18.15
C VAL E 176 30.67 -20.14 17.09
N ALA E 177 30.84 -21.39 17.53
CA ALA E 177 30.82 -22.52 16.61
C ALA E 177 30.01 -23.62 17.24
N SER E 178 29.05 -24.16 16.49
CA SER E 178 28.22 -25.24 16.99
C SER E 178 28.22 -26.37 16.00
N LEU E 179 28.01 -27.58 16.50
CA LEU E 179 27.97 -28.76 15.66
C LEU E 179 26.78 -29.60 16.11
N VAL E 180 26.02 -30.08 15.13
CA VAL E 180 24.86 -30.88 15.40
C VAL E 180 24.89 -32.17 14.57
N HIS E 181 24.63 -33.30 15.22
CA HIS E 181 24.57 -34.60 14.55
C HIS E 181 23.10 -34.95 14.63
N PRO E 182 22.32 -34.59 13.61
CA PRO E 182 20.89 -34.88 13.62
C PRO E 182 20.48 -36.33 13.82
N SER E 183 21.24 -37.27 13.28
CA SER E 183 20.88 -38.69 13.41
C SER E 183 21.05 -39.24 14.81
N ARG E 184 21.80 -38.56 15.66
CA ARG E 184 22.03 -38.99 17.04
C ARG E 184 21.44 -37.92 17.94
N ARG E 185 20.86 -36.89 17.33
CA ARG E 185 20.23 -35.79 18.04
C ARG E 185 21.14 -35.07 19.05
N THR E 186 22.45 -35.14 18.84
CA THR E 186 23.36 -34.45 19.75
C THR E 186 23.78 -33.09 19.20
N SER E 187 24.27 -32.23 20.08
CA SER E 187 24.70 -30.91 19.69
C SER E 187 25.79 -30.38 20.62
N TYR E 188 26.75 -29.65 20.06
CA TYR E 188 27.85 -29.09 20.83
C TYR E 188 28.11 -27.65 20.41
N ILE E 189 28.79 -26.90 21.28
CA ILE E 189 29.05 -25.50 20.98
C ILE E 189 30.26 -24.98 21.77
N VAL E 190 30.97 -24.01 21.19
CA VAL E 190 32.12 -23.38 21.83
C VAL E 190 32.03 -21.91 21.51
N SER E 191 32.56 -21.08 22.37
CA SER E 191 32.56 -19.65 22.13
C SER E 191 33.77 -19.02 22.81
N GLU E 192 34.30 -17.98 22.20
CA GLU E 192 35.45 -17.27 22.73
C GLU E 192 35.64 -15.97 21.94
N ARG E 193 36.23 -14.97 22.57
CA ARG E 193 36.45 -13.70 21.90
C ARG E 193 37.67 -13.76 21.02
N VAL E 194 37.62 -13.07 19.89
CA VAL E 194 38.77 -13.03 19.01
C VAL E 194 38.92 -11.63 18.45
N ASP E 195 40.06 -11.01 18.68
CA ASP E 195 40.32 -9.67 18.15
C ASP E 195 40.79 -9.87 16.71
N ILE E 196 39.82 -10.05 15.83
CA ILE E 196 40.07 -10.33 14.43
C ILE E 196 41.04 -9.41 13.68
N THR E 197 40.88 -8.10 13.82
CA THR E 197 41.75 -7.16 13.11
C THR E 197 43.21 -7.32 13.49
N ASN E 198 43.46 -7.99 14.60
CA ASN E 198 44.82 -8.17 15.08
C ASN E 198 45.44 -9.52 14.76
N GLU E 199 44.61 -10.50 14.43
CA GLU E 199 45.09 -11.85 14.11
C GLU E 199 45.12 -12.20 12.63
N LEU E 200 44.43 -11.42 11.81
CA LEU E 200 44.36 -11.70 10.37
C LEU E 200 44.56 -10.50 9.46
N PRO E 201 44.84 -10.75 8.19
CA PRO E 201 45.03 -9.66 7.25
C PRO E 201 43.66 -9.12 6.84
N GLU E 202 43.66 -7.97 6.17
CA GLU E 202 42.43 -7.33 5.72
C GLU E 202 41.62 -8.25 4.80
N TYR E 203 42.31 -8.95 3.92
CA TYR E 203 41.65 -9.88 3.01
C TYR E 203 42.13 -11.29 3.28
N VAL E 204 41.21 -12.25 3.29
CA VAL E 204 41.56 -13.63 3.53
C VAL E 204 40.84 -14.57 2.58
N SER E 205 41.31 -15.80 2.54
CA SER E 205 40.67 -16.84 1.74
C SER E 205 40.01 -17.71 2.80
N ILE E 206 38.75 -18.07 2.59
CA ILE E 206 38.04 -18.91 3.54
C ILE E 206 37.90 -20.29 2.91
N GLY E 207 37.95 -21.31 3.75
CA GLY E 207 37.84 -22.66 3.23
C GLY E 207 38.08 -23.73 4.28
N PHE E 208 38.44 -24.92 3.80
CA PHE E 208 38.66 -26.05 4.65
C PHE E 208 40.05 -26.67 4.50
N SER E 209 40.50 -27.33 5.56
CA SER E 209 41.78 -28.02 5.57
C SER E 209 41.58 -29.28 6.39
N ALA E 210 42.12 -30.40 5.92
CA ALA E 210 41.99 -31.66 6.65
C ALA E 210 43.21 -32.54 6.43
N THR E 211 43.49 -33.41 7.40
CA THR E 211 44.63 -34.31 7.33
C THR E 211 44.32 -35.64 8.01
N THR E 212 45.14 -36.63 7.71
CA THR E 212 45.02 -37.93 8.31
C THR E 212 46.36 -38.21 8.98
N GLY E 213 46.39 -39.21 9.88
CA GLY E 213 47.60 -39.54 10.61
C GLY E 213 48.69 -40.25 9.83
N LEU E 214 49.87 -40.32 10.45
CA LEU E 214 51.03 -40.93 9.82
C LEU E 214 51.34 -42.36 10.23
N SER E 215 50.60 -42.88 11.21
CA SER E 215 50.83 -44.22 11.73
C SER E 215 50.28 -45.40 10.95
N GLU E 216 49.40 -46.17 11.56
CA GLU E 216 48.89 -47.35 10.86
C GLU E 216 47.45 -47.27 10.38
N GLY E 217 46.51 -47.18 11.31
CA GLY E 217 45.13 -47.07 10.90
C GLY E 217 44.58 -45.71 11.27
N TYR E 218 45.46 -44.78 11.59
CA TYR E 218 45.00 -43.46 11.97
C TYR E 218 44.61 -42.61 10.78
N THR E 219 43.39 -42.85 10.30
CA THR E 219 42.87 -42.13 9.16
C THR E 219 41.34 -42.13 9.19
N GLU E 220 40.75 -41.32 8.32
CA GLU E 220 39.29 -41.21 8.22
C GLU E 220 39.03 -40.34 7.02
N THR E 221 37.79 -40.31 6.55
CA THR E 221 37.44 -39.46 5.43
C THR E 221 37.08 -38.08 5.99
N HIS E 222 37.15 -37.06 5.13
CA HIS E 222 36.80 -35.71 5.51
C HIS E 222 36.02 -35.09 4.35
N ASP E 223 34.71 -35.38 4.30
CA ASP E 223 33.90 -34.85 3.20
C ASP E 223 32.96 -33.72 3.59
N VAL E 224 32.85 -32.73 2.69
CA VAL E 224 31.97 -31.60 2.90
C VAL E 224 30.86 -31.74 1.85
N LEU E 225 29.60 -31.72 2.28
CA LEU E 225 28.47 -31.91 1.37
C LEU E 225 27.80 -30.64 0.89
N SER E 226 27.87 -29.58 1.68
CA SER E 226 27.25 -28.33 1.29
C SER E 226 27.96 -27.21 2.06
N TRP E 227 27.85 -25.98 1.55
CA TRP E 227 28.54 -24.87 2.19
C TRP E 227 27.93 -23.52 1.84
N SER E 228 27.65 -22.74 2.87
CA SER E 228 27.10 -21.39 2.72
C SER E 228 27.95 -20.40 3.49
N PHE E 229 27.96 -19.16 3.02
CA PHE E 229 28.72 -18.12 3.68
C PHE E 229 28.12 -16.74 3.39
N ALA E 230 28.12 -15.89 4.40
CA ALA E 230 27.58 -14.55 4.25
C ALA E 230 28.43 -13.61 5.09
N SER E 231 28.73 -12.45 4.52
CA SER E 231 29.56 -11.47 5.19
C SER E 231 28.95 -10.08 5.05
N LYS E 232 29.14 -9.26 6.06
CA LYS E 232 28.60 -7.90 6.04
C LYS E 232 29.63 -6.90 6.59
N LEU E 233 30.12 -6.02 5.74
CA LEU E 233 31.11 -5.03 6.16
C LEU E 233 30.48 -3.64 6.16
N PRO E 234 30.33 -3.02 7.35
CA PRO E 234 29.75 -1.69 7.53
C PRO E 234 30.53 -0.56 6.83
N ASP E 235 29.88 0.59 6.65
CA ASP E 235 30.52 1.75 6.01
C ASP E 235 31.31 2.61 6.98
N ASP E 236 30.96 2.52 8.27
CA ASP E 236 31.62 3.30 9.33
C ASP E 236 32.23 2.34 10.34
N SER E 237 32.56 2.87 11.51
CA SER E 237 33.12 2.06 12.59
C SER E 237 31.96 1.35 13.24
N LEU E 242 24.82 -9.60 12.56
CA LEU E 242 24.12 -10.10 11.37
C LEU E 242 22.78 -10.71 11.77
N ASP E 243 21.94 -11.02 10.79
CA ASP E 243 20.65 -11.64 11.09
C ASP E 243 20.77 -13.15 10.85
N ILE E 244 20.96 -13.90 11.92
CA ILE E 244 21.10 -15.34 11.85
C ILE E 244 19.82 -16.04 11.41
N ALA E 245 18.67 -15.49 11.79
CA ALA E 245 17.39 -16.09 11.44
C ALA E 245 17.15 -16.15 9.93
N SER E 246 17.31 -15.02 9.25
CA SER E 246 17.07 -14.95 7.80
C SER E 246 18.08 -15.77 7.01
N TYR E 247 19.33 -15.76 7.48
CA TYR E 247 20.41 -16.51 6.87
C TYR E 247 20.06 -17.99 6.86
N LEU E 248 20.02 -18.57 8.05
CA LEU E 248 19.70 -19.98 8.24
C LEU E 248 18.55 -20.46 7.36
N VAL E 249 17.38 -19.89 7.57
CA VAL E 249 16.21 -20.27 6.79
C VAL E 249 16.47 -20.13 5.30
N ARG E 250 17.26 -19.13 4.91
CA ARG E 250 17.55 -18.90 3.50
C ARG E 250 18.85 -19.53 2.98
N ASN E 251 19.49 -20.41 3.76
CA ASN E 251 20.74 -21.04 3.30
C ASN E 251 21.10 -22.42 3.87
N VAL E 252 20.38 -22.93 4.87
CA VAL E 252 20.72 -24.25 5.43
C VAL E 252 19.54 -25.15 5.81
N LEU E 253 18.44 -24.57 6.28
CA LEU E 253 17.27 -25.36 6.66
C LEU E 253 16.38 -25.59 5.43
N ALA F 1 7.57 -21.23 -2.62
CA ALA F 1 8.41 -20.86 -1.44
C ALA F 1 7.93 -19.56 -0.80
N ASP F 2 7.23 -19.69 0.32
CA ASP F 2 6.72 -18.54 1.05
C ASP F 2 7.62 -18.29 2.28
N ILE F 3 8.22 -17.10 2.32
CA ILE F 3 9.16 -16.68 3.37
C ILE F 3 8.67 -15.60 4.35
N GLN F 4 7.96 -15.99 5.40
CA GLN F 4 7.50 -15.01 6.41
C GLN F 4 8.69 -14.63 7.28
N SER F 5 8.88 -13.35 7.54
CA SER F 5 10.00 -12.91 8.38
C SER F 5 9.83 -11.49 8.90
N PHE F 6 10.50 -11.17 10.01
CA PHE F 6 10.46 -9.84 10.59
C PHE F 6 11.68 -9.69 11.49
N SER F 7 12.04 -8.45 11.77
CA SER F 7 13.18 -8.18 12.62
C SER F 7 12.95 -6.88 13.37
N PHE F 8 12.96 -6.96 14.70
CA PHE F 8 12.75 -5.78 15.53
C PHE F 8 14.02 -5.56 16.36
N LYS F 9 14.83 -4.58 15.94
CA LYS F 9 16.06 -4.27 16.67
C LYS F 9 15.69 -3.57 17.99
N ASN F 10 14.47 -3.04 18.06
CA ASN F 10 13.94 -2.37 19.25
C ASN F 10 12.42 -2.42 19.14
N PHE F 11 11.71 -2.08 20.20
CA PHE F 11 10.26 -2.12 20.12
C PHE F 11 9.60 -0.74 20.19
N ASN F 12 10.30 0.26 19.68
CA ASN F 12 9.79 1.62 19.65
C ASN F 12 8.69 1.61 18.61
N SER F 13 8.55 0.48 17.93
CA SER F 13 7.50 0.26 16.93
C SER F 13 7.14 -1.18 17.26
N SER F 14 5.88 -1.47 17.51
CA SER F 14 5.55 -2.85 17.84
C SER F 14 4.19 -3.34 17.38
N SER F 15 4.12 -4.62 17.07
CA SER F 15 2.90 -5.26 16.64
C SER F 15 2.70 -6.51 17.49
N PHE F 16 2.62 -6.30 18.79
CA PHE F 16 2.45 -7.39 19.74
C PHE F 16 1.05 -7.50 20.33
N ILE F 17 0.65 -8.73 20.61
CA ILE F 17 -0.61 -8.97 21.27
C ILE F 17 -0.06 -9.18 22.67
N LEU F 18 -0.36 -8.26 23.57
CA LEU F 18 0.14 -8.36 24.94
C LEU F 18 -0.88 -8.98 25.87
N GLN F 19 -0.40 -9.78 26.80
CA GLN F 19 -1.30 -10.38 27.77
C GLN F 19 -0.68 -10.30 29.16
N GLY F 20 -1.52 -10.34 30.18
CA GLY F 20 -1.04 -10.29 31.54
C GLY F 20 -0.31 -9.00 31.85
N ASP F 21 0.84 -9.12 32.52
CA ASP F 21 1.63 -7.95 32.88
C ASP F 21 2.60 -7.48 31.80
N ALA F 22 2.59 -8.16 30.65
CA ALA F 22 3.49 -7.80 29.56
C ALA F 22 3.35 -6.32 29.20
N THR F 23 4.49 -5.64 29.05
CA THR F 23 4.45 -4.24 28.72
C THR F 23 5.65 -3.82 27.90
N VAL F 24 5.53 -2.69 27.21
CA VAL F 24 6.63 -2.15 26.41
C VAL F 24 7.02 -0.79 26.98
N SER F 25 8.31 -0.61 27.27
CA SER F 25 8.79 0.65 27.82
C SER F 25 10.28 0.74 27.56
N SER F 26 10.78 1.96 27.34
CA SER F 26 12.19 2.16 27.04
C SER F 26 12.51 1.33 25.80
N SER F 27 11.49 1.17 24.96
CA SER F 27 11.59 0.41 23.72
C SER F 27 12.06 -1.03 23.89
N LYS F 28 11.75 -1.64 25.04
CA LYS F 28 12.09 -3.03 25.27
C LYS F 28 10.83 -3.75 25.76
N LEU F 29 10.77 -5.06 25.56
CA LEU F 29 9.61 -5.83 25.97
C LEU F 29 9.83 -6.37 27.37
N ARG F 30 9.02 -5.93 28.33
CA ARG F 30 9.14 -6.39 29.71
C ARG F 30 7.98 -7.33 29.99
N LEU F 31 8.27 -8.62 30.05
CA LEU F 31 7.22 -9.62 30.25
C LEU F 31 6.60 -9.65 31.65
N THR F 32 7.40 -9.42 32.68
CA THR F 32 6.88 -9.43 34.06
C THR F 32 6.97 -8.05 34.73
N LYS F 33 5.95 -7.68 35.50
CA LYS F 33 5.88 -6.36 36.17
C LYS F 33 7.05 -5.98 37.07
N VAL F 34 7.49 -4.74 36.90
CA VAL F 34 8.60 -4.16 37.67
C VAL F 34 8.09 -2.90 38.36
N LYS F 35 8.36 -2.78 39.66
CA LYS F 35 7.92 -1.63 40.45
C LYS F 35 8.61 -0.34 40.00
N GLY F 36 8.23 0.78 40.61
CA GLY F 36 8.83 2.06 40.26
C GLY F 36 10.35 2.08 40.45
N ASN F 37 10.81 1.50 41.56
CA ASN F 37 12.23 1.45 41.87
C ASN F 37 13.01 0.49 40.96
N GLY F 38 12.29 -0.15 40.03
CA GLY F 38 12.94 -1.06 39.11
C GLY F 38 13.14 -2.48 39.60
N LEU F 39 12.41 -2.86 40.66
CA LEU F 39 12.55 -4.22 41.18
C LEU F 39 11.38 -5.10 40.76
N PRO F 40 11.66 -6.39 40.52
CA PRO F 40 10.68 -7.41 40.11
C PRO F 40 9.55 -7.61 41.11
N THR F 41 8.42 -8.08 40.61
CA THR F 41 7.23 -8.33 41.41
C THR F 41 6.97 -9.82 41.59
N LEU F 42 6.11 -10.19 42.54
CA LEU F 42 5.79 -11.60 42.75
C LEU F 42 4.50 -11.93 42.02
N SER F 43 4.30 -13.21 41.72
CA SER F 43 3.08 -13.65 41.03
C SER F 43 2.81 -12.94 39.71
N SER F 44 3.87 -12.59 38.99
CA SER F 44 3.69 -11.91 37.72
C SER F 44 3.61 -12.93 36.58
N LEU F 45 2.85 -12.59 35.55
CA LEU F 45 2.70 -13.45 34.39
C LEU F 45 2.45 -12.52 33.20
N GLY F 46 3.28 -12.66 32.18
CA GLY F 46 3.14 -11.83 31.00
C GLY F 46 3.46 -12.62 29.75
N ARG F 47 2.76 -12.32 28.68
CA ARG F 47 2.97 -13.00 27.42
C ARG F 47 2.89 -11.94 26.31
N ALA F 48 3.60 -12.17 25.22
CA ALA F 48 3.60 -11.26 24.09
C ALA F 48 3.77 -12.09 22.82
N PHE F 49 2.91 -11.87 21.84
CA PHE F 49 2.95 -12.60 20.59
C PHE F 49 2.94 -11.70 19.35
N TYR F 50 3.52 -12.17 18.26
CA TYR F 50 3.52 -11.42 17.02
C TYR F 50 2.02 -11.42 16.66
N SER F 51 1.48 -10.28 16.24
CA SER F 51 0.07 -10.16 15.94
C SER F 51 -0.46 -10.94 14.73
N SER F 52 0.43 -11.55 13.98
CA SER F 52 0.02 -12.27 12.80
C SER F 52 0.36 -13.75 12.97
N PRO F 53 -0.57 -14.65 12.60
CA PRO F 53 -0.35 -16.10 12.71
C PRO F 53 0.68 -16.61 11.74
N ILE F 54 1.47 -17.60 12.15
CA ILE F 54 2.46 -18.19 11.29
C ILE F 54 1.99 -19.59 10.93
N GLN F 55 2.09 -19.94 9.64
CA GLN F 55 1.69 -21.26 9.20
C GLN F 55 2.91 -22.18 9.34
N ILE F 56 2.81 -23.14 10.26
CA ILE F 56 3.88 -24.09 10.55
C ILE F 56 3.98 -25.24 9.56
N TYR F 57 2.84 -25.65 9.02
CA TYR F 57 2.79 -26.72 8.03
C TYR F 57 1.48 -26.63 7.26
N ASP F 58 1.38 -27.38 6.18
CA ASP F 58 0.18 -27.39 5.36
C ASP F 58 -0.40 -28.79 5.36
N LYS F 59 -1.56 -28.96 6.00
CA LYS F 59 -2.20 -30.26 6.10
C LYS F 59 -2.48 -30.92 4.76
N SER F 60 -2.94 -30.13 3.79
CA SER F 60 -3.27 -30.67 2.48
C SER F 60 -2.09 -31.03 1.56
N THR F 61 -0.93 -30.42 1.75
CA THR F 61 0.21 -30.73 0.90
C THR F 61 1.29 -31.51 1.62
N GLY F 62 1.11 -31.71 2.93
CA GLY F 62 2.11 -32.43 3.71
C GLY F 62 3.41 -31.66 3.95
N ALA F 63 3.46 -30.43 3.48
CA ALA F 63 4.63 -29.58 3.64
C ALA F 63 4.82 -29.11 5.08
N VAL F 64 6.06 -29.12 5.54
CA VAL F 64 6.38 -28.69 6.89
C VAL F 64 7.43 -27.59 6.79
N ALA F 65 7.16 -26.46 7.43
CA ALA F 65 8.05 -25.31 7.38
C ALA F 65 9.30 -25.46 8.25
N SER F 66 10.34 -24.75 7.84
CA SER F 66 11.59 -24.68 8.58
C SER F 66 11.62 -23.24 9.02
N TRP F 67 12.06 -22.98 10.25
CA TRP F 67 12.10 -21.63 10.74
C TRP F 67 13.23 -21.43 11.73
N ALA F 68 13.46 -20.18 12.07
CA ALA F 68 14.51 -19.79 12.98
C ALA F 68 14.11 -18.49 13.65
N THR F 69 14.48 -18.35 14.91
CA THR F 69 14.17 -17.13 15.60
C THR F 69 15.37 -16.79 16.48
N SER F 70 15.61 -15.51 16.67
CA SER F 70 16.69 -15.08 17.52
C SER F 70 16.22 -13.86 18.30
N PHE F 71 16.64 -13.77 19.54
CA PHE F 71 16.28 -12.65 20.36
C PHE F 71 17.31 -12.50 21.46
N THR F 72 17.36 -11.30 22.02
CA THR F 72 18.28 -11.01 23.10
C THR F 72 17.41 -10.76 24.33
N ALA F 73 17.67 -11.51 25.38
CA ALA F 73 16.91 -11.39 26.61
C ALA F 73 17.84 -10.99 27.74
N ASN F 74 17.28 -10.34 28.75
CA ASN F 74 18.05 -9.95 29.91
C ASN F 74 17.21 -10.31 31.13
N ILE F 75 17.77 -11.19 31.95
CA ILE F 75 17.11 -11.65 33.16
C ILE F 75 17.92 -11.20 34.37
N PHE F 76 17.31 -10.39 35.21
CA PHE F 76 17.97 -9.88 36.41
C PHE F 76 17.22 -10.26 37.68
N ALA F 77 17.86 -11.09 38.50
CA ALA F 77 17.29 -11.53 39.77
C ALA F 77 18.03 -10.78 40.88
N PRO F 78 17.31 -9.90 41.61
CA PRO F 78 17.93 -9.13 42.70
C PRO F 78 18.74 -10.06 43.60
N ASN F 79 18.18 -11.23 43.86
CA ASN F 79 18.85 -12.25 44.67
C ASN F 79 19.06 -13.45 43.76
N LYS F 80 20.26 -13.58 43.20
CA LYS F 80 20.57 -14.66 42.26
C LYS F 80 20.07 -16.04 42.68
N SER F 81 20.38 -16.45 43.91
CA SER F 81 19.96 -17.78 44.35
C SER F 81 18.46 -17.91 44.57
N SER F 82 17.75 -16.81 44.39
CA SER F 82 16.30 -16.80 44.58
C SER F 82 15.56 -16.61 43.24
N SER F 83 16.31 -16.67 42.13
CA SER F 83 15.75 -16.48 40.78
C SER F 83 14.59 -17.40 40.44
N ALA F 84 13.53 -16.81 39.89
CA ALA F 84 12.36 -17.58 39.48
C ALA F 84 11.47 -16.75 38.56
N ASP F 85 10.75 -17.36 37.62
CA ASP F 85 10.64 -18.77 37.24
C ASP F 85 11.27 -18.99 35.87
N GLY F 86 11.27 -17.96 35.03
CA GLY F 86 11.88 -18.12 33.72
C GLY F 86 11.09 -17.51 32.59
N ILE F 87 11.64 -17.62 31.39
CA ILE F 87 11.00 -17.10 30.19
C ILE F 87 10.99 -18.20 29.16
N ALA F 88 9.98 -18.21 28.30
CA ALA F 88 9.90 -19.23 27.28
C ALA F 88 9.49 -18.69 25.93
N PHE F 89 10.07 -19.24 24.88
CA PHE F 89 9.69 -18.86 23.54
C PHE F 89 8.65 -19.91 23.23
N ALA F 90 7.47 -19.49 22.77
CA ALA F 90 6.43 -20.48 22.52
C ALA F 90 5.63 -20.36 21.24
N LEU F 91 5.12 -21.51 20.80
CA LEU F 91 4.27 -21.61 19.63
C LEU F 91 2.95 -22.12 20.22
N VAL F 92 1.91 -21.28 20.18
CA VAL F 92 0.63 -21.64 20.77
C VAL F 92 -0.54 -21.44 19.80
N PRO F 93 -1.71 -22.01 20.14
CA PRO F 93 -2.92 -21.90 19.31
C PRO F 93 -3.24 -20.41 19.18
N VAL F 94 -3.65 -19.99 17.98
CA VAL F 94 -3.90 -18.58 17.74
C VAL F 94 -4.62 -17.74 18.80
N GLY F 95 -5.81 -18.12 19.24
CA GLY F 95 -6.46 -17.28 20.25
C GLY F 95 -6.09 -17.57 21.69
N SER F 96 -5.14 -18.49 21.88
CA SER F 96 -4.67 -18.92 23.19
C SER F 96 -4.63 -17.86 24.31
N GLU F 97 -5.11 -18.26 25.49
CA GLU F 97 -5.14 -17.41 26.68
C GLU F 97 -4.07 -17.95 27.64
N PRO F 98 -3.56 -17.11 28.55
CA PRO F 98 -2.53 -17.58 29.50
C PRO F 98 -2.93 -18.83 30.27
N LYS F 99 -1.93 -19.64 30.63
CA LYS F 99 -2.18 -20.86 31.39
C LYS F 99 -1.71 -20.68 32.83
N SER F 100 -1.33 -21.77 33.49
CA SER F 100 -0.90 -21.69 34.88
C SER F 100 0.34 -20.83 35.04
N ASN F 101 0.46 -20.21 36.21
CA ASN F 101 1.59 -19.33 36.47
C ASN F 101 2.78 -20.00 37.15
N SER F 102 3.70 -19.17 37.62
CA SER F 102 4.90 -19.63 38.30
C SER F 102 5.66 -20.71 37.53
N GLY F 103 5.83 -21.88 38.13
CA GLY F 103 6.57 -22.96 37.50
C GLY F 103 6.09 -23.41 36.14
N PHE F 104 4.85 -23.11 35.78
CA PHE F 104 4.34 -23.51 34.48
C PHE F 104 4.60 -22.48 33.38
N LEU F 105 5.28 -21.40 33.77
CA LEU F 105 5.65 -20.33 32.83
C LEU F 105 4.54 -19.73 31.99
N GLY F 106 3.29 -19.97 32.37
CA GLY F 106 2.16 -19.42 31.65
C GLY F 106 1.80 -20.09 30.34
N VAL F 107 2.42 -21.22 30.04
CA VAL F 107 2.15 -21.92 28.79
C VAL F 107 1.61 -23.34 28.94
N PHE F 108 1.78 -23.92 30.14
CA PHE F 108 1.30 -25.28 30.40
C PHE F 108 0.49 -25.36 31.69
N ASP F 109 -0.24 -26.47 31.85
CA ASP F 109 -1.05 -26.70 33.05
C ASP F 109 -0.58 -27.87 33.91
N SER F 110 0.12 -28.83 33.30
CA SER F 110 0.60 -29.99 34.05
C SER F 110 1.93 -30.51 33.55
N ASP F 111 2.46 -31.50 34.25
CA ASP F 111 3.72 -32.10 33.87
C ASP F 111 3.44 -33.44 33.20
N VAL F 112 2.18 -33.60 32.79
CA VAL F 112 1.73 -34.81 32.12
C VAL F 112 1.41 -34.48 30.66
N TYR F 113 2.03 -35.21 29.74
CA TYR F 113 1.80 -34.97 28.31
C TYR F 113 0.31 -34.83 27.99
N ASP F 114 -0.06 -33.69 27.41
CA ASP F 114 -1.45 -33.44 27.05
C ASP F 114 -1.49 -32.83 25.65
N ASN F 115 -1.67 -33.69 24.65
CA ASN F 115 -1.72 -33.27 23.26
C ASN F 115 -2.72 -32.15 23.00
N SER F 116 -3.77 -32.08 23.79
CA SER F 116 -4.79 -31.06 23.60
C SER F 116 -4.25 -29.66 23.85
N ALA F 117 -3.12 -29.56 24.56
CA ALA F 117 -2.52 -28.27 24.83
C ALA F 117 -2.02 -27.63 23.54
N GLN F 118 -1.68 -28.47 22.55
CA GLN F 118 -1.20 -27.97 21.26
C GLN F 118 -0.17 -26.86 21.42
N THR F 119 0.80 -27.06 22.31
CA THR F 119 1.81 -26.06 22.59
C THR F 119 3.22 -26.64 22.70
N VAL F 120 4.18 -25.96 22.08
CA VAL F 120 5.58 -26.34 22.13
C VAL F 120 6.33 -25.10 22.61
N ALA F 121 7.33 -25.29 23.46
CA ALA F 121 8.09 -24.15 23.94
C ALA F 121 9.52 -24.48 24.26
N VAL F 122 10.38 -23.48 24.15
CA VAL F 122 11.78 -23.66 24.52
C VAL F 122 11.87 -22.79 25.76
N GLU F 123 12.21 -23.41 26.88
CA GLU F 123 12.28 -22.69 28.14
C GLU F 123 13.67 -22.39 28.65
N PHE F 124 13.75 -21.31 29.41
CA PHE F 124 14.98 -20.87 30.03
C PHE F 124 14.51 -20.77 31.49
N ASP F 125 14.60 -21.92 32.14
CA ASP F 125 14.18 -22.19 33.51
C ASP F 125 15.20 -21.79 34.57
N THR F 126 14.87 -20.78 35.36
CA THR F 126 15.78 -20.30 36.39
C THR F 126 15.51 -20.87 37.78
N PHE F 127 14.38 -21.57 37.93
CA PHE F 127 14.02 -22.15 39.23
C PHE F 127 13.69 -23.63 39.10
N SER F 128 14.36 -24.43 39.91
CA SER F 128 14.18 -25.87 39.87
C SER F 128 12.97 -26.42 40.62
N ASN F 129 11.96 -26.84 39.86
CA ASN F 129 10.74 -27.43 40.40
C ASN F 129 10.97 -28.93 40.59
N THR F 130 11.55 -29.30 41.71
CA THR F 130 11.86 -30.67 42.06
C THR F 130 10.92 -31.76 41.50
N ASP F 131 9.64 -31.44 41.36
CA ASP F 131 8.69 -32.43 40.83
C ASP F 131 8.91 -32.90 39.38
N TRP F 132 9.65 -32.12 38.59
CA TRP F 132 9.91 -32.47 37.20
C TRP F 132 11.22 -31.87 36.66
N ASP F 133 11.75 -30.85 37.31
CA ASP F 133 12.96 -30.22 36.82
C ASP F 133 14.28 -30.87 37.20
N PRO F 134 15.34 -30.50 36.47
CA PRO F 134 16.68 -31.01 36.74
C PRO F 134 17.14 -30.18 37.92
N THR F 135 18.29 -30.52 38.48
CA THR F 135 18.83 -29.82 39.64
C THR F 135 19.18 -28.36 39.45
N SER F 136 19.77 -28.01 38.31
CA SER F 136 20.18 -26.63 38.09
C SER F 136 19.33 -25.89 37.06
N ARG F 137 19.65 -24.61 36.87
CA ARG F 137 18.96 -23.79 35.90
C ARG F 137 19.23 -24.48 34.56
N HIS F 138 18.28 -24.44 33.65
CA HIS F 138 18.46 -25.16 32.40
C HIS F 138 17.67 -24.60 31.23
N ILE F 139 18.05 -25.08 30.05
CA ILE F 139 17.36 -24.74 28.81
C ILE F 139 16.62 -26.02 28.53
N GLY F 140 15.37 -25.95 28.11
CA GLY F 140 14.64 -27.17 27.85
C GLY F 140 13.66 -27.08 26.72
N ILE F 141 13.36 -28.22 26.11
CA ILE F 141 12.41 -28.28 25.02
C ILE F 141 11.14 -28.92 25.58
N ASP F 142 10.07 -28.14 25.60
CA ASP F 142 8.79 -28.58 26.14
C ASP F 142 7.77 -28.88 25.04
N VAL F 143 7.26 -30.11 25.04
CA VAL F 143 6.27 -30.52 24.05
C VAL F 143 5.00 -30.94 24.77
N ASN F 144 4.03 -30.02 24.82
CA ASN F 144 2.74 -30.25 25.45
C ASN F 144 2.83 -30.72 26.90
N SER F 145 3.80 -30.17 27.63
CA SER F 145 4.03 -30.50 29.03
C SER F 145 5.15 -29.64 29.58
N ILE F 146 5.10 -29.33 30.87
CA ILE F 146 6.15 -28.51 31.48
C ILE F 146 7.39 -29.36 31.78
N LYS F 147 7.26 -30.68 31.62
CA LYS F 147 8.38 -31.58 31.84
C LYS F 147 9.13 -31.77 30.52
N SER F 148 10.21 -31.02 30.34
CA SER F 148 10.99 -31.07 29.11
C SER F 148 11.32 -32.49 28.70
N ILE F 149 11.36 -32.72 27.39
CA ILE F 149 11.72 -34.01 26.84
C ILE F 149 13.25 -34.08 26.70
N ARG F 150 13.91 -32.95 26.97
CA ARG F 150 15.36 -32.84 26.89
C ARG F 150 15.80 -31.51 27.46
N THR F 151 16.85 -31.52 28.29
CA THR F 151 17.33 -30.29 28.89
C THR F 151 18.83 -30.22 28.83
N ALA F 152 19.39 -29.06 29.16
CA ALA F 152 20.82 -28.85 29.18
C ALA F 152 21.10 -27.80 30.24
N SER F 153 22.18 -27.98 30.98
CA SER F 153 22.55 -27.04 32.03
C SER F 153 22.87 -25.68 31.48
N TRP F 154 22.43 -24.66 32.21
CA TRP F 154 22.65 -23.29 31.80
C TRP F 154 23.19 -22.48 32.96
N GLY F 155 24.30 -21.78 32.72
CA GLY F 155 24.90 -20.94 33.73
C GLY F 155 24.42 -19.52 33.54
N LEU F 156 23.44 -19.12 34.34
CA LEU F 156 22.86 -17.78 34.27
C LEU F 156 23.82 -16.65 34.61
N ALA F 157 24.06 -15.77 33.65
CA ALA F 157 24.91 -14.60 33.90
C ALA F 157 23.90 -13.52 34.30
N ASN F 158 23.62 -13.45 35.60
CA ASN F 158 22.64 -12.51 36.15
C ASN F 158 22.76 -11.08 35.66
N GLY F 159 21.68 -10.56 35.11
CA GLY F 159 21.67 -9.19 34.63
C GLY F 159 22.45 -8.95 33.36
N GLN F 160 22.95 -10.02 32.74
CA GLN F 160 23.73 -9.93 31.52
C GLN F 160 22.91 -10.40 30.32
N ASN F 161 23.09 -9.74 29.18
CA ASN F 161 22.36 -10.12 27.97
C ASN F 161 22.58 -11.58 27.58
N ALA F 162 21.52 -12.21 27.12
CA ALA F 162 21.56 -13.60 26.67
C ALA F 162 21.12 -13.57 25.21
N GLU F 163 21.98 -14.02 24.31
CA GLU F 163 21.65 -14.05 22.88
C GLU F 163 21.21 -15.46 22.53
N ILE F 164 19.93 -15.60 22.23
CA ILE F 164 19.34 -16.89 21.93
C ILE F 164 19.01 -17.15 20.46
N LEU F 165 19.26 -18.37 20.02
CA LEU F 165 18.99 -18.79 18.66
C LEU F 165 18.25 -20.11 18.70
N ILE F 166 17.07 -20.15 18.09
CA ILE F 166 16.27 -21.36 18.03
C ILE F 166 15.95 -21.67 16.56
N THR F 167 16.21 -22.89 16.14
CA THR F 167 15.94 -23.29 14.76
C THR F 167 15.21 -24.61 14.68
N TYR F 168 14.40 -24.76 13.64
CA TYR F 168 13.69 -25.99 13.38
C TYR F 168 13.96 -26.40 11.93
N ASN F 169 14.51 -27.60 11.75
CA ASN F 169 14.84 -28.10 10.41
C ASN F 169 13.82 -29.17 10.04
N ALA F 170 12.88 -28.83 9.17
CA ALA F 170 11.84 -29.76 8.77
C ALA F 170 12.42 -31.06 8.17
N ALA F 171 13.56 -30.97 7.50
CA ALA F 171 14.17 -32.14 6.89
C ALA F 171 14.55 -33.21 7.91
N THR F 172 15.08 -32.78 9.05
CA THR F 172 15.49 -33.70 10.09
C THR F 172 14.55 -33.71 11.29
N SER F 173 13.56 -32.82 11.29
CA SER F 173 12.61 -32.73 12.40
C SER F 173 13.35 -32.38 13.69
N LEU F 174 14.51 -31.76 13.56
CA LEU F 174 15.30 -31.41 14.73
C LEU F 174 15.11 -29.97 15.19
N LEU F 175 14.90 -29.79 16.47
CA LEU F 175 14.75 -28.46 17.05
C LEU F 175 16.02 -28.22 17.88
N VAL F 176 16.74 -27.15 17.57
CA VAL F 176 17.97 -26.82 18.26
C VAL F 176 17.85 -25.43 18.89
N ALA F 177 18.33 -25.30 20.11
CA ALA F 177 18.27 -24.02 20.81
C ALA F 177 19.60 -23.77 21.49
N SER F 178 20.15 -22.59 21.27
CA SER F 178 21.43 -22.27 21.88
C SER F 178 21.32 -20.93 22.59
N LEU F 179 22.15 -20.75 23.60
CA LEU F 179 22.14 -19.51 24.34
C LEU F 179 23.59 -19.10 24.55
N VAL F 180 23.87 -17.83 24.33
CA VAL F 180 25.20 -17.30 24.50
C VAL F 180 25.17 -16.06 25.37
N HIS F 181 26.10 -15.99 26.34
CA HIS F 181 26.23 -14.84 27.23
C HIS F 181 27.57 -14.26 26.81
N PRO F 182 27.55 -13.31 25.86
CA PRO F 182 28.81 -12.71 25.39
C PRO F 182 29.71 -12.06 26.44
N SER F 183 29.13 -11.34 27.39
CA SER F 183 29.96 -10.68 28.40
C SER F 183 30.78 -11.72 29.16
N ARG F 184 30.26 -12.92 29.30
CA ARG F 184 30.99 -13.97 30.00
C ARG F 184 31.63 -14.94 28.99
N ARG F 185 31.28 -14.82 27.71
CA ARG F 185 31.80 -15.67 26.63
C ARG F 185 31.38 -17.14 26.75
N THR F 186 30.23 -17.39 27.38
CA THR F 186 29.73 -18.75 27.57
C THR F 186 28.64 -19.10 26.56
N SER F 187 28.41 -20.39 26.36
CA SER F 187 27.41 -20.81 25.41
C SER F 187 26.86 -22.19 25.76
N TYR F 188 25.57 -22.40 25.47
CA TYR F 188 24.90 -23.65 25.78
C TYR F 188 23.97 -24.06 24.63
N ILE F 189 23.57 -25.33 24.60
CA ILE F 189 22.75 -25.78 23.51
C ILE F 189 21.99 -27.09 23.79
N VAL F 190 20.74 -27.18 23.32
CA VAL F 190 19.91 -28.37 23.48
C VAL F 190 19.38 -28.69 22.11
N SER F 191 19.19 -29.98 21.86
CA SER F 191 18.65 -30.43 20.61
C SER F 191 17.83 -31.70 20.83
N GLU F 192 16.72 -31.80 20.13
CA GLU F 192 15.85 -32.96 20.19
C GLU F 192 14.89 -32.92 19.01
N ARG F 193 14.48 -34.08 18.56
CA ARG F 193 13.57 -34.15 17.43
C ARG F 193 12.16 -33.89 17.96
N VAL F 194 11.34 -33.24 17.15
CA VAL F 194 9.96 -32.93 17.49
C VAL F 194 9.10 -33.12 16.26
N ASP F 195 8.09 -33.98 16.37
CA ASP F 195 7.19 -34.23 15.26
C ASP F 195 6.16 -33.10 15.30
N ILE F 196 6.56 -31.96 14.75
CA ILE F 196 5.74 -30.76 14.76
C ILE F 196 4.29 -30.87 14.30
N THR F 197 4.05 -31.52 13.16
CA THR F 197 2.70 -31.65 12.64
C THR F 197 1.75 -32.38 13.59
N ASN F 198 2.34 -33.09 14.55
CA ASN F 198 1.55 -33.86 15.49
C ASN F 198 1.34 -33.20 16.84
N GLU F 199 2.17 -32.20 17.17
CA GLU F 199 2.07 -31.51 18.45
C GLU F 199 1.41 -30.12 18.38
N LEU F 200 1.29 -29.56 17.18
CA LEU F 200 0.72 -28.22 17.04
C LEU F 200 -0.28 -28.08 15.93
N PRO F 201 -1.06 -26.98 15.96
CA PRO F 201 -2.05 -26.76 14.91
C PRO F 201 -1.33 -26.21 13.68
N GLU F 202 -2.05 -26.15 12.56
CA GLU F 202 -1.50 -25.67 11.30
C GLU F 202 -1.00 -24.23 11.44
N TYR F 203 -1.77 -23.41 12.14
CA TYR F 203 -1.39 -22.02 12.37
C TYR F 203 -1.17 -21.79 13.85
N VAL F 204 -0.12 -21.04 14.18
CA VAL F 204 0.17 -20.74 15.57
C VAL F 204 0.59 -19.28 15.76
N SER F 205 0.62 -18.86 17.01
CA SER F 205 1.06 -17.53 17.35
C SER F 205 2.41 -17.80 18.02
N ILE F 206 3.43 -17.05 17.62
CA ILE F 206 4.74 -17.22 18.21
C ILE F 206 4.99 -16.03 19.14
N GLY F 207 5.72 -16.27 20.22
CA GLY F 207 5.99 -15.23 21.15
C GLY F 207 6.68 -15.69 22.40
N PHE F 208 6.53 -14.88 23.45
CA PHE F 208 7.18 -15.16 24.74
C PHE F 208 6.19 -15.21 25.89
N SER F 209 6.59 -15.94 26.94
CA SER F 209 5.79 -16.08 28.14
C SER F 209 6.78 -16.15 29.31
N ALA F 210 6.49 -15.44 30.39
CA ALA F 210 7.38 -15.43 31.54
C ALA F 210 6.58 -15.26 32.83
N THR F 211 7.13 -15.77 33.93
CA THR F 211 6.48 -15.69 35.23
C THR F 211 7.52 -15.52 36.33
N THR F 212 7.10 -14.96 37.47
CA THR F 212 8.01 -14.82 38.62
C THR F 212 7.45 -15.76 39.69
N GLY F 213 8.17 -15.91 40.79
CA GLY F 213 7.74 -16.81 41.85
C GLY F 213 6.66 -16.30 42.80
N LEU F 214 5.98 -17.27 43.44
CA LEU F 214 4.91 -16.98 44.39
C LEU F 214 5.42 -16.80 45.83
N SER F 215 6.68 -17.14 46.08
CA SER F 215 7.22 -17.02 47.43
C SER F 215 7.73 -15.61 47.70
N GLU F 216 8.53 -15.46 48.76
CA GLU F 216 9.03 -14.16 49.15
C GLU F 216 9.87 -13.45 48.10
N GLY F 217 11.14 -13.81 48.00
CA GLY F 217 12.03 -13.16 47.04
C GLY F 217 12.27 -13.87 45.72
N TYR F 218 11.42 -14.85 45.40
CA TYR F 218 11.55 -15.59 44.17
C TYR F 218 10.99 -14.85 42.96
N THR F 219 11.80 -13.95 42.44
CA THR F 219 11.41 -13.14 41.30
C THR F 219 12.64 -12.65 40.56
N GLU F 220 12.41 -12.09 39.37
CA GLU F 220 13.49 -11.57 38.53
C GLU F 220 12.81 -10.88 37.36
N THR F 221 13.55 -10.08 36.62
CA THR F 221 12.99 -9.42 35.45
C THR F 221 13.09 -10.37 34.26
N HIS F 222 12.29 -10.14 33.24
CA HIS F 222 12.30 -10.95 32.03
C HIS F 222 12.13 -10.00 30.85
N ASP F 223 13.24 -9.38 30.42
CA ASP F 223 13.18 -8.44 29.32
C ASP F 223 13.75 -8.95 28.00
N VAL F 224 13.06 -8.60 26.91
CA VAL F 224 13.50 -8.98 25.58
C VAL F 224 13.90 -7.67 24.89
N LEU F 225 15.12 -7.62 24.36
CA LEU F 225 15.62 -6.41 23.73
C LEU F 225 15.49 -6.35 22.21
N SER F 226 15.49 -7.50 21.55
CA SER F 226 15.37 -7.53 20.11
C SER F 226 14.81 -8.90 19.72
N TRP F 227 14.24 -8.98 18.53
CA TRP F 227 13.64 -10.23 18.09
C TRP F 227 13.50 -10.35 16.59
N SER F 228 13.98 -11.47 16.04
CA SER F 228 13.90 -11.75 14.62
C SER F 228 13.27 -13.12 14.41
N PHE F 229 12.62 -13.30 13.26
CA PHE F 229 11.99 -14.55 12.94
C PHE F 229 11.88 -14.73 11.42
N ALA F 230 12.11 -15.94 10.96
CA ALA F 230 12.01 -16.23 9.54
C ALA F 230 11.44 -17.64 9.39
N SER F 231 10.55 -17.79 8.43
CA SER F 231 9.88 -19.06 8.20
C SER F 231 9.85 -19.36 6.71
N LYS F 232 9.91 -20.63 6.36
CA LYS F 232 9.89 -21.03 4.97
C LYS F 232 9.03 -22.28 4.79
N LEU F 233 7.91 -22.13 4.08
CA LEU F 233 7.00 -23.25 3.86
C LEU F 233 7.04 -23.66 2.39
N PRO F 234 7.56 -24.87 2.10
CA PRO F 234 7.68 -25.42 0.74
C PRO F 234 6.33 -25.61 0.02
N LEU F 242 16.48 -23.77 5.47
CA LEU F 242 16.73 -22.35 5.67
C LEU F 242 18.24 -22.12 5.86
N ASP F 243 18.77 -21.04 5.30
CA ASP F 243 20.19 -20.75 5.42
C ASP F 243 20.47 -19.81 6.60
N ILE F 244 20.76 -20.40 7.75
CA ILE F 244 21.05 -19.64 8.96
C ILE F 244 22.07 -18.53 8.70
N ALA F 245 23.11 -18.84 7.92
CA ALA F 245 24.15 -17.88 7.58
C ALA F 245 23.58 -16.51 7.19
N SER F 246 22.85 -16.44 6.07
CA SER F 246 22.28 -15.17 5.63
C SER F 246 21.29 -14.59 6.65
N TYR F 247 20.53 -15.46 7.32
CA TYR F 247 19.56 -15.02 8.32
C TYR F 247 20.24 -14.29 9.49
N LEU F 248 21.37 -14.81 9.94
CA LEU F 248 22.12 -14.21 11.05
C LEU F 248 22.88 -12.96 10.62
N VAL F 249 23.59 -13.04 9.50
CA VAL F 249 24.37 -11.91 9.03
C VAL F 249 23.50 -10.70 8.71
N ARG F 250 22.21 -10.92 8.47
CA ARG F 250 21.31 -9.83 8.15
C ARG F 250 20.43 -9.37 9.30
N ASN F 251 20.03 -10.28 10.17
CA ASN F 251 19.15 -9.92 11.29
C ASN F 251 19.65 -10.22 12.71
N VAL F 252 20.96 -10.33 12.92
CA VAL F 252 21.45 -10.60 14.27
C VAL F 252 22.90 -10.23 14.54
N LEU F 253 23.79 -10.50 13.58
CA LEU F 253 25.21 -10.18 13.73
C LEU F 253 25.46 -8.72 13.38
#